data_7WIB
# 
_entry.id   7WIB 
# 
_audit_conform.dict_name       mmcif_pdbx.dic 
_audit_conform.dict_version    5.392 
_audit_conform.dict_location   http://mmcif.pdb.org/dictionaries/ascii/mmcif_pdbx.dic 
# 
loop_
_database_2.database_id 
_database_2.database_code 
_database_2.pdbx_database_accession 
_database_2.pdbx_DOI 
PDB   7WIB         pdb_00007wib 10.2210/pdb7wib/pdb 
WWPDB D_1300026762 ?            ?                   
# 
loop_
_pdbx_audit_revision_history.ordinal 
_pdbx_audit_revision_history.data_content_type 
_pdbx_audit_revision_history.major_revision 
_pdbx_audit_revision_history.minor_revision 
_pdbx_audit_revision_history.revision_date 
1 'Structure model' 1 0 2023-01-18 
2 'Structure model' 1 1 2023-02-08 
3 'Structure model' 1 2 2024-05-29 
# 
_pdbx_audit_revision_details.ordinal             1 
_pdbx_audit_revision_details.revision_ordinal    1 
_pdbx_audit_revision_details.data_content_type   'Structure model' 
_pdbx_audit_revision_details.provider            repository 
_pdbx_audit_revision_details.type                'Initial release' 
_pdbx_audit_revision_details.description         ? 
_pdbx_audit_revision_details.details             ? 
# 
loop_
_pdbx_audit_revision_group.ordinal 
_pdbx_audit_revision_group.revision_ordinal 
_pdbx_audit_revision_group.data_content_type 
_pdbx_audit_revision_group.group 
1 2 'Structure model' 'Database references' 
2 3 'Structure model' 'Data collection'     
# 
loop_
_pdbx_audit_revision_category.ordinal 
_pdbx_audit_revision_category.revision_ordinal 
_pdbx_audit_revision_category.data_content_type 
_pdbx_audit_revision_category.category 
1 2 'Structure model' citation        
2 2 'Structure model' citation_author 
3 3 'Structure model' chem_comp_atom  
4 3 'Structure model' chem_comp_bond  
# 
loop_
_pdbx_audit_revision_item.ordinal 
_pdbx_audit_revision_item.revision_ordinal 
_pdbx_audit_revision_item.data_content_type 
_pdbx_audit_revision_item.item 
1 2 'Structure model' '_citation.journal_volume'          
2 2 'Structure model' '_citation.page_first'              
3 2 'Structure model' '_citation.page_last'               
4 2 'Structure model' '_citation_author.identifier_ORCID' 
# 
_pdbx_database_status.status_code                     REL 
_pdbx_database_status.status_code_sf                  REL 
_pdbx_database_status.status_code_mr                  ? 
_pdbx_database_status.entry_id                        7WIB 
_pdbx_database_status.recvd_initial_deposition_date   2022-01-03 
_pdbx_database_status.SG_entry                        N 
_pdbx_database_status.deposit_site                    PDBJ 
_pdbx_database_status.process_site                    PDBJ 
_pdbx_database_status.status_code_cs                  ? 
_pdbx_database_status.status_code_nmr_data            ? 
_pdbx_database_status.methods_development_category    ? 
_pdbx_database_status.pdb_format_compatible           Y 
# 
_pdbx_contact_author.id                 2 
_pdbx_contact_author.email              fangxy@mail.tsinghua.edu.cn 
_pdbx_contact_author.name_first         Xianyang 
_pdbx_contact_author.name_last          Fang 
_pdbx_contact_author.name_mi            ? 
_pdbx_contact_author.role               'principal investigator/group leader' 
_pdbx_contact_author.identifier_ORCID   0000-0001-9432-9736 
# 
loop_
_audit_author.name 
_audit_author.pdbx_ordinal 
_audit_author.identifier_ORCID 
'Xu, L.'   1 0000-0003-1584-2772 
'Fang, X.' 2 0000-0001-9432-9736 
'Xiao, Y.' 3 0000-0003-2518-9594 
# 
_citation.abstract                  ? 
_citation.abstract_id_CAS           ? 
_citation.book_id_ISBN              ? 
_citation.book_publisher            ? 
_citation.book_publisher_city       ? 
_citation.book_title                ? 
_citation.coordinate_linkage        ? 
_citation.country                   UK 
_citation.database_id_Medline       ? 
_citation.details                   ? 
_citation.id                        primary 
_citation.journal_abbrev            'Nucleic Acids Res.' 
_citation.journal_id_ASTM           NARHAD 
_citation.journal_id_CSD            0389 
_citation.journal_id_ISSN           1362-4962 
_citation.journal_full              ? 
_citation.journal_issue             ? 
_citation.journal_volume            51 
_citation.language                  ? 
_citation.page_first                952 
_citation.page_last                 965 
_citation.title                     'Structural insights into translation regulation by the THF-II riboswitch.' 
_citation.year                      2023 
_citation.database_id_CSD           ? 
_citation.pdbx_database_id_DOI      10.1093/nar/gkac1257 
_citation.pdbx_database_id_PubMed   36620887 
_citation.pdbx_database_id_patent   ? 
_citation.unpublished_flag          ? 
# 
loop_
_citation_author.citation_id 
_citation_author.name 
_citation_author.ordinal 
_citation_author.identifier_ORCID 
primary 'Xu, L.'    1 ? 
primary 'Xiao, Y.'  2 ? 
primary 'Zhang, J.' 3 ? 
primary 'Fang, X.'  4 ? 
# 
loop_
_entity.id 
_entity.type 
_entity.src_method 
_entity.pdbx_description 
_entity.formula_weight 
_entity.pdbx_number_of_molecules 
_entity.pdbx_ec 
_entity.pdbx_mutation 
_entity.pdbx_fragment 
_entity.details 
1 polymer     man 'RNA (50-MER)'                  16287.591 1 ? ? ? ? 
2 non-polymer syn '(6S)-5,6,7,8-TETRAHYDROFOLATE' 445.429   1 ? ? ? ? 
# 
_entity_poly.entity_id                      1 
_entity_poly.type                           polyribonucleotide 
_entity_poly.nstd_linkage                   no 
_entity_poly.nstd_monomer                   yes 
_entity_poly.pdbx_seq_one_letter_code       '(GTP)GCGUGGUCCGUUCAACUCGUUCCUCGAAAGAGGAACUACGGGAGACGCC' 
_entity_poly.pdbx_seq_one_letter_code_can   GGCGUGGUCCGUUCAACUCGUUCCUCGAAAGAGGAACUACGGGAGACGCC 
_entity_poly.pdbx_strand_id                 V 
_entity_poly.pdbx_target_identifier         ? 
# 
_pdbx_entity_nonpoly.entity_id   2 
_pdbx_entity_nonpoly.name        '(6S)-5,6,7,8-TETRAHYDROFOLATE' 
_pdbx_entity_nonpoly.comp_id     THG 
# 
loop_
_entity_poly_seq.entity_id 
_entity_poly_seq.num 
_entity_poly_seq.mon_id 
_entity_poly_seq.hetero 
1 1  GTP n 
1 2  G   n 
1 3  C   n 
1 4  G   n 
1 5  U   n 
1 6  G   n 
1 7  G   n 
1 8  U   n 
1 9  C   n 
1 10 C   n 
1 11 G   n 
1 12 U   n 
1 13 U   n 
1 14 C   n 
1 15 A   n 
1 16 A   n 
1 17 C   n 
1 18 U   n 
1 19 C   n 
1 20 G   n 
1 21 U   n 
1 22 U   n 
1 23 C   n 
1 24 C   n 
1 25 U   n 
1 26 C   n 
1 27 G   n 
1 28 A   n 
1 29 A   n 
1 30 A   n 
1 31 G   n 
1 32 A   n 
1 33 G   n 
1 34 G   n 
1 35 A   n 
1 36 A   n 
1 37 C   n 
1 38 U   n 
1 39 A   n 
1 40 C   n 
1 41 G   n 
1 42 G   n 
1 43 G   n 
1 44 A   n 
1 45 G   n 
1 46 A   n 
1 47 C   n 
1 48 G   n 
1 49 C   n 
1 50 C   n 
# 
_entity_src_gen.entity_id                          1 
_entity_src_gen.pdbx_src_id                        1 
_entity_src_gen.pdbx_alt_source_flag               sample 
_entity_src_gen.pdbx_seq_type                      'Biological sequence' 
_entity_src_gen.pdbx_beg_seq_num                   1 
_entity_src_gen.pdbx_end_seq_num                   50 
_entity_src_gen.gene_src_common_name               ? 
_entity_src_gen.gene_src_genus                     ? 
_entity_src_gen.pdbx_gene_src_gene                 ? 
_entity_src_gen.gene_src_species                   ? 
_entity_src_gen.gene_src_strain                    ? 
_entity_src_gen.gene_src_tissue                    ? 
_entity_src_gen.gene_src_tissue_fraction           ? 
_entity_src_gen.gene_src_details                   ? 
_entity_src_gen.pdbx_gene_src_fragment             ? 
_entity_src_gen.pdbx_gene_src_scientific_name      'Mesorhizobium loti' 
_entity_src_gen.pdbx_gene_src_ncbi_taxonomy_id     381 
_entity_src_gen.pdbx_gene_src_variant              ? 
_entity_src_gen.pdbx_gene_src_cell_line            ? 
_entity_src_gen.pdbx_gene_src_atcc                 ? 
_entity_src_gen.pdbx_gene_src_organ                ? 
_entity_src_gen.pdbx_gene_src_organelle            ? 
_entity_src_gen.pdbx_gene_src_cell                 ? 
_entity_src_gen.pdbx_gene_src_cellular_location    ? 
_entity_src_gen.host_org_common_name               ? 
_entity_src_gen.pdbx_host_org_scientific_name      'in vitro transcription vector pT7-TP(deltai)' 
_entity_src_gen.pdbx_host_org_ncbi_taxonomy_id     905931 
_entity_src_gen.host_org_genus                     ? 
_entity_src_gen.pdbx_host_org_gene                 ? 
_entity_src_gen.pdbx_host_org_organ                ? 
_entity_src_gen.host_org_species                   ? 
_entity_src_gen.pdbx_host_org_tissue               ? 
_entity_src_gen.pdbx_host_org_tissue_fraction      ? 
_entity_src_gen.pdbx_host_org_strain               ? 
_entity_src_gen.pdbx_host_org_variant              ? 
_entity_src_gen.pdbx_host_org_cell_line            ? 
_entity_src_gen.pdbx_host_org_atcc                 ? 
_entity_src_gen.pdbx_host_org_culture_collection   ? 
_entity_src_gen.pdbx_host_org_cell                 ? 
_entity_src_gen.pdbx_host_org_organelle            ? 
_entity_src_gen.pdbx_host_org_cellular_location    ? 
_entity_src_gen.pdbx_host_org_vector_type          ? 
_entity_src_gen.pdbx_host_org_vector               ? 
_entity_src_gen.host_org_details                   ? 
_entity_src_gen.expression_system_id               ? 
_entity_src_gen.plasmid_name                       ? 
_entity_src_gen.plasmid_details                    ? 
_entity_src_gen.pdbx_description                   ? 
# 
loop_
_chem_comp.id 
_chem_comp.type 
_chem_comp.mon_nstd_flag 
_chem_comp.name 
_chem_comp.pdbx_synonyms 
_chem_comp.formula 
_chem_comp.formula_weight 
A   'RNA linking' y "ADENOSINE-5'-MONOPHOSPHATE"    ? 'C10 H14 N5 O7 P'   347.221 
C   'RNA linking' y "CYTIDINE-5'-MONOPHOSPHATE"     ? 'C9 H14 N3 O8 P'    323.197 
G   'RNA linking' y "GUANOSINE-5'-MONOPHOSPHATE"    ? 'C10 H14 N5 O8 P'   363.221 
GTP non-polymer   n "GUANOSINE-5'-TRIPHOSPHATE"     ? 'C10 H16 N5 O14 P3' 523.180 
THG non-polymer   . '(6S)-5,6,7,8-TETRAHYDROFOLATE' ? 'C19 H23 N7 O6'     445.429 
U   'RNA linking' y "URIDINE-5'-MONOPHOSPHATE"      ? 'C9 H13 N2 O9 P'    324.181 
# 
loop_
_pdbx_poly_seq_scheme.asym_id 
_pdbx_poly_seq_scheme.entity_id 
_pdbx_poly_seq_scheme.seq_id 
_pdbx_poly_seq_scheme.mon_id 
_pdbx_poly_seq_scheme.ndb_seq_num 
_pdbx_poly_seq_scheme.pdb_seq_num 
_pdbx_poly_seq_scheme.auth_seq_num 
_pdbx_poly_seq_scheme.pdb_mon_id 
_pdbx_poly_seq_scheme.auth_mon_id 
_pdbx_poly_seq_scheme.pdb_strand_id 
_pdbx_poly_seq_scheme.pdb_ins_code 
_pdbx_poly_seq_scheme.hetero 
A 1 1  GTP 1  6  6  GTP GTP V . n 
A 1 2  G   2  7  7  G   G   V . n 
A 1 3  C   3  8  8  C   C   V . n 
A 1 4  G   4  9  9  G   G   V . n 
A 1 5  U   5  10 10 U   U   V . n 
A 1 6  G   6  11 11 G   G   V . n 
A 1 7  G   7  12 12 G   G   V . n 
A 1 8  U   8  13 13 U   U   V . n 
A 1 9  C   9  14 14 C   C   V . n 
A 1 10 C   10 15 15 C   C   V . n 
A 1 11 G   11 16 16 G   G   V . n 
A 1 12 U   12 17 17 U   U   V . n 
A 1 13 U   13 18 18 U   U   V . n 
A 1 14 C   14 19 19 C   C   V . n 
A 1 15 A   15 20 20 A   A   V . n 
A 1 16 A   16 21 21 A   A   V . n 
A 1 17 C   17 22 22 C   C   V . n 
A 1 18 U   18 23 23 U   U   V . n 
A 1 19 C   19 24 24 C   C   V . n 
A 1 20 G   20 25 25 G   G   V . n 
A 1 21 U   21 26 26 U   U   V . n 
A 1 22 U   22 27 27 U   U   V . n 
A 1 23 C   23 28 28 C   C   V . n 
A 1 24 C   24 29 29 C   C   V . n 
A 1 25 U   25 30 30 U   U   V . n 
A 1 26 C   26 31 31 C   C   V . n 
A 1 27 G   27 32 32 G   G   V . n 
A 1 28 A   28 33 33 A   A   V . n 
A 1 29 A   29 34 34 A   A   V . n 
A 1 30 A   30 35 35 A   A   V . n 
A 1 31 G   31 37 37 G   G   V . n 
A 1 32 A   32 38 38 A   A   V . n 
A 1 33 G   33 39 39 G   G   V . n 
A 1 34 G   34 40 40 G   G   V . n 
A 1 35 A   35 41 41 A   A   V . n 
A 1 36 A   36 42 42 A   A   V . n 
A 1 37 C   37 43 43 C   C   V . n 
A 1 38 U   38 44 44 U   U   V . n 
A 1 39 A   39 45 45 A   A   V . n 
A 1 40 C   40 46 46 C   C   V . n 
A 1 41 G   41 47 47 G   G   V . n 
A 1 42 G   42 48 48 G   G   V . n 
A 1 43 G   43 49 49 G   G   V . n 
A 1 44 A   44 50 50 A   A   V . n 
A 1 45 G   45 51 51 G   G   V . n 
A 1 46 A   46 52 52 A   A   V . n 
A 1 47 C   47 53 53 C   C   V . n 
A 1 48 G   48 54 54 G   G   V . n 
A 1 49 C   49 55 55 C   C   V . n 
A 1 50 C   50 56 56 C   C   V . n 
# 
_pdbx_nonpoly_scheme.asym_id         B 
_pdbx_nonpoly_scheme.entity_id       2 
_pdbx_nonpoly_scheme.mon_id          THG 
_pdbx_nonpoly_scheme.ndb_seq_num     1 
_pdbx_nonpoly_scheme.pdb_seq_num     101 
_pdbx_nonpoly_scheme.auth_seq_num    101 
_pdbx_nonpoly_scheme.pdb_mon_id      THG 
_pdbx_nonpoly_scheme.auth_mon_id     THG 
_pdbx_nonpoly_scheme.pdb_strand_id   V 
_pdbx_nonpoly_scheme.pdb_ins_code    . 
# 
loop_
_pdbx_unobs_or_zero_occ_atoms.id 
_pdbx_unobs_or_zero_occ_atoms.PDB_model_num 
_pdbx_unobs_or_zero_occ_atoms.polymer_flag 
_pdbx_unobs_or_zero_occ_atoms.occupancy_flag 
_pdbx_unobs_or_zero_occ_atoms.auth_asym_id 
_pdbx_unobs_or_zero_occ_atoms.auth_comp_id 
_pdbx_unobs_or_zero_occ_atoms.auth_seq_id 
_pdbx_unobs_or_zero_occ_atoms.PDB_ins_code 
_pdbx_unobs_or_zero_occ_atoms.auth_atom_id 
_pdbx_unobs_or_zero_occ_atoms.label_alt_id 
_pdbx_unobs_or_zero_occ_atoms.label_asym_id 
_pdbx_unobs_or_zero_occ_atoms.label_comp_id 
_pdbx_unobs_or_zero_occ_atoms.label_seq_id 
_pdbx_unobs_or_zero_occ_atoms.label_atom_id 
1  1 Y 1 V GTP 6   ? PG    ? A GTP 1 PG    
2  1 Y 1 V GTP 6   ? O1G   ? A GTP 1 O1G   
3  1 Y 1 V GTP 6   ? O2G   ? A GTP 1 O2G   
4  1 Y 1 V GTP 6   ? O3G   ? A GTP 1 O3G   
5  1 N 1 V THG 101 ? N10   ? B THG 1 N10   
6  1 N 1 V THG 101 ? "C4'" ? B THG 1 "C4'" 
7  1 N 1 V THG 101 ? "C3'" ? B THG 1 "C3'" 
8  1 N 1 V THG 101 ? "C2'" ? B THG 1 "C2'" 
9  1 N 1 V THG 101 ? "C1'" ? B THG 1 "C1'" 
10 1 N 1 V THG 101 ? "C6'" ? B THG 1 "C6'" 
11 1 N 1 V THG 101 ? "C5'" ? B THG 1 "C5'" 
12 1 N 1 V THG 101 ? C11   ? B THG 1 C11   
13 1 N 1 V THG 101 ? N     ? B THG 1 N     
14 1 N 1 V THG 101 ? CA    ? B THG 1 CA    
15 1 N 1 V THG 101 ? C     ? B THG 1 C     
16 1 N 1 V THG 101 ? OX2   ? B THG 1 OX2   
17 1 N 1 V THG 101 ? OX1   ? B THG 1 OX1   
18 1 N 1 V THG 101 ? CB    ? B THG 1 CB    
19 1 N 1 V THG 101 ? CG    ? B THG 1 CG    
20 1 N 1 V THG 101 ? CD    ? B THG 1 CD    
21 1 N 1 V THG 101 ? OE1   ? B THG 1 OE1   
22 1 N 1 V THG 101 ? OE2   ? B THG 1 OE2   
23 1 N 1 V THG 101 ? O11   ? B THG 1 O11   
# 
loop_
_software.citation_id 
_software.classification 
_software.compiler_name 
_software.compiler_version 
_software.contact_author 
_software.contact_author_email 
_software.date 
_software.description 
_software.dependencies 
_software.hardware 
_software.language 
_software.location 
_software.mods 
_software.name 
_software.os 
_software.os_version 
_software.type 
_software.version 
_software.pdbx_ordinal 
? refinement        ? ? ? ? ? ? ? ? ? ? ? PHENIX      ? ? ? 1.17.1_3660 1 
? 'data scaling'    ? ? ? ? ? ? ? ? ? ? ? HKL-2000    ? ? ? .           2 
? 'data extraction' ? ? ? ? ? ? ? ? ? ? ? PDB_EXTRACT ? ? ? 3.27        3 
? 'data reduction'  ? ? ? ? ? ? ? ? ? ? ? HKL-2000    ? ? ? .           4 
? phasing           ? ? ? ? ? ? ? ? ? ? ? PHASER      ? ? ? .           5 
# 
_cell.angle_alpha                  90.000 
_cell.angle_alpha_esd              ? 
_cell.angle_beta                   90.000 
_cell.angle_beta_esd               ? 
_cell.angle_gamma                  120.000 
_cell.angle_gamma_esd              ? 
_cell.entry_id                     7WIB 
_cell.details                      ? 
_cell.formula_units_Z              ? 
_cell.length_a                     66.623 
_cell.length_a_esd                 ? 
_cell.length_b                     66.623 
_cell.length_b_esd                 ? 
_cell.length_c                     89.967 
_cell.length_c_esd                 ? 
_cell.volume                       345829.662 
_cell.volume_esd                   ? 
_cell.Z_PDB                        6 
_cell.reciprocal_angle_alpha       ? 
_cell.reciprocal_angle_beta        ? 
_cell.reciprocal_angle_gamma       ? 
_cell.reciprocal_angle_alpha_esd   ? 
_cell.reciprocal_angle_beta_esd    ? 
_cell.reciprocal_angle_gamma_esd   ? 
_cell.reciprocal_length_a          ? 
_cell.reciprocal_length_b          ? 
_cell.reciprocal_length_c          ? 
_cell.reciprocal_length_a_esd      ? 
_cell.reciprocal_length_b_esd      ? 
_cell.reciprocal_length_c_esd      ? 
_cell.pdbx_unique_axis             ? 
_cell.pdbx_esd_method              ? 
# 
_symmetry.entry_id                         7WIB 
_symmetry.cell_setting                     ? 
_symmetry.Int_Tables_number                152 
_symmetry.space_group_name_Hall            
;P 31 2"
;
_symmetry.space_group_name_H-M             'P 31 2 1' 
_symmetry.pdbx_full_space_group_name_H-M   ? 
# 
_exptl.absorpt_coefficient_mu     ? 
_exptl.absorpt_correction_T_max   ? 
_exptl.absorpt_correction_T_min   ? 
_exptl.absorpt_correction_type    ? 
_exptl.absorpt_process_details    ? 
_exptl.entry_id                   7WIB 
_exptl.crystals_number            1 
_exptl.details                    ? 
_exptl.method                     'X-RAY DIFFRACTION' 
_exptl.method_details             ? 
# 
_exptl_crystal.colour                       ? 
_exptl_crystal.density_diffrn               ? 
_exptl_crystal.density_Matthews             3.56 
_exptl_crystal.density_method               ? 
_exptl_crystal.density_percent_sol          65.41 
_exptl_crystal.description                  ? 
_exptl_crystal.F_000                        ? 
_exptl_crystal.id                           1 
_exptl_crystal.preparation                  ? 
_exptl_crystal.size_max                     ? 
_exptl_crystal.size_mid                     ? 
_exptl_crystal.size_min                     ? 
_exptl_crystal.size_rad                     ? 
_exptl_crystal.colour_lustre                ? 
_exptl_crystal.colour_modifier              ? 
_exptl_crystal.colour_primary               ? 
_exptl_crystal.density_meas                 ? 
_exptl_crystal.density_meas_esd             ? 
_exptl_crystal.density_meas_gt              ? 
_exptl_crystal.density_meas_lt              ? 
_exptl_crystal.density_meas_temp            ? 
_exptl_crystal.density_meas_temp_esd        ? 
_exptl_crystal.density_meas_temp_gt         ? 
_exptl_crystal.density_meas_temp_lt         ? 
_exptl_crystal.pdbx_crystal_image_url       ? 
_exptl_crystal.pdbx_crystal_image_format    ? 
_exptl_crystal.pdbx_mosaicity               ? 
_exptl_crystal.pdbx_mosaicity_esd           ? 
_exptl_crystal.pdbx_mosaic_method           ? 
_exptl_crystal.pdbx_mosaic_block_size       ? 
_exptl_crystal.pdbx_mosaic_block_size_esd   ? 
# 
_exptl_crystal_grow.apparatus       ? 
_exptl_crystal_grow.atmosphere      ? 
_exptl_crystal_grow.crystal_id      1 
_exptl_crystal_grow.details         ? 
_exptl_crystal_grow.method          'VAPOR DIFFUSION, HANGING DROP' 
_exptl_crystal_grow.method_ref      ? 
_exptl_crystal_grow.pH              ? 
_exptl_crystal_grow.pressure        ? 
_exptl_crystal_grow.pressure_esd    ? 
_exptl_crystal_grow.seeding         ? 
_exptl_crystal_grow.seeding_ref     ? 
_exptl_crystal_grow.temp_details    ? 
_exptl_crystal_grow.temp_esd        ? 
_exptl_crystal_grow.time            ? 
_exptl_crystal_grow.pdbx_details    '100mM sodium citrate pH6.5, 1.5-2.5M Ammonium Sulfate' 
_exptl_crystal_grow.pdbx_pH_range   ? 
_exptl_crystal_grow.temp            291 
# 
_diffrn.ambient_environment              ? 
_diffrn.ambient_temp                     100 
_diffrn.ambient_temp_details             ? 
_diffrn.ambient_temp_esd                 ? 
_diffrn.crystal_id                       1 
_diffrn.crystal_support                  ? 
_diffrn.crystal_treatment                ? 
_diffrn.details                          ? 
_diffrn.id                               1 
_diffrn.ambient_pressure                 ? 
_diffrn.ambient_pressure_esd             ? 
_diffrn.ambient_pressure_gt              ? 
_diffrn.ambient_pressure_lt              ? 
_diffrn.ambient_temp_gt                  ? 
_diffrn.ambient_temp_lt                  ? 
_diffrn.pdbx_serial_crystal_experiment   N 
# 
_diffrn_detector.details                      ? 
_diffrn_detector.detector                     PIXEL 
_diffrn_detector.diffrn_id                    1 
_diffrn_detector.type                         'DECTRIS PILATUS 12M' 
_diffrn_detector.area_resol_mean              ? 
_diffrn_detector.dtime                        ? 
_diffrn_detector.pdbx_frames_total            ? 
_diffrn_detector.pdbx_collection_time_total   ? 
_diffrn_detector.pdbx_collection_date         2021-10-18 
_diffrn_detector.pdbx_frequency               ? 
# 
_diffrn_radiation.collimation                      ? 
_diffrn_radiation.diffrn_id                        1 
_diffrn_radiation.filter_edge                      ? 
_diffrn_radiation.inhomogeneity                    ? 
_diffrn_radiation.monochromator                    ? 
_diffrn_radiation.polarisn_norm                    ? 
_diffrn_radiation.polarisn_ratio                   ? 
_diffrn_radiation.probe                            ? 
_diffrn_radiation.type                             ? 
_diffrn_radiation.xray_symbol                      ? 
_diffrn_radiation.wavelength_id                    1 
_diffrn_radiation.pdbx_monochromatic_or_laue_m_l   M 
_diffrn_radiation.pdbx_wavelength_list             ? 
_diffrn_radiation.pdbx_wavelength                  ? 
_diffrn_radiation.pdbx_diffrn_protocol             'SINGLE WAVELENGTH' 
_diffrn_radiation.pdbx_analyzer                    ? 
_diffrn_radiation.pdbx_scattering_type             x-ray 
# 
_diffrn_radiation_wavelength.id           1 
_diffrn_radiation_wavelength.wavelength   0.979 
_diffrn_radiation_wavelength.wt           1.0 
# 
_diffrn_source.current                     ? 
_diffrn_source.details                     ? 
_diffrn_source.diffrn_id                   1 
_diffrn_source.power                       ? 
_diffrn_source.size                        ? 
_diffrn_source.source                      SYNCHROTRON 
_diffrn_source.target                      ? 
_diffrn_source.type                        'SSRF BEAMLINE BL19U1' 
_diffrn_source.voltage                     ? 
_diffrn_source.take-off_angle              ? 
_diffrn_source.pdbx_wavelength_list        0.979 
_diffrn_source.pdbx_wavelength             ? 
_diffrn_source.pdbx_synchrotron_beamline   BL19U1 
_diffrn_source.pdbx_synchrotron_site       SSRF 
# 
_reflns.B_iso_Wilson_estimate                          85.84 
_reflns.entry_id                                       7WIB 
_reflns.data_reduction_details                         ? 
_reflns.data_reduction_method                          ? 
_reflns.d_resolution_high                              2.83 
_reflns.d_resolution_low                               50.00 
_reflns.details                                        ? 
_reflns.limit_h_max                                    ? 
_reflns.limit_h_min                                    ? 
_reflns.limit_k_max                                    ? 
_reflns.limit_k_min                                    ? 
_reflns.limit_l_max                                    ? 
_reflns.limit_l_min                                    ? 
_reflns.number_all                                     ? 
_reflns.number_obs                                     5768 
_reflns.observed_criterion                             ? 
_reflns.observed_criterion_F_max                       ? 
_reflns.observed_criterion_F_min                       ? 
_reflns.observed_criterion_I_max                       ? 
_reflns.observed_criterion_I_min                       ? 
_reflns.observed_criterion_sigma_F                     ? 
_reflns.observed_criterion_sigma_I                     ? 
_reflns.percent_possible_obs                           99.8 
_reflns.R_free_details                                 ? 
_reflns.Rmerge_F_all                                   ? 
_reflns.Rmerge_F_obs                                   ? 
_reflns.Friedel_coverage                               ? 
_reflns.number_gt                                      ? 
_reflns.threshold_expression                           ? 
_reflns.pdbx_redundancy                                8.1 
_reflns.pdbx_netI_over_av_sigmaI                       ? 
_reflns.pdbx_netI_over_sigmaI                          11.8 
_reflns.pdbx_res_netI_over_av_sigmaI_2                 ? 
_reflns.pdbx_res_netI_over_sigmaI_2                    ? 
_reflns.pdbx_chi_squared                               0.047 
_reflns.pdbx_scaling_rejects                           ? 
_reflns.pdbx_d_res_high_opt                            ? 
_reflns.pdbx_d_res_low_opt                             ? 
_reflns.pdbx_d_res_opt_method                          ? 
_reflns.phase_calculation_details                      ? 
_reflns.pdbx_Rrim_I_all                                0.115 
_reflns.pdbx_Rpim_I_all                                ? 
_reflns.pdbx_d_opt                                     ? 
_reflns.pdbx_number_measured_all                       ? 
_reflns.pdbx_diffrn_id                                 1 
_reflns.pdbx_ordinal                                   1 
_reflns.pdbx_CC_half                                   0.938 
_reflns.pdbx_CC_star                                   ? 
_reflns.pdbx_R_split                                   ? 
_reflns.pdbx_Rmerge_I_obs                              0.109 
_reflns.pdbx_Rmerge_I_all                              ? 
_reflns.pdbx_Rsym_value                                ? 
_reflns.pdbx_CC_split_method                           ? 
_reflns.pdbx_aniso_diffraction_limit_axis_1_ortho[1]   ? 
_reflns.pdbx_aniso_diffraction_limit_axis_1_ortho[2]   ? 
_reflns.pdbx_aniso_diffraction_limit_axis_1_ortho[3]   ? 
_reflns.pdbx_aniso_diffraction_limit_axis_2_ortho[1]   ? 
_reflns.pdbx_aniso_diffraction_limit_axis_2_ortho[2]   ? 
_reflns.pdbx_aniso_diffraction_limit_axis_2_ortho[3]   ? 
_reflns.pdbx_aniso_diffraction_limit_axis_3_ortho[1]   ? 
_reflns.pdbx_aniso_diffraction_limit_axis_3_ortho[2]   ? 
_reflns.pdbx_aniso_diffraction_limit_axis_3_ortho[3]   ? 
_reflns.pdbx_aniso_diffraction_limit_1                 ? 
_reflns.pdbx_aniso_diffraction_limit_2                 ? 
_reflns.pdbx_aniso_diffraction_limit_3                 ? 
_reflns.pdbx_aniso_B_tensor_eigenvector_1_ortho[1]     ? 
_reflns.pdbx_aniso_B_tensor_eigenvector_1_ortho[2]     ? 
_reflns.pdbx_aniso_B_tensor_eigenvector_1_ortho[3]     ? 
_reflns.pdbx_aniso_B_tensor_eigenvector_2_ortho[1]     ? 
_reflns.pdbx_aniso_B_tensor_eigenvector_2_ortho[2]     ? 
_reflns.pdbx_aniso_B_tensor_eigenvector_2_ortho[3]     ? 
_reflns.pdbx_aniso_B_tensor_eigenvector_3_ortho[1]     ? 
_reflns.pdbx_aniso_B_tensor_eigenvector_3_ortho[2]     ? 
_reflns.pdbx_aniso_B_tensor_eigenvector_3_ortho[3]     ? 
_reflns.pdbx_aniso_B_tensor_eigenvalue_1               ? 
_reflns.pdbx_aniso_B_tensor_eigenvalue_2               ? 
_reflns.pdbx_aniso_B_tensor_eigenvalue_3               ? 
_reflns.pdbx_orthogonalization_convention              ? 
_reflns.pdbx_percent_possible_ellipsoidal              ? 
_reflns.pdbx_percent_possible_spherical                ? 
_reflns.pdbx_percent_possible_ellipsoidal_anomalous    ? 
_reflns.pdbx_percent_possible_spherical_anomalous      ? 
_reflns.pdbx_redundancy_anomalous                      ? 
_reflns.pdbx_CC_half_anomalous                         ? 
_reflns.pdbx_absDiff_over_sigma_anomalous              ? 
_reflns.pdbx_percent_possible_anomalous                ? 
_reflns.pdbx_observed_signal_threshold                 ? 
_reflns.pdbx_signal_type                               ? 
_reflns.pdbx_signal_details                            ? 
_reflns.pdbx_signal_software_id                        ? 
# 
loop_
_reflns_shell.d_res_high 
_reflns_shell.d_res_low 
_reflns_shell.meanI_over_sigI_all 
_reflns_shell.meanI_over_sigI_obs 
_reflns_shell.number_measured_all 
_reflns_shell.number_measured_obs 
_reflns_shell.number_possible 
_reflns_shell.number_unique_all 
_reflns_shell.number_unique_obs 
_reflns_shell.percent_possible_obs 
_reflns_shell.Rmerge_F_all 
_reflns_shell.Rmerge_F_obs 
_reflns_shell.meanI_over_sigI_gt 
_reflns_shell.meanI_over_uI_all 
_reflns_shell.meanI_over_uI_gt 
_reflns_shell.number_measured_gt 
_reflns_shell.number_unique_gt 
_reflns_shell.percent_possible_gt 
_reflns_shell.Rmerge_F_gt 
_reflns_shell.Rmerge_I_gt 
_reflns_shell.pdbx_redundancy 
_reflns_shell.pdbx_chi_squared 
_reflns_shell.pdbx_netI_over_sigmaI_all 
_reflns_shell.pdbx_netI_over_sigmaI_obs 
_reflns_shell.pdbx_Rrim_I_all 
_reflns_shell.pdbx_Rpim_I_all 
_reflns_shell.pdbx_rejects 
_reflns_shell.pdbx_ordinal 
_reflns_shell.pdbx_diffrn_id 
_reflns_shell.pdbx_CC_half 
_reflns_shell.pdbx_CC_star 
_reflns_shell.pdbx_R_split 
_reflns_shell.percent_possible_all 
_reflns_shell.Rmerge_I_all 
_reflns_shell.Rmerge_I_obs 
_reflns_shell.pdbx_Rsym_value 
_reflns_shell.pdbx_percent_possible_ellipsoidal 
_reflns_shell.pdbx_percent_possible_spherical 
_reflns_shell.pdbx_percent_possible_ellipsoidal_anomalous 
_reflns_shell.pdbx_percent_possible_spherical_anomalous 
_reflns_shell.pdbx_redundancy_anomalous 
_reflns_shell.pdbx_CC_half_anomalous 
_reflns_shell.pdbx_absDiff_over_sigma_anomalous 
_reflns_shell.pdbx_percent_possible_anomalous 
2.85 2.90  ? ? ? ? ? ? 541 ? ? ? ? ? ? ? ? ? ? ? 8.9 1.077 ? ? ? ? ? 1  1 ? ? ? 100.0 ? 0.837 ? ? ? ? ? ? ? ? ? 
2.90 2.95  ? ? ? ? ? ? 538 ? ? ? ? ? ? ? ? ? ? ? 9.0 1.274 ? ? ? ? ? 2  1 ? ? ? 99.8  ? 0.567 ? ? ? ? ? ? ? ? ? 
2.95 3.01  ? ? ? ? ? ? 518 ? ? ? ? ? ? ? ? ? ? ? 9.0 1.527 ? ? ? ? ? 3  1 ? ? ? 100.0 ? 0.386 ? ? ? ? ? ? ? ? ? 
3.01 3.07  ? ? ? ? ? ? 499 ? ? ? ? ? ? ? ? ? ? ? 8.7 1.675 ? ? ? ? ? 4  1 ? ? ? 99.8  ? 0.242 ? ? ? ? ? ? ? ? ? 
3.07 3.14  ? ? ? ? ? ? 568 ? ? ? ? ? ? ? ? ? ? ? 8.7 1.393 ? ? ? ? ? 5  1 ? ? ? 100.0 ? 0.230 ? ? ? ? ? ? ? ? ? 
3.14 3.21  ? ? ? ? ? ? 502 ? ? ? ? ? ? ? ? ? ? ? 8.5 1.482 ? ? ? ? ? 6  1 ? ? ? 100.0 ? 0.202 ? ? ? ? ? ? ? ? ? 
3.21 3.29  ? ? ? ? ? ? 533 ? ? ? ? ? ? ? ? ? ? ? 7.4 1.552 ? ? ? ? ? 7  1 ? ? ? 100.0 ? 0.151 ? ? ? ? ? ? ? ? ? 
3.29 3.38  ? ? ? ? ? ? 535 ? ? ? ? ? ? ? ? ? ? ? 8.8 1.513 ? ? ? ? ? 8  1 ? ? ? 100.0 ? 0.147 ? ? ? ? ? ? ? ? ? 
3.38 3.48  ? ? ? ? ? ? 511 ? ? ? ? ? ? ? ? ? ? ? 9.1 1.321 ? ? ? ? ? 9  1 ? ? ? 100.0 ? 0.170 ? ? ? ? ? ? ? ? ? 
3.48 3.59  ? ? ? ? ? ? 529 ? ? ? ? ? ? ? ? ? ? ? 8.8 1.307 ? ? ? ? ? 10 1 ? ? ? 100.0 ? 0.149 ? ? ? ? ? ? ? ? ? 
3.59 3.72  ? ? ? ? ? ? 518 ? ? ? ? ? ? ? ? ? ? ? 8.6 1.384 ? ? ? ? ? 11 1 ? ? ? 100.0 ? 0.120 ? ? ? ? ? ? ? ? ? 
3.72 3.87  ? ? ? ? ? ? 530 ? ? ? ? ? ? ? ? ? ? ? 8.4 1.386 ? ? ? ? ? 12 1 ? ? ? 100.0 ? 0.118 ? ? ? ? ? ? ? ? ? 
3.87 4.04  ? ? ? ? ? ? 527 ? ? ? ? ? ? ? ? ? ? ? 8.1 1.446 ? ? ? ? ? 13 1 ? ? ? 100.0 ? 0.121 ? ? ? ? ? ? ? ? ? 
4.04 4.26  ? ? ? ? ? ? 518 ? ? ? ? ? ? ? ? ? ? ? 7.3 1.166 ? ? ? ? ? 14 1 ? ? ? 100.0 ? 0.108 ? ? ? ? ? ? ? ? ? 
4.26 4.52  ? ? ? ? ? ? 537 ? ? ? ? ? ? ? ? ? ? ? 7.4 1.201 ? ? ? ? ? 15 1 ? ? ? 99.8  ? 0.102 ? ? ? ? ? ? ? ? ? 
4.52 4.87  ? ? ? ? ? ? 513 ? ? ? ? ? ? ? ? ? ? ? 7.6 1.216 ? ? ? ? ? 16 1 ? ? ? 99.6  ? 0.101 ? ? ? ? ? ? ? ? ? 
4.87 5.36  ? ? ? ? ? ? 545 ? ? ? ? ? ? ? ? ? ? ? 7.4 1.203 ? ? ? ? ? 17 1 ? ? ? 100.0 ? 0.092 ? ? ? ? ? ? ? ? ? 
5.36 6.14  ? ? ? ? ? ? 519 ? ? ? ? ? ? ? ? ? ? ? 6.9 1.189 ? ? ? ? ? 18 1 ? ? ? 99.6  ? 0.090 ? ? ? ? ? ? ? ? ? 
6.14 7.73  ? ? ? ? ? ? 527 ? ? ? ? ? ? ? ? ? ? ? 6.8 1.024 ? ? ? ? ? 19 1 ? ? ? 100.0 ? 0.080 ? ? ? ? ? ? ? ? ? 
7.73 50.00 ? ? ? ? ? ? 529 ? ? ? ? ? ? ? ? ? ? ? 5.8 1.253 ? ? ? ? ? 20 1 ? ? ? 98.3  ? 0.091 ? ? ? ? ? ? ? ? ? 
# 
_refine.aniso_B[1][1]                            ? 
_refine.aniso_B[1][2]                            ? 
_refine.aniso_B[1][3]                            ? 
_refine.aniso_B[2][2]                            ? 
_refine.aniso_B[2][3]                            ? 
_refine.aniso_B[3][3]                            ? 
_refine.B_iso_max                                ? 
_refine.B_iso_mean                               105.86 
_refine.B_iso_min                                ? 
_refine.correlation_coeff_Fo_to_Fc               ? 
_refine.correlation_coeff_Fo_to_Fc_free          ? 
_refine.details                                  ? 
_refine.diff_density_max                         ? 
_refine.diff_density_max_esd                     ? 
_refine.diff_density_min                         ? 
_refine.diff_density_min_esd                     ? 
_refine.diff_density_rms                         ? 
_refine.diff_density_rms_esd                     ? 
_refine.entry_id                                 7WIB 
_refine.pdbx_refine_id                           'X-RAY DIFFRACTION' 
_refine.ls_abs_structure_details                 ? 
_refine.ls_abs_structure_Flack                   ? 
_refine.ls_abs_structure_Flack_esd               ? 
_refine.ls_abs_structure_Rogers                  ? 
_refine.ls_abs_structure_Rogers_esd              ? 
_refine.ls_d_res_high                            2.83 
_refine.ls_d_res_low                             28.85 
_refine.ls_extinction_coef                       ? 
_refine.ls_extinction_coef_esd                   ? 
_refine.ls_extinction_expression                 ? 
_refine.ls_extinction_method                     ? 
_refine.ls_goodness_of_fit_all                   ? 
_refine.ls_goodness_of_fit_all_esd               ? 
_refine.ls_goodness_of_fit_obs                   ? 
_refine.ls_goodness_of_fit_obs_esd               ? 
_refine.ls_hydrogen_treatment                    ? 
_refine.ls_matrix_type                           ? 
_refine.ls_number_constraints                    ? 
_refine.ls_number_parameters                     ? 
_refine.ls_number_reflns_all                     ? 
_refine.ls_number_reflns_obs                     5707 
_refine.ls_number_reflns_R_free                  283 
_refine.ls_number_reflns_R_work                  5424 
_refine.ls_number_restraints                     ? 
_refine.ls_percent_reflns_obs                    97.86 
_refine.ls_percent_reflns_R_free                 4.96 
_refine.ls_R_factor_all                          ? 
_refine.ls_R_factor_obs                          0.2028 
_refine.ls_R_factor_R_free                       0.2309 
_refine.ls_R_factor_R_free_error                 ? 
_refine.ls_R_factor_R_free_error_details         ? 
_refine.ls_R_factor_R_work                       0.2013 
_refine.ls_R_Fsqd_factor_obs                     ? 
_refine.ls_R_I_factor_obs                        ? 
_refine.ls_redundancy_reflns_all                 ? 
_refine.ls_redundancy_reflns_obs                 ? 
_refine.ls_restrained_S_all                      ? 
_refine.ls_restrained_S_obs                      ? 
_refine.ls_shift_over_esd_max                    ? 
_refine.ls_shift_over_esd_mean                   ? 
_refine.ls_structure_factor_coef                 ? 
_refine.ls_weighting_details                     ? 
_refine.ls_weighting_scheme                      ? 
_refine.ls_wR_factor_all                         ? 
_refine.ls_wR_factor_obs                         ? 
_refine.ls_wR_factor_R_free                      ? 
_refine.ls_wR_factor_R_work                      ? 
_refine.occupancy_max                            ? 
_refine.occupancy_min                            ? 
_refine.solvent_model_details                    'FLAT BULK SOLVENT MODEL' 
_refine.solvent_model_param_bsol                 ? 
_refine.solvent_model_param_ksol                 ? 
_refine.pdbx_R_complete                          ? 
_refine.ls_R_factor_gt                           ? 
_refine.ls_goodness_of_fit_gt                    ? 
_refine.ls_goodness_of_fit_ref                   ? 
_refine.ls_shift_over_su_max                     ? 
_refine.ls_shift_over_su_max_lt                  ? 
_refine.ls_shift_over_su_mean                    ? 
_refine.ls_shift_over_su_mean_lt                 ? 
_refine.pdbx_ls_sigma_I                          ? 
_refine.pdbx_ls_sigma_F                          1.34 
_refine.pdbx_ls_sigma_Fsqd                       ? 
_refine.pdbx_data_cutoff_high_absF               ? 
_refine.pdbx_data_cutoff_high_rms_absF           ? 
_refine.pdbx_data_cutoff_low_absF                ? 
_refine.pdbx_isotropic_thermal_model             ? 
_refine.pdbx_ls_cross_valid_method               'FREE R-VALUE' 
_refine.pdbx_method_to_determine_struct          'MOLECULAR REPLACEMENT' 
_refine.pdbx_starting_model                      7WI9 
_refine.pdbx_stereochemistry_target_values       'GeoStd + Monomer Library + CDL v1.2' 
_refine.pdbx_R_Free_selection_details            ? 
_refine.pdbx_stereochem_target_val_spec_case     ? 
_refine.pdbx_overall_ESU_R                       ? 
_refine.pdbx_overall_ESU_R_Free                  ? 
_refine.pdbx_solvent_vdw_probe_radii             1.1000 
_refine.pdbx_solvent_ion_probe_radii             ? 
_refine.pdbx_solvent_shrinkage_radii             0.9000 
_refine.pdbx_real_space_R                        ? 
_refine.pdbx_density_correlation                 ? 
_refine.pdbx_pd_number_of_powder_patterns        ? 
_refine.pdbx_pd_number_of_points                 ? 
_refine.pdbx_pd_meas_number_of_points            ? 
_refine.pdbx_pd_proc_ls_prof_R_factor            ? 
_refine.pdbx_pd_proc_ls_prof_wR_factor           ? 
_refine.pdbx_pd_Marquardt_correlation_coeff      ? 
_refine.pdbx_pd_Fsqrd_R_factor                   ? 
_refine.pdbx_pd_ls_matrix_band_width             ? 
_refine.pdbx_overall_phase_error                 28.6559 
_refine.pdbx_overall_SU_R_free_Cruickshank_DPI   ? 
_refine.pdbx_overall_SU_R_free_Blow_DPI          ? 
_refine.pdbx_overall_SU_R_Blow_DPI               ? 
_refine.pdbx_TLS_residual_ADP_flag               ? 
_refine.pdbx_diffrn_id                           1 
_refine.overall_SU_B                             ? 
_refine.overall_SU_ML                            0.0814 
_refine.overall_SU_R_Cruickshank_DPI             ? 
_refine.overall_SU_R_free                        ? 
_refine.overall_FOM_free_R_set                   ? 
_refine.overall_FOM_work_R_set                   ? 
_refine.pdbx_average_fsc_overall                 ? 
_refine.pdbx_average_fsc_work                    ? 
_refine.pdbx_average_fsc_free                    ? 
# 
_refine_hist.pdbx_refine_id                   'X-RAY DIFFRACTION' 
_refine_hist.cycle_id                         LAST 
_refine_hist.details                          ? 
_refine_hist.d_res_high                       2.83 
_refine_hist.d_res_low                        28.85 
_refine_hist.number_atoms_solvent             0 
_refine_hist.number_atoms_total               1088 
_refine_hist.number_reflns_all                ? 
_refine_hist.number_reflns_obs                ? 
_refine_hist.number_reflns_R_free             ? 
_refine_hist.number_reflns_R_work             ? 
_refine_hist.R_factor_all                     ? 
_refine_hist.R_factor_obs                     ? 
_refine_hist.R_factor_R_free                  ? 
_refine_hist.R_factor_R_work                  ? 
_refine_hist.pdbx_number_residues_total       ? 
_refine_hist.pdbx_B_iso_mean_ligand           ? 
_refine_hist.pdbx_B_iso_mean_solvent          ? 
_refine_hist.pdbx_number_atoms_protein        0 
_refine_hist.pdbx_number_atoms_nucleic_acid   1075 
_refine_hist.pdbx_number_atoms_ligand         13 
_refine_hist.pdbx_number_atoms_lipid          ? 
_refine_hist.pdbx_number_atoms_carb           ? 
_refine_hist.pdbx_pseudo_atom_details         ? 
# 
loop_
_refine_ls_restr.pdbx_refine_id 
_refine_ls_restr.criterion 
_refine_ls_restr.dev_ideal 
_refine_ls_restr.dev_ideal_target 
_refine_ls_restr.number 
_refine_ls_restr.rejects 
_refine_ls_restr.type 
_refine_ls_restr.weight 
_refine_ls_restr.pdbx_restraint_function 
'X-RAY DIFFRACTION' ? 0.0015  ? 1215 ? f_bond_d           ? ? 
'X-RAY DIFFRACTION' ? 0.4907  ? 1893 ? f_angle_d          ? ? 
'X-RAY DIFFRACTION' ? 0.0215  ? 252  ? f_chiral_restr     ? ? 
'X-RAY DIFFRACTION' ? 0.0018  ? 51   ? f_plane_restr      ? ? 
'X-RAY DIFFRACTION' ? 10.0101 ? 612  ? f_dihedral_angle_d ? ? 
# 
loop_
_refine_ls_shell.pdbx_refine_id 
_refine_ls_shell.d_res_high 
_refine_ls_shell.d_res_low 
_refine_ls_shell.number_reflns_all 
_refine_ls_shell.number_reflns_obs 
_refine_ls_shell.number_reflns_R_free 
_refine_ls_shell.number_reflns_R_work 
_refine_ls_shell.percent_reflns_obs 
_refine_ls_shell.percent_reflns_R_free 
_refine_ls_shell.R_factor_all 
_refine_ls_shell.R_factor_obs 
_refine_ls_shell.R_factor_R_free_error 
_refine_ls_shell.R_factor_R_work 
_refine_ls_shell.redundancy_reflns_all 
_refine_ls_shell.redundancy_reflns_obs 
_refine_ls_shell.wR_factor_all 
_refine_ls_shell.wR_factor_obs 
_refine_ls_shell.wR_factor_R_free 
_refine_ls_shell.wR_factor_R_work 
_refine_ls_shell.pdbx_R_complete 
_refine_ls_shell.pdbx_total_number_of_bins_used 
_refine_ls_shell.pdbx_phase_error 
_refine_ls_shell.pdbx_fsc_work 
_refine_ls_shell.pdbx_fsc_free 
_refine_ls_shell.R_factor_R_free 
'X-RAY DIFFRACTION' 2.83 3.56  . . 137 2593 96.13 . . . . 0.2719 . . . . . . . . . . . 0.3270 
'X-RAY DIFFRACTION' 3.56 28.85 . . 146 2831 99.53 . . . . 0.1840 . . . . . . . . . . . 0.2044 
# 
_struct.entry_id                     7WIB 
_struct.title                        'The THF-II riboswitch bound to THF' 
_struct.pdbx_model_details           ? 
_struct.pdbx_formula_weight          ? 
_struct.pdbx_formula_weight_method   ? 
_struct.pdbx_model_type_details      ? 
_struct.pdbx_CASP_flag               N 
# 
_struct_keywords.entry_id        7WIB 
_struct_keywords.text            'THF-II riboswitch, THF, RNA' 
_struct_keywords.pdbx_keywords   RNA 
# 
loop_
_struct_asym.id 
_struct_asym.pdbx_blank_PDB_chainid_flag 
_struct_asym.pdbx_modified 
_struct_asym.entity_id 
_struct_asym.details 
A N N 1 ? 
B N N 2 ? 
# 
_struct_ref.id                         1 
_struct_ref.db_name                    PDB 
_struct_ref.db_code                    7WIB 
_struct_ref.pdbx_db_accession          7WIB 
_struct_ref.pdbx_db_isoform            ? 
_struct_ref.entity_id                  1 
_struct_ref.pdbx_seq_one_letter_code   ? 
_struct_ref.pdbx_align_begin           1 
# 
_struct_ref_seq.align_id                      1 
_struct_ref_seq.ref_id                        1 
_struct_ref_seq.pdbx_PDB_id_code              7WIB 
_struct_ref_seq.pdbx_strand_id                V 
_struct_ref_seq.seq_align_beg                 1 
_struct_ref_seq.pdbx_seq_align_beg_ins_code   ? 
_struct_ref_seq.seq_align_end                 50 
_struct_ref_seq.pdbx_seq_align_end_ins_code   ? 
_struct_ref_seq.pdbx_db_accession             7WIB 
_struct_ref_seq.db_align_beg                  6 
_struct_ref_seq.pdbx_db_align_beg_ins_code    ? 
_struct_ref_seq.db_align_end                  56 
_struct_ref_seq.pdbx_db_align_end_ins_code    ? 
_struct_ref_seq.pdbx_auth_seq_align_beg       6 
_struct_ref_seq.pdbx_auth_seq_align_end       56 
# 
_pdbx_struct_assembly.id                   1 
_pdbx_struct_assembly.details              author_and_software_defined_assembly 
_pdbx_struct_assembly.method_details       PISA 
_pdbx_struct_assembly.oligomeric_details   monomeric 
_pdbx_struct_assembly.oligomeric_count     1 
# 
loop_
_pdbx_struct_assembly_prop.biol_id 
_pdbx_struct_assembly_prop.type 
_pdbx_struct_assembly_prop.value 
_pdbx_struct_assembly_prop.details 
1 'ABSA (A^2)' 670  ? 
1 MORE         4    ? 
1 'SSA (A^2)'  8980 ? 
# 
_pdbx_struct_assembly_gen.assembly_id       1 
_pdbx_struct_assembly_gen.oper_expression   1 
_pdbx_struct_assembly_gen.asym_id_list      A,B 
# 
_pdbx_struct_assembly_auth_evidence.id                     1 
_pdbx_struct_assembly_auth_evidence.assembly_id            1 
_pdbx_struct_assembly_auth_evidence.experimental_support   none 
_pdbx_struct_assembly_auth_evidence.details                ? 
# 
_pdbx_struct_oper_list.id                   1 
_pdbx_struct_oper_list.type                 'identity operation' 
_pdbx_struct_oper_list.name                 1_555 
_pdbx_struct_oper_list.symmetry_operation   x,y,z 
_pdbx_struct_oper_list.matrix[1][1]         1.0000000000 
_pdbx_struct_oper_list.matrix[1][2]         0.0000000000 
_pdbx_struct_oper_list.matrix[1][3]         0.0000000000 
_pdbx_struct_oper_list.vector[1]            0.0000000000 
_pdbx_struct_oper_list.matrix[2][1]         0.0000000000 
_pdbx_struct_oper_list.matrix[2][2]         1.0000000000 
_pdbx_struct_oper_list.matrix[2][3]         0.0000000000 
_pdbx_struct_oper_list.vector[2]            0.0000000000 
_pdbx_struct_oper_list.matrix[3][1]         0.0000000000 
_pdbx_struct_oper_list.matrix[3][2]         0.0000000000 
_pdbx_struct_oper_list.matrix[3][3]         1.0000000000 
_pdbx_struct_oper_list.vector[3]            0.0000000000 
# 
loop_
_struct_conn.id 
_struct_conn.conn_type_id 
_struct_conn.pdbx_leaving_atom_flag 
_struct_conn.pdbx_PDB_id 
_struct_conn.ptnr1_label_asym_id 
_struct_conn.ptnr1_label_comp_id 
_struct_conn.ptnr1_label_seq_id 
_struct_conn.ptnr1_label_atom_id 
_struct_conn.pdbx_ptnr1_label_alt_id 
_struct_conn.pdbx_ptnr1_PDB_ins_code 
_struct_conn.pdbx_ptnr1_standard_comp_id 
_struct_conn.ptnr1_symmetry 
_struct_conn.ptnr2_label_asym_id 
_struct_conn.ptnr2_label_comp_id 
_struct_conn.ptnr2_label_seq_id 
_struct_conn.ptnr2_label_atom_id 
_struct_conn.pdbx_ptnr2_label_alt_id 
_struct_conn.pdbx_ptnr2_PDB_ins_code 
_struct_conn.ptnr1_auth_asym_id 
_struct_conn.ptnr1_auth_comp_id 
_struct_conn.ptnr1_auth_seq_id 
_struct_conn.ptnr2_auth_asym_id 
_struct_conn.ptnr2_auth_comp_id 
_struct_conn.ptnr2_auth_seq_id 
_struct_conn.ptnr2_symmetry 
_struct_conn.pdbx_ptnr3_label_atom_id 
_struct_conn.pdbx_ptnr3_label_seq_id 
_struct_conn.pdbx_ptnr3_label_comp_id 
_struct_conn.pdbx_ptnr3_label_asym_id 
_struct_conn.pdbx_ptnr3_label_alt_id 
_struct_conn.pdbx_ptnr3_PDB_ins_code 
_struct_conn.details 
_struct_conn.pdbx_dist_value 
_struct_conn.pdbx_value_order 
_struct_conn.pdbx_role 
covale1  covale both ? A GTP 1  "O3'" ? ? ? 1_555 A G 2  P  ? ? V GTP 6  V G 7  1_555 ? ? ? ? ? ? ?             1.601 ? ? 
hydrog1  hydrog ?    ? A GTP 1  N1    ? ? ? 1_555 A C 50 N3 ? ? V GTP 6  V C 56 1_555 ? ? ? ? ? ? WATSON-CRICK  ?     ? ? 
hydrog2  hydrog ?    ? A GTP 1  N2    ? ? ? 1_555 A C 50 O2 ? ? V GTP 6  V C 56 1_555 ? ? ? ? ? ? WATSON-CRICK  ?     ? ? 
hydrog3  hydrog ?    ? A GTP 1  O6    ? ? ? 1_555 A C 50 N4 ? ? V GTP 6  V C 56 1_555 ? ? ? ? ? ? WATSON-CRICK  ?     ? ? 
hydrog4  hydrog ?    ? A G   2  N1    ? ? ? 1_555 A C 49 N3 ? ? V G   7  V C 55 1_555 ? ? ? ? ? ? WATSON-CRICK  ?     ? ? 
hydrog5  hydrog ?    ? A G   2  N2    ? ? ? 1_555 A C 49 O2 ? ? V G   7  V C 55 1_555 ? ? ? ? ? ? WATSON-CRICK  ?     ? ? 
hydrog6  hydrog ?    ? A G   2  O6    ? ? ? 1_555 A C 49 N4 ? ? V G   7  V C 55 1_555 ? ? ? ? ? ? WATSON-CRICK  ?     ? ? 
hydrog7  hydrog ?    ? A C   3  N3    ? ? ? 1_555 A G 48 N1 ? ? V C   8  V G 54 1_555 ? ? ? ? ? ? WATSON-CRICK  ?     ? ? 
hydrog8  hydrog ?    ? A C   3  N4    ? ? ? 1_555 A G 48 O6 ? ? V C   8  V G 54 1_555 ? ? ? ? ? ? WATSON-CRICK  ?     ? ? 
hydrog9  hydrog ?    ? A C   3  O2    ? ? ? 1_555 A G 48 N2 ? ? V C   8  V G 54 1_555 ? ? ? ? ? ? WATSON-CRICK  ?     ? ? 
hydrog10 hydrog ?    ? A G   4  N1    ? ? ? 1_555 A C 47 N3 ? ? V G   9  V C 53 1_555 ? ? ? ? ? ? WATSON-CRICK  ?     ? ? 
hydrog11 hydrog ?    ? A G   4  N2    ? ? ? 1_555 A C 47 O2 ? ? V G   9  V C 53 1_555 ? ? ? ? ? ? WATSON-CRICK  ?     ? ? 
hydrog12 hydrog ?    ? A G   4  O6    ? ? ? 1_555 A C 47 N4 ? ? V G   9  V C 53 1_555 ? ? ? ? ? ? WATSON-CRICK  ?     ? ? 
hydrog13 hydrog ?    ? A U   5  N3    ? ? ? 1_555 A A 46 N1 ? ? V U   10 V A 52 1_555 ? ? ? ? ? ? WATSON-CRICK  ?     ? ? 
hydrog14 hydrog ?    ? A U   5  O4    ? ? ? 1_555 A A 46 N6 ? ? V U   10 V A 52 1_555 ? ? ? ? ? ? WATSON-CRICK  ?     ? ? 
hydrog15 hydrog ?    ? A G   6  N7    ? ? ? 1_555 A G 45 N2 ? ? V G   11 V G 51 1_555 ? ? ? ? ? ? TYPE_6_PAIR   ?     ? ? 
hydrog16 hydrog ?    ? A G   6  O6    ? ? ? 1_555 A G 45 N1 ? ? V G   11 V G 51 1_555 ? ? ? ? ? ? TYPE_6_PAIR   ?     ? ? 
hydrog17 hydrog ?    ? A G   7  N1    ? ? ? 1_555 A A 44 N1 ? ? V G   12 V A 50 1_555 ? ? ? ? ? ? TYPE_8_PAIR   ?     ? ? 
hydrog18 hydrog ?    ? A G   7  O6    ? ? ? 1_555 A A 44 N6 ? ? V G   12 V A 50 1_555 ? ? ? ? ? ? TYPE_8_PAIR   ?     ? ? 
hydrog19 hydrog ?    ? A U   8  N3    ? ? ? 1_555 A G 43 O6 ? ? V U   13 V G 49 1_555 ? ? ? ? ? ? TYPE_28_PAIR  ?     ? ? 
hydrog20 hydrog ?    ? A U   8  O2    ? ? ? 1_555 A G 43 N1 ? ? V U   13 V G 49 1_555 ? ? ? ? ? ? TYPE_28_PAIR  ?     ? ? 
hydrog21 hydrog ?    ? A C   9  N3    ? ? ? 1_555 A G 42 N1 ? ? V C   14 V G 48 1_555 ? ? ? ? ? ? WATSON-CRICK  ?     ? ? 
hydrog22 hydrog ?    ? A C   9  N4    ? ? ? 1_555 A G 42 O6 ? ? V C   14 V G 48 1_555 ? ? ? ? ? ? WATSON-CRICK  ?     ? ? 
hydrog23 hydrog ?    ? A C   9  O2    ? ? ? 1_555 A G 42 N2 ? ? V C   14 V G 48 1_555 ? ? ? ? ? ? WATSON-CRICK  ?     ? ? 
hydrog24 hydrog ?    ? A C   10 N3    ? ? ? 1_555 A G 41 N1 ? ? V C   15 V G 47 1_555 ? ? ? ? ? ? WATSON-CRICK  ?     ? ? 
hydrog25 hydrog ?    ? A C   10 N4    ? ? ? 1_555 A G 41 O6 ? ? V C   15 V G 47 1_555 ? ? ? ? ? ? WATSON-CRICK  ?     ? ? 
hydrog26 hydrog ?    ? A C   10 O2    ? ? ? 1_555 A G 41 N2 ? ? V C   15 V G 47 1_555 ? ? ? ? ? ? WATSON-CRICK  ?     ? ? 
hydrog27 hydrog ?    ? A G   11 N1    ? ? ? 1_555 A C 40 N3 ? ? V G   16 V C 46 1_555 ? ? ? ? ? ? WATSON-CRICK  ?     ? ? 
hydrog28 hydrog ?    ? A G   11 N2    ? ? ? 1_555 A C 40 O2 ? ? V G   16 V C 46 1_555 ? ? ? ? ? ? WATSON-CRICK  ?     ? ? 
hydrog29 hydrog ?    ? A G   11 O6    ? ? ? 1_555 A C 40 N4 ? ? V G   16 V C 46 1_555 ? ? ? ? ? ? WATSON-CRICK  ?     ? ? 
hydrog30 hydrog ?    ? A U   12 O2    ? ? ? 1_555 A A 15 N6 ? ? V U   17 V A 20 1_555 ? ? ? ? ? ? 'U-A PAIR'    ?     ? ? 
hydrog31 hydrog ?    ? A U   12 N3    ? ? ? 1_555 A A 39 N1 ? ? V U   17 V A 45 1_555 ? ? ? ? ? ? WATSON-CRICK  ?     ? ? 
hydrog32 hydrog ?    ? A U   12 O4    ? ? ? 1_555 A A 39 N6 ? ? V U   17 V A 45 1_555 ? ? ? ? ? ? WATSON-CRICK  ?     ? ? 
hydrog33 hydrog ?    ? A A   15 N6    ? ? ? 1_555 A C 40 O2 ? ? V A   20 V C 46 1_555 ? ? ? ? ? ? 'A-C MISPAIR' ?     ? ? 
hydrog34 hydrog ?    ? A A   16 N6    ? ? ? 1_555 A A 39 N3 ? ? V A   21 V A 45 1_555 ? ? ? ? ? ? 'A-A MISPAIR' ?     ? ? 
hydrog35 hydrog ?    ? A G   20 N1    ? ? ? 1_555 A C 37 N3 ? ? V G   25 V C 43 1_555 ? ? ? ? ? ? WATSON-CRICK  ?     ? ? 
hydrog36 hydrog ?    ? A G   20 N2    ? ? ? 1_555 A C 37 O2 ? ? V G   25 V C 43 1_555 ? ? ? ? ? ? WATSON-CRICK  ?     ? ? 
hydrog37 hydrog ?    ? A G   20 O6    ? ? ? 1_555 A C 37 N4 ? ? V G   25 V C 43 1_555 ? ? ? ? ? ? WATSON-CRICK  ?     ? ? 
hydrog38 hydrog ?    ? A U   21 N3    ? ? ? 1_555 A A 36 N1 ? ? V U   26 V A 42 1_555 ? ? ? ? ? ? WATSON-CRICK  ?     ? ? 
hydrog39 hydrog ?    ? A U   21 O4    ? ? ? 1_555 A A 36 N6 ? ? V U   26 V A 42 1_555 ? ? ? ? ? ? WATSON-CRICK  ?     ? ? 
hydrog40 hydrog ?    ? A U   22 N3    ? ? ? 1_555 A A 35 N1 ? ? V U   27 V A 41 1_555 ? ? ? ? ? ? WATSON-CRICK  ?     ? ? 
hydrog41 hydrog ?    ? A U   22 O4    ? ? ? 1_555 A A 35 N6 ? ? V U   27 V A 41 1_555 ? ? ? ? ? ? WATSON-CRICK  ?     ? ? 
hydrog42 hydrog ?    ? A C   23 N3    ? ? ? 1_555 A G 34 N1 ? ? V C   28 V G 40 1_555 ? ? ? ? ? ? WATSON-CRICK  ?     ? ? 
hydrog43 hydrog ?    ? A C   23 N4    ? ? ? 1_555 A G 34 O6 ? ? V C   28 V G 40 1_555 ? ? ? ? ? ? WATSON-CRICK  ?     ? ? 
hydrog44 hydrog ?    ? A C   23 O2    ? ? ? 1_555 A G 34 N2 ? ? V C   28 V G 40 1_555 ? ? ? ? ? ? WATSON-CRICK  ?     ? ? 
hydrog45 hydrog ?    ? A C   24 N3    ? ? ? 1_555 A G 33 N1 ? ? V C   29 V G 39 1_555 ? ? ? ? ? ? WATSON-CRICK  ?     ? ? 
hydrog46 hydrog ?    ? A C   24 N4    ? ? ? 1_555 A G 33 O6 ? ? V C   29 V G 39 1_555 ? ? ? ? ? ? WATSON-CRICK  ?     ? ? 
hydrog47 hydrog ?    ? A C   24 O2    ? ? ? 1_555 A G 33 N2 ? ? V C   29 V G 39 1_555 ? ? ? ? ? ? WATSON-CRICK  ?     ? ? 
hydrog48 hydrog ?    ? A U   25 N3    ? ? ? 1_555 A A 32 N1 ? ? V U   30 V A 38 1_555 ? ? ? ? ? ? WATSON-CRICK  ?     ? ? 
hydrog49 hydrog ?    ? A U   25 O4    ? ? ? 1_555 A A 32 N6 ? ? V U   30 V A 38 1_555 ? ? ? ? ? ? WATSON-CRICK  ?     ? ? 
hydrog50 hydrog ?    ? A C   26 N3    ? ? ? 1_555 A G 31 N1 ? ? V C   31 V G 37 1_555 ? ? ? ? ? ? WATSON-CRICK  ?     ? ? 
hydrog51 hydrog ?    ? A C   26 N4    ? ? ? 1_555 A G 31 O6 ? ? V C   31 V G 37 1_555 ? ? ? ? ? ? WATSON-CRICK  ?     ? ? 
hydrog52 hydrog ?    ? A C   26 O2    ? ? ? 1_555 A G 31 N2 ? ? V C   31 V G 37 1_555 ? ? ? ? ? ? WATSON-CRICK  ?     ? ? 
hydrog53 hydrog ?    ? A G   27 N2    ? ? ? 1_555 A A 30 N7 ? ? V G   32 V A 35 1_555 ? ? ? ? ? ? 'G-A MISPAIR' ?     ? ? 
# 
loop_
_struct_conn_type.id 
_struct_conn_type.criteria 
_struct_conn_type.reference 
covale ? ? 
hydrog ? ? 
# 
_pdbx_entry_details.entry_id                 7WIB 
_pdbx_entry_details.nonpolymer_details       ? 
_pdbx_entry_details.sequence_details         ? 
_pdbx_entry_details.compound_details         ? 
_pdbx_entry_details.source_details           ? 
_pdbx_entry_details.has_ligand_of_interest   Y 
# 
loop_
_chem_comp_atom.comp_id 
_chem_comp_atom.atom_id 
_chem_comp_atom.type_symbol 
_chem_comp_atom.pdbx_aromatic_flag 
_chem_comp_atom.pdbx_stereo_config 
_chem_comp_atom.pdbx_ordinal 
A   OP3    O N N 1   
A   P      P N N 2   
A   OP1    O N N 3   
A   OP2    O N N 4   
A   "O5'"  O N N 5   
A   "C5'"  C N N 6   
A   "C4'"  C N R 7   
A   "O4'"  O N N 8   
A   "C3'"  C N S 9   
A   "O3'"  O N N 10  
A   "C2'"  C N R 11  
A   "O2'"  O N N 12  
A   "C1'"  C N R 13  
A   N9     N Y N 14  
A   C8     C Y N 15  
A   N7     N Y N 16  
A   C5     C Y N 17  
A   C6     C Y N 18  
A   N6     N N N 19  
A   N1     N Y N 20  
A   C2     C Y N 21  
A   N3     N Y N 22  
A   C4     C Y N 23  
A   HOP3   H N N 24  
A   HOP2   H N N 25  
A   "H5'"  H N N 26  
A   "H5''" H N N 27  
A   "H4'"  H N N 28  
A   "H3'"  H N N 29  
A   "HO3'" H N N 30  
A   "H2'"  H N N 31  
A   "HO2'" H N N 32  
A   "H1'"  H N N 33  
A   H8     H N N 34  
A   H61    H N N 35  
A   H62    H N N 36  
A   H2     H N N 37  
C   OP3    O N N 38  
C   P      P N N 39  
C   OP1    O N N 40  
C   OP2    O N N 41  
C   "O5'"  O N N 42  
C   "C5'"  C N N 43  
C   "C4'"  C N R 44  
C   "O4'"  O N N 45  
C   "C3'"  C N S 46  
C   "O3'"  O N N 47  
C   "C2'"  C N R 48  
C   "O2'"  O N N 49  
C   "C1'"  C N R 50  
C   N1     N N N 51  
C   C2     C N N 52  
C   O2     O N N 53  
C   N3     N N N 54  
C   C4     C N N 55  
C   N4     N N N 56  
C   C5     C N N 57  
C   C6     C N N 58  
C   HOP3   H N N 59  
C   HOP2   H N N 60  
C   "H5'"  H N N 61  
C   "H5''" H N N 62  
C   "H4'"  H N N 63  
C   "H3'"  H N N 64  
C   "HO3'" H N N 65  
C   "H2'"  H N N 66  
C   "HO2'" H N N 67  
C   "H1'"  H N N 68  
C   H41    H N N 69  
C   H42    H N N 70  
C   H5     H N N 71  
C   H6     H N N 72  
G   OP3    O N N 73  
G   P      P N N 74  
G   OP1    O N N 75  
G   OP2    O N N 76  
G   "O5'"  O N N 77  
G   "C5'"  C N N 78  
G   "C4'"  C N R 79  
G   "O4'"  O N N 80  
G   "C3'"  C N S 81  
G   "O3'"  O N N 82  
G   "C2'"  C N R 83  
G   "O2'"  O N N 84  
G   "C1'"  C N R 85  
G   N9     N Y N 86  
G   C8     C Y N 87  
G   N7     N Y N 88  
G   C5     C Y N 89  
G   C6     C N N 90  
G   O6     O N N 91  
G   N1     N N N 92  
G   C2     C N N 93  
G   N2     N N N 94  
G   N3     N N N 95  
G   C4     C Y N 96  
G   HOP3   H N N 97  
G   HOP2   H N N 98  
G   "H5'"  H N N 99  
G   "H5''" H N N 100 
G   "H4'"  H N N 101 
G   "H3'"  H N N 102 
G   "HO3'" H N N 103 
G   "H2'"  H N N 104 
G   "HO2'" H N N 105 
G   "H1'"  H N N 106 
G   H8     H N N 107 
G   H1     H N N 108 
G   H21    H N N 109 
G   H22    H N N 110 
GTP PG     P N N 111 
GTP O1G    O N N 112 
GTP O2G    O N N 113 
GTP O3G    O N N 114 
GTP O3B    O N N 115 
GTP PB     P N N 116 
GTP O1B    O N N 117 
GTP O2B    O N N 118 
GTP O3A    O N N 119 
GTP PA     P N N 120 
GTP O1A    O N N 121 
GTP O2A    O N N 122 
GTP "O5'"  O N N 123 
GTP "C5'"  C N N 124 
GTP "C4'"  C N R 125 
GTP "O4'"  O N N 126 
GTP "C3'"  C N S 127 
GTP "O3'"  O N N 128 
GTP "C2'"  C N R 129 
GTP "O2'"  O N N 130 
GTP "C1'"  C N R 131 
GTP N9     N Y N 132 
GTP C8     C Y N 133 
GTP N7     N Y N 134 
GTP C5     C Y N 135 
GTP C6     C N N 136 
GTP O6     O N N 137 
GTP N1     N N N 138 
GTP C2     C N N 139 
GTP N2     N N N 140 
GTP N3     N N N 141 
GTP C4     C Y N 142 
GTP HOG2   H N N 143 
GTP HOG3   H N N 144 
GTP HOB2   H N N 145 
GTP HOA2   H N N 146 
GTP "H5'"  H N N 147 
GTP "H5''" H N N 148 
GTP "H4'"  H N N 149 
GTP "H3'"  H N N 150 
GTP "HO3'" H N N 151 
GTP "H2'"  H N N 152 
GTP "HO2'" H N N 153 
GTP "H1'"  H N N 154 
GTP H8     H N N 155 
GTP HN1    H N N 156 
GTP HN21   H N N 157 
GTP HN22   H N N 158 
THG N3     N Y N 159 
THG C2     C Y N 160 
THG N1     N Y N 161 
THG C8A    C Y N 162 
THG C4A    C Y N 163 
THG C4     C Y N 164 
THG N8     N N N 165 
THG C7     C N N 166 
THG C6     C N S 167 
THG N5     N N N 168 
THG C9     C N N 169 
THG N10    N N N 170 
THG "C4'"  C Y N 171 
THG "C3'"  C Y N 172 
THG "C2'"  C Y N 173 
THG "C1'"  C Y N 174 
THG "C6'"  C Y N 175 
THG "C5'"  C Y N 176 
THG C11    C N N 177 
THG N      N N N 178 
THG CA     C N S 179 
THG C      C N N 180 
THG OX2    O N N 181 
THG OX1    O N N 182 
THG CB     C N N 183 
THG CG     C N N 184 
THG CD     C N N 185 
THG OE1    O N N 186 
THG OE2    O N N 187 
THG O11    O N N 188 
THG O4     O N N 189 
THG N2     N N N 190 
THG HN3    H N N 191 
THG HN8    H N N 192 
THG HC71   H N N 193 
THG HC72   H N N 194 
THG HC6    H N N 195 
THG HN5    H N N 196 
THG HC91   H N N 197 
THG HC92   H N N 198 
THG H10    H N N 199 
THG HC3    H N N 200 
THG HC2    H N N 201 
THG HC61   H N N 202 
THG HC5    H N N 203 
THG HN     H N N 204 
THG HCA    H N N 205 
THG HX2    H N N 206 
THG HCB1   H N N 207 
THG HCB2   H N N 208 
THG HCG1   H N N 209 
THG HCG2   H N N 210 
THG HE2    H N N 211 
THG HN21   H N N 212 
THG HN22   H N N 213 
U   OP3    O N N 214 
U   P      P N N 215 
U   OP1    O N N 216 
U   OP2    O N N 217 
U   "O5'"  O N N 218 
U   "C5'"  C N N 219 
U   "C4'"  C N R 220 
U   "O4'"  O N N 221 
U   "C3'"  C N S 222 
U   "O3'"  O N N 223 
U   "C2'"  C N R 224 
U   "O2'"  O N N 225 
U   "C1'"  C N R 226 
U   N1     N N N 227 
U   C2     C N N 228 
U   O2     O N N 229 
U   N3     N N N 230 
U   C4     C N N 231 
U   O4     O N N 232 
U   C5     C N N 233 
U   C6     C N N 234 
U   HOP3   H N N 235 
U   HOP2   H N N 236 
U   "H5'"  H N N 237 
U   "H5''" H N N 238 
U   "H4'"  H N N 239 
U   "H3'"  H N N 240 
U   "HO3'" H N N 241 
U   "H2'"  H N N 242 
U   "HO2'" H N N 243 
U   "H1'"  H N N 244 
U   H3     H N N 245 
U   H5     H N N 246 
U   H6     H N N 247 
# 
loop_
_chem_comp_bond.comp_id 
_chem_comp_bond.atom_id_1 
_chem_comp_bond.atom_id_2 
_chem_comp_bond.value_order 
_chem_comp_bond.pdbx_aromatic_flag 
_chem_comp_bond.pdbx_stereo_config 
_chem_comp_bond.pdbx_ordinal 
A   OP3   P      sing N N 1   
A   OP3   HOP3   sing N N 2   
A   P     OP1    doub N N 3   
A   P     OP2    sing N N 4   
A   P     "O5'"  sing N N 5   
A   OP2   HOP2   sing N N 6   
A   "O5'" "C5'"  sing N N 7   
A   "C5'" "C4'"  sing N N 8   
A   "C5'" "H5'"  sing N N 9   
A   "C5'" "H5''" sing N N 10  
A   "C4'" "O4'"  sing N N 11  
A   "C4'" "C3'"  sing N N 12  
A   "C4'" "H4'"  sing N N 13  
A   "O4'" "C1'"  sing N N 14  
A   "C3'" "O3'"  sing N N 15  
A   "C3'" "C2'"  sing N N 16  
A   "C3'" "H3'"  sing N N 17  
A   "O3'" "HO3'" sing N N 18  
A   "C2'" "O2'"  sing N N 19  
A   "C2'" "C1'"  sing N N 20  
A   "C2'" "H2'"  sing N N 21  
A   "O2'" "HO2'" sing N N 22  
A   "C1'" N9     sing N N 23  
A   "C1'" "H1'"  sing N N 24  
A   N9    C8     sing Y N 25  
A   N9    C4     sing Y N 26  
A   C8    N7     doub Y N 27  
A   C8    H8     sing N N 28  
A   N7    C5     sing Y N 29  
A   C5    C6     sing Y N 30  
A   C5    C4     doub Y N 31  
A   C6    N6     sing N N 32  
A   C6    N1     doub Y N 33  
A   N6    H61    sing N N 34  
A   N6    H62    sing N N 35  
A   N1    C2     sing Y N 36  
A   C2    N3     doub Y N 37  
A   C2    H2     sing N N 38  
A   N3    C4     sing Y N 39  
C   OP3   P      sing N N 40  
C   OP3   HOP3   sing N N 41  
C   P     OP1    doub N N 42  
C   P     OP2    sing N N 43  
C   P     "O5'"  sing N N 44  
C   OP2   HOP2   sing N N 45  
C   "O5'" "C5'"  sing N N 46  
C   "C5'" "C4'"  sing N N 47  
C   "C5'" "H5'"  sing N N 48  
C   "C5'" "H5''" sing N N 49  
C   "C4'" "O4'"  sing N N 50  
C   "C4'" "C3'"  sing N N 51  
C   "C4'" "H4'"  sing N N 52  
C   "O4'" "C1'"  sing N N 53  
C   "C3'" "O3'"  sing N N 54  
C   "C3'" "C2'"  sing N N 55  
C   "C3'" "H3'"  sing N N 56  
C   "O3'" "HO3'" sing N N 57  
C   "C2'" "O2'"  sing N N 58  
C   "C2'" "C1'"  sing N N 59  
C   "C2'" "H2'"  sing N N 60  
C   "O2'" "HO2'" sing N N 61  
C   "C1'" N1     sing N N 62  
C   "C1'" "H1'"  sing N N 63  
C   N1    C2     sing N N 64  
C   N1    C6     sing N N 65  
C   C2    O2     doub N N 66  
C   C2    N3     sing N N 67  
C   N3    C4     doub N N 68  
C   C4    N4     sing N N 69  
C   C4    C5     sing N N 70  
C   N4    H41    sing N N 71  
C   N4    H42    sing N N 72  
C   C5    C6     doub N N 73  
C   C5    H5     sing N N 74  
C   C6    H6     sing N N 75  
G   OP3   P      sing N N 76  
G   OP3   HOP3   sing N N 77  
G   P     OP1    doub N N 78  
G   P     OP2    sing N N 79  
G   P     "O5'"  sing N N 80  
G   OP2   HOP2   sing N N 81  
G   "O5'" "C5'"  sing N N 82  
G   "C5'" "C4'"  sing N N 83  
G   "C5'" "H5'"  sing N N 84  
G   "C5'" "H5''" sing N N 85  
G   "C4'" "O4'"  sing N N 86  
G   "C4'" "C3'"  sing N N 87  
G   "C4'" "H4'"  sing N N 88  
G   "O4'" "C1'"  sing N N 89  
G   "C3'" "O3'"  sing N N 90  
G   "C3'" "C2'"  sing N N 91  
G   "C3'" "H3'"  sing N N 92  
G   "O3'" "HO3'" sing N N 93  
G   "C2'" "O2'"  sing N N 94  
G   "C2'" "C1'"  sing N N 95  
G   "C2'" "H2'"  sing N N 96  
G   "O2'" "HO2'" sing N N 97  
G   "C1'" N9     sing N N 98  
G   "C1'" "H1'"  sing N N 99  
G   N9    C8     sing Y N 100 
G   N9    C4     sing Y N 101 
G   C8    N7     doub Y N 102 
G   C8    H8     sing N N 103 
G   N7    C5     sing Y N 104 
G   C5    C6     sing N N 105 
G   C5    C4     doub Y N 106 
G   C6    O6     doub N N 107 
G   C6    N1     sing N N 108 
G   N1    C2     sing N N 109 
G   N1    H1     sing N N 110 
G   C2    N2     sing N N 111 
G   C2    N3     doub N N 112 
G   N2    H21    sing N N 113 
G   N2    H22    sing N N 114 
G   N3    C4     sing N N 115 
GTP PG    O1G    doub N N 116 
GTP PG    O2G    sing N N 117 
GTP PG    O3G    sing N N 118 
GTP PG    O3B    sing N N 119 
GTP O2G   HOG2   sing N N 120 
GTP O3G   HOG3   sing N N 121 
GTP O3B   PB     sing N N 122 
GTP PB    O1B    doub N N 123 
GTP PB    O2B    sing N N 124 
GTP PB    O3A    sing N N 125 
GTP O2B   HOB2   sing N N 126 
GTP O3A   PA     sing N N 127 
GTP PA    O1A    doub N N 128 
GTP PA    O2A    sing N N 129 
GTP PA    "O5'"  sing N N 130 
GTP O2A   HOA2   sing N N 131 
GTP "O5'" "C5'"  sing N N 132 
GTP "C5'" "C4'"  sing N N 133 
GTP "C5'" "H5'"  sing N N 134 
GTP "C5'" "H5''" sing N N 135 
GTP "C4'" "O4'"  sing N N 136 
GTP "C4'" "C3'"  sing N N 137 
GTP "C4'" "H4'"  sing N N 138 
GTP "O4'" "C1'"  sing N N 139 
GTP "C3'" "O3'"  sing N N 140 
GTP "C3'" "C2'"  sing N N 141 
GTP "C3'" "H3'"  sing N N 142 
GTP "O3'" "HO3'" sing N N 143 
GTP "C2'" "O2'"  sing N N 144 
GTP "C2'" "C1'"  sing N N 145 
GTP "C2'" "H2'"  sing N N 146 
GTP "O2'" "HO2'" sing N N 147 
GTP "C1'" N9     sing N N 148 
GTP "C1'" "H1'"  sing N N 149 
GTP N9    C8     sing Y N 150 
GTP N9    C4     sing Y N 151 
GTP C8    N7     doub Y N 152 
GTP C8    H8     sing N N 153 
GTP N7    C5     sing Y N 154 
GTP C5    C6     sing N N 155 
GTP C5    C4     doub Y N 156 
GTP C6    O6     doub N N 157 
GTP C6    N1     sing N N 158 
GTP N1    C2     sing N N 159 
GTP N1    HN1    sing N N 160 
GTP C2    N2     sing N N 161 
GTP C2    N3     doub N N 162 
GTP N2    HN21   sing N N 163 
GTP N2    HN22   sing N N 164 
GTP N3    C4     sing N N 165 
THG N3    C2     sing Y N 166 
THG N3    C4     sing Y N 167 
THG N3    HN3    sing N N 168 
THG C2    N1     doub Y N 169 
THG C2    N2     sing N N 170 
THG N1    C8A    sing Y N 171 
THG C8A   C4A    doub Y N 172 
THG C8A   N8     sing N N 173 
THG C4A   C4     sing Y N 174 
THG C4A   N5     sing N N 175 
THG C4    O4     doub N N 176 
THG N8    C7     sing N N 177 
THG N8    HN8    sing N N 178 
THG C7    C6     sing N N 179 
THG C7    HC71   sing N N 180 
THG C7    HC72   sing N N 181 
THG C6    N5     sing N N 182 
THG C6    C9     sing N N 183 
THG C6    HC6    sing N N 184 
THG N5    HN5    sing N N 185 
THG C9    N10    sing N N 186 
THG C9    HC91   sing N N 187 
THG C9    HC92   sing N N 188 
THG N10   "C4'"  sing N N 189 
THG N10   H10    sing N N 190 
THG "C4'" "C3'"  doub Y N 191 
THG "C4'" "C5'"  sing Y N 192 
THG "C3'" "C2'"  sing Y N 193 
THG "C3'" HC3    sing N N 194 
THG "C2'" "C1'"  doub Y N 195 
THG "C2'" HC2    sing N N 196 
THG "C1'" "C6'"  sing Y N 197 
THG "C1'" C11    sing N N 198 
THG "C6'" "C5'"  doub Y N 199 
THG "C6'" HC61   sing N N 200 
THG "C5'" HC5    sing N N 201 
THG C11   N      sing N N 202 
THG C11   O11    doub N N 203 
THG N     CA     sing N N 204 
THG N     HN     sing N N 205 
THG CA    C      sing N N 206 
THG CA    CB     sing N N 207 
THG CA    HCA    sing N N 208 
THG C     OX2    sing N N 209 
THG C     OX1    doub N N 210 
THG OX2   HX2    sing N N 211 
THG CB    CG     sing N N 212 
THG CB    HCB1   sing N N 213 
THG CB    HCB2   sing N N 214 
THG CG    CD     sing N N 215 
THG CG    HCG1   sing N N 216 
THG CG    HCG2   sing N N 217 
THG CD    OE1    doub N N 218 
THG CD    OE2    sing N N 219 
THG OE2   HE2    sing N N 220 
THG N2    HN21   sing N N 221 
THG N2    HN22   sing N N 222 
U   OP3   P      sing N N 223 
U   OP3   HOP3   sing N N 224 
U   P     OP1    doub N N 225 
U   P     OP2    sing N N 226 
U   P     "O5'"  sing N N 227 
U   OP2   HOP2   sing N N 228 
U   "O5'" "C5'"  sing N N 229 
U   "C5'" "C4'"  sing N N 230 
U   "C5'" "H5'"  sing N N 231 
U   "C5'" "H5''" sing N N 232 
U   "C4'" "O4'"  sing N N 233 
U   "C4'" "C3'"  sing N N 234 
U   "C4'" "H4'"  sing N N 235 
U   "O4'" "C1'"  sing N N 236 
U   "C3'" "O3'"  sing N N 237 
U   "C3'" "C2'"  sing N N 238 
U   "C3'" "H3'"  sing N N 239 
U   "O3'" "HO3'" sing N N 240 
U   "C2'" "O2'"  sing N N 241 
U   "C2'" "C1'"  sing N N 242 
U   "C2'" "H2'"  sing N N 243 
U   "O2'" "HO2'" sing N N 244 
U   "C1'" N1     sing N N 245 
U   "C1'" "H1'"  sing N N 246 
U   N1    C2     sing N N 247 
U   N1    C6     sing N N 248 
U   C2    O2     doub N N 249 
U   C2    N3     sing N N 250 
U   N3    C4     sing N N 251 
U   N3    H3     sing N N 252 
U   C4    O4     doub N N 253 
U   C4    C5     sing N N 254 
U   C5    C6     doub N N 255 
U   C5    H5     sing N N 256 
U   C6    H6     sing N N 257 
# 
loop_
_ndb_struct_conf_na.entry_id 
_ndb_struct_conf_na.feature 
7WIB 'double helix'         
7WIB 'a-form double helix'  
7WIB 'hairpin loop'         
7WIB tetraloop              
7WIB 'mismatched base pair' 
7WIB 'internal loop'        
7WIB 'triple helix'         
# 
loop_
_ndb_struct_na_base_pair.model_number 
_ndb_struct_na_base_pair.i_label_asym_id 
_ndb_struct_na_base_pair.i_label_comp_id 
_ndb_struct_na_base_pair.i_label_seq_id 
_ndb_struct_na_base_pair.i_symmetry 
_ndb_struct_na_base_pair.j_label_asym_id 
_ndb_struct_na_base_pair.j_label_comp_id 
_ndb_struct_na_base_pair.j_label_seq_id 
_ndb_struct_na_base_pair.j_symmetry 
_ndb_struct_na_base_pair.shear 
_ndb_struct_na_base_pair.stretch 
_ndb_struct_na_base_pair.stagger 
_ndb_struct_na_base_pair.buckle 
_ndb_struct_na_base_pair.propeller 
_ndb_struct_na_base_pair.opening 
_ndb_struct_na_base_pair.pair_number 
_ndb_struct_na_base_pair.pair_name 
_ndb_struct_na_base_pair.i_auth_asym_id 
_ndb_struct_na_base_pair.i_auth_seq_id 
_ndb_struct_na_base_pair.i_PDB_ins_code 
_ndb_struct_na_base_pair.j_auth_asym_id 
_ndb_struct_na_base_pair.j_auth_seq_id 
_ndb_struct_na_base_pair.j_PDB_ins_code 
_ndb_struct_na_base_pair.hbond_type_28 
_ndb_struct_na_base_pair.hbond_type_12 
1 A GTP 1  1_555 A C 50 1_555 -0.743 0.023  -0.010 -7.428 -6.943  4.182  1  V_GTP6:C56_V V 6  ? V 56 ? 19 1 
1 A G   2  1_555 A C 49 1_555 -0.892 -0.201 0.011  -3.002 -8.014  4.504  2  V_G7:C55_V   V 7  ? V 55 ? 19 1 
1 A C   3  1_555 A G 48 1_555 0.620  -0.251 -0.025 4.067  -10.049 2.042  3  V_C8:G54_V   V 8  ? V 54 ? 19 1 
1 A G   4  1_555 A C 47 1_555 -0.197 -0.210 0.238  -5.513 -10.810 -1.235 4  V_G9:C53_V   V 9  ? V 53 ? 19 1 
1 A U   5  1_555 A A 46 1_555 0.232  0.020  0.389  -1.050 -10.306 6.989  5  V_U10:A52_V  V 10 ? V 52 ? 20 1 
1 A G   6  1_555 A G 45 1_555 -2.506 -3.145 -0.283 15.852 -4.238  82.160 6  V_G11:G51_V  V 11 ? V 51 ? 6  3 
1 A G   7  1_555 A A 44 1_555 0.039  1.623  -0.489 8.986  -10.108 -0.280 7  V_G12:A50_V  V 12 ? V 50 ? 8  1 
1 A U   8  1_555 A G 43 1_555 2.260  -0.319 0.106  8.202  -9.576  6.244  8  V_U13:G49_V  V 13 ? V 49 ? 28 1 
1 A C   9  1_555 A G 42 1_555 0.047  -0.364 -0.290 11.428 -10.905 -4.315 9  V_C14:G48_V  V 14 ? V 48 ? 19 1 
1 A C   10 1_555 A G 41 1_555 0.170  -0.194 -0.149 7.870  -6.226  2.765  10 V_C15:G47_V  V 15 ? V 47 ? 19 1 
1 A G   11 1_555 A C 40 1_555 -0.281 -0.159 -0.071 -4.878 -16.262 3.109  11 V_G16:C46_V  V 16 ? V 46 ? 19 1 
1 A U   12 1_555 A A 39 1_555 0.183  0.167  -0.379 13.454 0.897   6.355  12 V_U17:A45_V  V 17 ? V 45 ? 20 1 
1 A G   20 1_555 A C 37 1_555 -0.986 -0.397 0.235  -5.148 -13.284 0.572  13 V_G25:C43_V  V 25 ? V 43 ? 19 1 
1 A U   21 1_555 A A 36 1_555 -0.260 -0.343 0.238  -5.406 -13.913 -4.136 14 V_U26:A42_V  V 26 ? V 42 ? 20 1 
1 A U   22 1_555 A A 35 1_555 -0.621 -0.216 0.024  2.935  -11.464 -2.373 15 V_U27:A41_V  V 27 ? V 41 ? 20 1 
1 A C   23 1_555 A G 34 1_555 0.177  0.182  0.013  8.055  -8.191  3.319  16 V_C28:G40_V  V 28 ? V 40 ? 19 1 
1 A C   24 1_555 A G 33 1_555 0.480  0.095  -0.140 5.843  -5.730  6.869  17 V_C29:G39_V  V 29 ? V 39 ? 19 1 
1 A U   25 1_555 A A 32 1_555 -0.742 -0.004 -0.187 7.216  -4.354  -2.334 18 V_U30:A38_V  V 30 ? V 38 ? 20 1 
1 A C   26 1_555 A G 31 1_555 0.885  -0.087 -0.078 4.888  6.566   1.233  19 V_C31:G37_V  V 31 ? V 37 ? 19 1 
1 A G   27 1_555 A A 30 1_555 6.881  -5.318 1.277  16.480 8.145   -7.064 20 V_G32:A35_V  V 32 ? V 35 ? ?  ? 
# 
loop_
_ndb_struct_na_base_pair_step.model_number 
_ndb_struct_na_base_pair_step.i_label_asym_id_1 
_ndb_struct_na_base_pair_step.i_label_comp_id_1 
_ndb_struct_na_base_pair_step.i_label_seq_id_1 
_ndb_struct_na_base_pair_step.i_symmetry_1 
_ndb_struct_na_base_pair_step.j_label_asym_id_1 
_ndb_struct_na_base_pair_step.j_label_comp_id_1 
_ndb_struct_na_base_pair_step.j_label_seq_id_1 
_ndb_struct_na_base_pair_step.j_symmetry_1 
_ndb_struct_na_base_pair_step.i_label_asym_id_2 
_ndb_struct_na_base_pair_step.i_label_comp_id_2 
_ndb_struct_na_base_pair_step.i_label_seq_id_2 
_ndb_struct_na_base_pair_step.i_symmetry_2 
_ndb_struct_na_base_pair_step.j_label_asym_id_2 
_ndb_struct_na_base_pair_step.j_label_comp_id_2 
_ndb_struct_na_base_pair_step.j_label_seq_id_2 
_ndb_struct_na_base_pair_step.j_symmetry_2 
_ndb_struct_na_base_pair_step.shift 
_ndb_struct_na_base_pair_step.slide 
_ndb_struct_na_base_pair_step.rise 
_ndb_struct_na_base_pair_step.tilt 
_ndb_struct_na_base_pair_step.roll 
_ndb_struct_na_base_pair_step.twist 
_ndb_struct_na_base_pair_step.x_displacement 
_ndb_struct_na_base_pair_step.y_displacement 
_ndb_struct_na_base_pair_step.helical_rise 
_ndb_struct_na_base_pair_step.inclination 
_ndb_struct_na_base_pair_step.tip 
_ndb_struct_na_base_pair_step.helical_twist 
_ndb_struct_na_base_pair_step.step_number 
_ndb_struct_na_base_pair_step.step_name 
_ndb_struct_na_base_pair_step.i_auth_asym_id_1 
_ndb_struct_na_base_pair_step.i_auth_seq_id_1 
_ndb_struct_na_base_pair_step.i_PDB_ins_code_1 
_ndb_struct_na_base_pair_step.j_auth_asym_id_1 
_ndb_struct_na_base_pair_step.j_auth_seq_id_1 
_ndb_struct_na_base_pair_step.j_PDB_ins_code_1 
_ndb_struct_na_base_pair_step.i_auth_asym_id_2 
_ndb_struct_na_base_pair_step.i_auth_seq_id_2 
_ndb_struct_na_base_pair_step.i_PDB_ins_code_2 
_ndb_struct_na_base_pair_step.j_auth_asym_id_2 
_ndb_struct_na_base_pair_step.j_auth_seq_id_2 
_ndb_struct_na_base_pair_step.j_PDB_ins_code_2 
1 A GTP 1  1_555 A C 50 1_555 A G 2  1_555 A C 49 1_555 -0.115 -2.013 3.043  -2.333   4.766    29.329  -4.793 -0.206 2.691  9.316 
4.560   29.795  1  VV_GTP6G7:C55C56_VV V 6  ? V 56 ? V 7  ? V 55 ? 
1 A G   2  1_555 A C 49 1_555 A C 3  1_555 A G 48 1_555 -0.457 -1.486 3.038  -1.431   1.641    38.096  -2.465 0.532  2.988  2.511 
2.191   38.156  2  VV_G7C8:G54C55_VV   V 7  ? V 55 ? V 8  ? V 54 ? 
1 A C   3  1_555 A G 48 1_555 A G 4  1_555 A C 47 1_555 -0.282 -2.040 3.217  -2.180   11.976   26.887  -6.209 0.154  2.147  24.240 
4.413   29.468  3  VV_C8G9:C53G54_VV   V 8  ? V 54 ? V 9  ? V 53 ? 
1 A G   4  1_555 A C 47 1_555 A U 5  1_555 A A 46 1_555 0.483  -1.511 3.093  0.689    6.096    33.291  -3.488 -0.729 2.790  10.530 
-1.189  33.836  4  VV_G9U10:A52C53_VV  V 9  ? V 53 ? V 10 ? V 52 ? 
1 A U   5  1_555 A A 46 1_555 A G 6  1_555 A G 45 1_555 0.156  -3.036 -0.986 -168.617 34.162   162.020 -1.502 0.002  -1.092 17.091 
84.356  178.758 5  VV_U10G11:G51A52_VV V 10 ? V 52 ? V 11 ? V 51 ? 
1 A G   6  1_555 A G 45 1_555 A G 7  1_555 A A 44 1_555 -0.332 -3.570 -1.898 129.824  -104.651 135.486 -1.966 -0.055 -1.012 
-52.633 -65.293 174.992 6  VV_G11G12:A50G51_VV V 11 ? V 51 ? V 12 ? V 50 ? 
1 A G   7  1_555 A A 44 1_555 A U 8  1_555 A G 43 1_555 0.101  -1.485 3.219  -4.585   8.621    39.732  -3.014 -0.617 2.822  12.457 
6.625   40.867  7  VV_G12U13:G49A50_VV V 12 ? V 50 ? V 13 ? V 49 ? 
1 A U   8  1_555 A G 43 1_555 A C 9  1_555 A G 42 1_555 -0.185 -1.866 2.914  3.962    5.939    27.514  -4.933 1.132  2.416  12.228 
-8.157  28.408  8  VV_U13C14:G48G49_VV V 13 ? V 49 ? V 14 ? V 48 ? 
1 A C   9  1_555 A G 42 1_555 A C 10 1_555 A G 41 1_555 -0.227 -2.333 3.301  -3.374   8.273    26.768  -6.547 -0.250 2.492  17.270 
7.042   28.194  9  VV_C14C15:G47G48_VV V 14 ? V 48 ? V 15 ? V 47 ? 
1 A C   10 1_555 A G 41 1_555 A G 11 1_555 A C 40 1_555 0.208  -2.115 3.477  2.534    13.190   29.090  -6.065 0.050  2.333  24.669 
-4.740  31.980  10 VV_C15G16:C46G47_VV V 15 ? V 47 ? V 16 ? V 46 ? 
1 A G   11 1_555 A C 40 1_555 A U 12 1_555 A A 39 1_555 0.259  -1.255 3.015  1.417    5.124    29.838  -3.324 -0.241 2.774  9.852 
-2.725  30.297  11 VV_G16U17:A45C46_VV V 16 ? V 46 ? V 17 ? V 45 ? 
1 A G   20 1_555 A C 37 1_555 A U 21 1_555 A A 36 1_555 -0.689 -1.364 3.183  -1.637   4.440    38.114  -2.603 0.853  3.037  6.767 
2.494   38.396  12 VV_G25U26:A42C43_VV V 25 ? V 43 ? V 26 ? V 42 ? 
1 A U   21 1_555 A A 36 1_555 A U 22 1_555 A A 35 1_555 0.250  -1.471 2.919  1.140    4.177    28.592  -3.746 -0.282 2.689  8.396 
-2.292  28.911  13 VV_U26U27:A41A42_VV V 26 ? V 42 ? V 27 ? V 41 ? 
1 A U   22 1_555 A A 35 1_555 A C 23 1_555 A G 34 1_555 0.597  -1.645 3.302  -1.227   -0.496   34.089  -2.725 -1.214 3.302  -0.846 
2.091   34.114  14 VV_U27C28:G40A41_VV V 27 ? V 41 ? V 28 ? V 40 ? 
1 A C   23 1_555 A G 34 1_555 A C 24 1_555 A G 33 1_555 -0.207 -1.822 3.253  -0.394   4.384    30.916  -4.183 0.313  2.975  8.172 
0.734   31.220  15 VV_C28C29:G39G40_VV V 28 ? V 40 ? V 29 ? V 39 ? 
1 A C   24 1_555 A G 33 1_555 A U 25 1_555 A A 32 1_555 -0.723 -1.944 3.156  -1.188   6.073    26.019  -5.631 1.285  2.671  13.251 
2.593   26.732  16 VV_C29U30:A38G39_VV V 29 ? V 39 ? V 30 ? V 38 ? 
1 A U   25 1_555 A A 32 1_555 A C 26 1_555 A G 31 1_555 0.264  -1.786 3.370  -1.199   7.266    37.134  -3.669 -0.558 2.971  11.273 
1.861   37.832  17 VV_U30C31:G37A38_VV V 30 ? V 38 ? V 31 ? V 37 ? 
1 A C   26 1_555 A G 31 1_555 A G 27 1_555 A A 30 1_555 -1.676 -1.126 2.833  -3.651   12.332   53.885  -1.829 1.624  2.637  13.394 
3.966   55.286  18 VV_C31G32:A35G37_VV V 31 ? V 37 ? V 32 ? V 35 ? 
# 
_pdbx_audit_support.funding_organization   'National Natural Science Foundation of China (NSFC)' 
_pdbx_audit_support.country                China 
_pdbx_audit_support.grant_number           ? 
_pdbx_audit_support.ordinal                1 
# 
_pdbx_entity_instance_feature.ordinal        1 
_pdbx_entity_instance_feature.comp_id        THG 
_pdbx_entity_instance_feature.asym_id        ? 
_pdbx_entity_instance_feature.seq_num        ? 
_pdbx_entity_instance_feature.auth_comp_id   THG 
_pdbx_entity_instance_feature.auth_asym_id   ? 
_pdbx_entity_instance_feature.auth_seq_num   ? 
_pdbx_entity_instance_feature.feature_type   'SUBJECT OF INVESTIGATION' 
_pdbx_entity_instance_feature.details        ? 
# 
_pdbx_initial_refinement_model.id               1 
_pdbx_initial_refinement_model.entity_id_list   ? 
_pdbx_initial_refinement_model.type             'experimental model' 
_pdbx_initial_refinement_model.source_name      PDB 
_pdbx_initial_refinement_model.accession_code   7WI9 
_pdbx_initial_refinement_model.details          ? 
# 
_atom_sites.entry_id                    7WIB 
_atom_sites.Cartn_transf_matrix[1][1]   ? 
_atom_sites.Cartn_transf_matrix[1][2]   ? 
_atom_sites.Cartn_transf_matrix[1][3]   ? 
_atom_sites.Cartn_transf_matrix[2][1]   ? 
_atom_sites.Cartn_transf_matrix[2][2]   ? 
_atom_sites.Cartn_transf_matrix[2][3]   ? 
_atom_sites.Cartn_transf_matrix[3][1]   ? 
_atom_sites.Cartn_transf_matrix[3][2]   ? 
_atom_sites.Cartn_transf_matrix[3][3]   ? 
_atom_sites.Cartn_transf_vector[1]      ? 
_atom_sites.Cartn_transf_vector[2]      ? 
_atom_sites.Cartn_transf_vector[3]      ? 
_atom_sites.fract_transf_matrix[1][1]   -0.01621914 
_atom_sites.fract_transf_matrix[1][2]   -0.00087648 
_atom_sites.fract_transf_matrix[1][3]   0.00604739 
_atom_sites.fract_transf_matrix[2][1]   -0.01100267 
_atom_sites.fract_transf_matrix[2][2]   0.01310145 
_atom_sites.fract_transf_matrix[2][3]   -0.00277335 
_atom_sites.fract_transf_matrix[3][1]   -0.00328121 
_atom_sites.fract_transf_matrix[3][2]   -0.00476462 
_atom_sites.fract_transf_matrix[3][3]   -0.00949080 
_atom_sites.fract_transf_vector[1]      0.045715 
_atom_sites.fract_transf_vector[2]      -0.469208 
_atom_sites.fract_transf_vector[3]      -0.039560 
_atom_sites.solution_primary            ? 
_atom_sites.solution_secondary          ? 
_atom_sites.solution_hydrogens          ? 
_atom_sites.special_details             ? 
# 
loop_
_atom_type.symbol 
C 
H 
N 
O 
P 
# 
loop_
_atom_site.group_PDB 
_atom_site.id 
_atom_site.type_symbol 
_atom_site.label_atom_id 
_atom_site.label_alt_id 
_atom_site.label_comp_id 
_atom_site.label_asym_id 
_atom_site.label_entity_id 
_atom_site.label_seq_id 
_atom_site.pdbx_PDB_ins_code 
_atom_site.Cartn_x 
_atom_site.Cartn_y 
_atom_site.Cartn_z 
_atom_site.occupancy 
_atom_site.B_iso_or_equiv 
_atom_site.pdbx_formal_charge 
_atom_site.auth_seq_id 
_atom_site.auth_comp_id 
_atom_site.auth_asym_id 
_atom_site.auth_atom_id 
_atom_site.pdbx_PDB_model_num 
HETATM 1    O O3B   . GTP A 1 1  ? 16.62303  19.06357  -13.66465 1.000 148.72738 ? 6   GTP V O3B   1 
HETATM 2    P PB    . GTP A 1 1  ? 16.30740  20.32865  -12.73503 1.000 179.04440 ? 6   GTP V PB    1 
HETATM 3    O O1B   . GTP A 1 1  ? 16.90198  20.09729  -11.40191 1.000 175.77793 ? 6   GTP V O1B   1 
HETATM 4    O O2B   . GTP A 1 1  ? 16.64997  21.55522  -13.48513 1.000 164.51318 ? 6   GTP V O2B   1 
HETATM 5    O O3A   . GTP A 1 1  ? 14.71211  20.23364  -12.61651 1.000 160.66726 ? 6   GTP V O3A   1 
HETATM 6    P PA    . GTP A 1 1  ? 13.71506  19.09188  -12.10598 1.000 159.28350 ? 6   GTP V PA    1 
HETATM 7    O O1A   . GTP A 1 1  ? 13.81596  18.98669  -10.62836 1.000 156.32233 ? 6   GTP V O1A   1 
HETATM 8    O O2A   . GTP A 1 1  ? 13.92295  17.86711  -12.91999 1.000 148.26432 ? 6   GTP V O2A   1 
HETATM 9    O "O5'" . GTP A 1 1  ? 12.32132  19.76679  -12.50147 1.000 137.97432 ? 6   GTP V "O5'" 1 
HETATM 10   C "C5'" . GTP A 1 1  ? 11.92984  20.93478  -11.74541 1.000 127.68478 ? 6   GTP V "C5'" 1 
HETATM 11   C "C4'" . GTP A 1 1  ? 10.72907  21.57423  -12.39885 1.000 132.21907 ? 6   GTP V "C4'" 1 
HETATM 12   O "O4'" . GTP A 1 1  ? 11.11159  22.16034  -13.66305 1.000 129.30509 ? 6   GTP V "O4'" 1 
HETATM 13   C "C3'" . GTP A 1 1  ? 9.57024   20.63525  -12.74426 1.000 134.07289 ? 6   GTP V "C3'" 1 
HETATM 14   O "O3'" . GTP A 1 1  ? 8.74989   20.34663  -11.61845 1.000 146.77086 ? 6   GTP V "O3'" 1 
HETATM 15   C "C2'" . GTP A 1 1  ? 8.86428   21.44791  -13.83163 1.000 126.34324 ? 6   GTP V "C2'" 1 
HETATM 16   O "O2'" . GTP A 1 1  ? 8.20278   22.55935  -13.26727 1.000 131.15928 ? 6   GTP V "O2'" 1 
HETATM 17   C "C1'" . GTP A 1 1  ? 10.07749  21.94215  -14.62012 1.000 121.82248 ? 6   GTP V "C1'" 1 
HETATM 18   N N9    . GTP A 1 1  ? 10.56741  21.01837  -15.64077 1.000 115.75408 ? 6   GTP V N9    1 
HETATM 19   C C8    . GTP A 1 1  ? 11.80792  20.43425  -15.70012 1.000 119.91254 ? 6   GTP V C8    1 
HETATM 20   N N7    . GTP A 1 1  ? 11.97073  19.64826  -16.73574 1.000 107.20759 ? 6   GTP V N7    1 
HETATM 21   C C5    . GTP A 1 1  ? 10.75560  19.72051  -17.40647 1.000 111.70473 ? 6   GTP V C5    1 
HETATM 22   C C6    . GTP A 1 1  ? 10.33806  19.08045  -18.60175 1.000 113.85829 ? 6   GTP V C6    1 
HETATM 23   O O6    . GTP A 1 1  ? 10.98070  18.30156  -19.32049 1.000 113.78133 ? 6   GTP V O6    1 
HETATM 24   N N1    . GTP A 1 1  ? 9.03041   19.42840  -18.93501 1.000 110.29226 ? 6   GTP V N1    1 
HETATM 25   C C2    . GTP A 1 1  ? 8.22568   20.27845  -18.21572 1.000 116.95337 ? 6   GTP V C2    1 
HETATM 26   N N2    . GTP A 1 1  ? 6.99163   20.49092  -18.69633 1.000 110.18749 ? 6   GTP V N2    1 
HETATM 27   N N3    . GTP A 1 1  ? 8.61036   20.88208  -17.09333 1.000 116.83657 ? 6   GTP V N3    1 
HETATM 28   C C4    . GTP A 1 1  ? 9.88164   20.55787  -16.75054 1.000 115.76708 ? 6   GTP V C4    1 
ATOM   29   P P     . G   A 1 2  ? 8.21210   18.86221  -11.35372 1.000 154.13374 ? 7   G   V P     1 
ATOM   30   O OP1   . G   A 1 2  ? 7.56435   18.85024  -10.01545 1.000 145.87745 ? 7   G   V OP1   1 
ATOM   31   O OP2   . G   A 1 2  ? 9.30866   17.90574  -11.65229 1.000 127.87598 ? 7   G   V OP2   1 
ATOM   32   O "O5'" . G   A 1 2  ? 7.06296   18.67084  -12.44107 1.000 135.02079 ? 7   G   V "O5'" 1 
ATOM   33   C "C5'" . G   A 1 2  ? 5.86520   19.42785  -12.36421 1.000 129.40271 ? 7   G   V "C5'" 1 
ATOM   34   C "C4'" . G   A 1 2  ? 5.01934   19.27866  -13.60425 1.000 135.60893 ? 7   G   V "C4'" 1 
ATOM   35   O "O4'" . G   A 1 2  ? 5.77921   19.65755  -14.78144 1.000 126.98067 ? 7   G   V "O4'" 1 
ATOM   36   C "C3'" . G   A 1 2  ? 4.53103   17.87850  -13.93212 1.000 140.41711 ? 7   G   V "C3'" 1 
ATOM   37   O "O3'" . G   A 1 2  ? 3.43477   17.46397  -13.13698 1.000 147.54045 ? 7   G   V "O3'" 1 
ATOM   38   C "C2'" . G   A 1 2  ? 4.20675   17.99177  -15.41569 1.000 139.18638 ? 7   G   V "C2'" 1 
ATOM   39   O "O2'" . G   A 1 2  ? 2.97093   18.66475  -15.61192 1.000 124.52129 ? 7   G   V "O2'" 1 
ATOM   40   C "C1'" . G   A 1 2  ? 5.33387   18.90756  -15.89554 1.000 124.27782 ? 7   G   V "C1'" 1 
ATOM   41   N N9    . G   A 1 2  ? 6.46426   18.13850  -16.44981 1.000 124.86558 ? 7   G   V N9    1 
ATOM   42   C C8    . G   A 1 2  ? 7.72634   17.98371  -15.92845 1.000 123.40319 ? 7   G   V C8    1 
ATOM   43   N N7    . G   A 1 2  ? 8.49557   17.23253  -16.67261 1.000 116.03521 ? 7   G   V N7    1 
ATOM   44   C C5    . G   A 1 2  ? 7.69309   16.86807  -17.74660 1.000 120.68019 ? 7   G   V C5    1 
ATOM   45   C C6    . G   A 1 2  ? 7.97361   16.06058  -18.88084 1.000 121.54372 ? 7   G   V C6    1 
ATOM   46   O O6    . G   A 1 2  ? 9.02546   15.47967  -19.17544 1.000 121.63699 ? 7   G   V O6    1 
ATOM   47   N N1    . G   A 1 2  ? 6.86802   15.95511  -19.71993 1.000 124.53448 ? 7   G   V N1    1 
ATOM   48   C C2    . G   A 1 2  ? 5.64970   16.54973  -19.50219 1.000 118.90987 ? 7   G   V C2    1 
ATOM   49   N N2    . G   A 1 2  ? 4.70497   16.32990  -20.42841 1.000 103.80477 ? 7   G   V N2    1 
ATOM   50   N N3    . G   A 1 2  ? 5.37698   17.30423  -18.45150 1.000 114.01266 ? 7   G   V N3    1 
ATOM   51   C C4    . G   A 1 2  ? 6.43665   17.42044  -17.62209 1.000 122.60441 ? 7   G   V C4    1 
ATOM   52   P P     . C   A 1 3  ? 3.29518   15.92149  -12.70876 1.000 142.69509 ? 8   C   V P     1 
ATOM   53   O OP1   . C   A 1 3  ? 2.33611   15.83474  -11.57819 1.000 142.10938 ? 8   C   V OP1   1 
ATOM   54   O OP2   . C   A 1 3  ? 4.66533   15.36871  -12.55548 1.000 126.84427 ? 8   C   V OP2   1 
ATOM   55   O "O5'" . C   A 1 3  ? 2.63244   15.23009  -13.98106 1.000 129.89037 ? 8   C   V "O5'" 1 
ATOM   56   C "C5'" . C   A 1 3  ? 1.47066   15.77903  -14.58472 1.000 131.00083 ? 8   C   V "C5'" 1 
ATOM   57   C "C4'" . C   A 1 3  ? 1.21857   15.17422  -15.94200 1.000 132.88886 ? 8   C   V "C4'" 1 
ATOM   58   O "O4'" . C   A 1 3  ? 2.21168   15.64967  -16.89001 1.000 129.20754 ? 8   C   V "O4'" 1 
ATOM   59   C "C3'" . C   A 1 3  ? 1.33793   13.66216  -16.02231 1.000 131.56413 ? 8   C   V "C3'" 1 
ATOM   60   O "O3'" . C   A 1 3  ? 0.19958   12.97786  -15.53384 1.000 137.81311 ? 8   C   V "O3'" 1 
ATOM   61   C "C2'" . C   A 1 3  ? 1.61875   13.43423  -17.50024 1.000 127.09660 ? 8   C   V "C2'" 1 
ATOM   62   O "O2'" . C   A 1 3  ? 0.43016   13.56532  -18.26660 1.000 129.43733 ? 8   C   V "O2'" 1 
ATOM   63   C "C1'" . C   A 1 3  ? 2.52803   14.62240  -17.80973 1.000 123.01076 ? 8   C   V "C1'" 1 
ATOM   64   N N1    . C   A 1 3  ? 3.95567   14.26601  -17.64847 1.000 123.36917 ? 8   C   V N1    1 
ATOM   65   C C2    . C   A 1 3  ? 4.58773   13.54222  -18.66429 1.000 136.65738 ? 8   C   V C2    1 
ATOM   66   O O2    . C   A 1 3  ? 3.94173   13.22619  -19.67571 1.000 135.85567 ? 8   C   V O2    1 
ATOM   67   N N3    . C   A 1 3  ? 5.89076   13.20574  -18.52183 1.000 137.32816 ? 8   C   V N3    1 
ATOM   68   C C4    . C   A 1 3  ? 6.55663   13.55985  -17.42129 1.000 131.35278 ? 8   C   V C4    1 
ATOM   69   N N4    . C   A 1 3  ? 7.84023   13.20744  -17.32495 1.000 119.30681 ? 8   C   V N4    1 
ATOM   70   C C5    . C   A 1 3  ? 5.93698   14.29479  -16.37000 1.000 135.40979 ? 8   C   V C5    1 
ATOM   71   C C6    . C   A 1 3  ? 4.64811   14.62148  -16.52394 1.000 124.65468 ? 8   C   V C6    1 
ATOM   72   P P     . G   A 1 4  ? 0.38414   11.57705  -14.77046 1.000 138.01833 ? 9   G   V P     1 
ATOM   73   O OP1   . G   A 1 4  ? -0.86873  11.28139  -14.03075 1.000 143.88455 ? 9   G   V OP1   1 
ATOM   74   O OP2   . G   A 1 4  ? 1.67724   11.62418  -14.03974 1.000 124.98790 ? 9   G   V OP2   1 
ATOM   75   O "O5'" . G   A 1 4  ? 0.52346   10.52179  -15.95424 1.000 126.53208 ? 9   G   V "O5'" 1 
ATOM   76   C "C5'" . G   A 1 4  ? -0.39240  10.53186  -17.03826 1.000 121.46441 ? 9   G   V "C5'" 1 
ATOM   77   C "C4'" . G   A 1 4  ? 0.13022   9.75017   -18.21587 1.000 121.13839 ? 9   G   V "C4'" 1 
ATOM   78   O "O4'" . G   A 1 4  ? 1.25321   10.43971  -18.82376 1.000 128.49591 ? 9   G   V "O4'" 1 
ATOM   79   C "C3'" . G   A 1 4  ? 0.68135   8.37098   -17.90757 1.000 119.29804 ? 9   G   V "C3'" 1 
ATOM   80   O "O3'" . G   A 1 4  ? -0.32862  7.39898   -17.71398 1.000 134.53524 ? 9   G   V "O3'" 1 
ATOM   81   C "C2'" . G   A 1 4  ? 1.57774   8.10207   -19.10875 1.000 114.17711 ? 9   G   V "C2'" 1 
ATOM   82   O "O2'" . G   A 1 4  ? 0.80537   7.72133   -20.23817 1.000 109.32327 ? 9   G   V "O2'" 1 
ATOM   83   C "C1'" . G   A 1 4  ? 2.15535   9.49457   -19.36649 1.000 125.55593 ? 9   G   V "C1'" 1 
ATOM   84   N N9    . G   A 1 4  ? 3.47828   9.66821   -18.73575 1.000 126.94810 ? 9   G   V N9    1 
ATOM   85   C C8    . G   A 1 4  ? 3.80187   10.45502  -17.65659 1.000 128.47161 ? 9   G   V C8    1 
ATOM   86   N N7    . G   A 1 4  ? 5.06850   10.39162  -17.33925 1.000 117.71758 ? 9   G   V N7    1 
ATOM   87   C C5    . G   A 1 4  ? 5.61395   9.51096   -18.26407 1.000 115.04391 ? 9   G   V C5    1 
ATOM   88   C C6    . G   A 1 4  ? 6.94620   9.04796   -18.42398 1.000 109.57501 ? 9   G   V C6    1 
ATOM   89   O O6    . G   A 1 4  ? 7.94779   9.33225   -17.75569 1.000 110.59094 ? 9   G   V O6    1 
ATOM   90   N N1    . G   A 1 4  ? 7.05518   8.16099   -19.49029 1.000 110.93555 ? 9   G   V N1    1 
ATOM   91   C C2    . G   A 1 4  ? 6.01951   7.76858   -20.30090 1.000 115.90617 ? 9   G   V C2    1 
ATOM   92   N N2    . G   A 1 4  ? 6.32501   6.90424   -21.27950 1.000 115.84310 ? 9   G   V N2    1 
ATOM   93   N N3    . G   A 1 4  ? 4.77462   8.19266   -20.16269 1.000 112.70548 ? 9   G   V N3    1 
ATOM   94   C C4    . G   A 1 4  ? 4.64475   9.05539   -19.13206 1.000 117.60285 ? 9   G   V C4    1 
ATOM   95   P P     . U   A 1 5  ? -0.17326  6.31495   -16.53996 1.000 130.42323 ? 10  U   V P     1 
ATOM   96   O OP1   . U   A 1 5  ? -1.48877  5.66095   -16.32551 1.000 151.14616 ? 10  U   V OP1   1 
ATOM   97   O OP2   . U   A 1 5  ? 0.51521   6.97709   -15.40289 1.000 124.10400 ? 10  U   V OP2   1 
ATOM   98   O "O5'" . U   A 1 5  ? 0.82669   5.23897   -17.15172 1.000 121.48167 ? 10  U   V "O5'" 1 
ATOM   99   C "C5'" . U   A 1 5  ? 0.61578   4.71206   -18.45193 1.000 118.03889 ? 10  U   V "C5'" 1 
ATOM   100  C "C4'" . U   A 1 5  ? 1.83197   3.97584   -18.94991 1.000 129.44469 ? 10  U   V "C4'" 1 
ATOM   101  O "O4'" . U   A 1 5  ? 2.87837   4.91601   -19.31103 1.000 129.57743 ? 10  U   V "O4'" 1 
ATOM   102  C "C3'" . U   A 1 5  ? 2.50720   3.05810   -17.94826 1.000 138.24544 ? 10  U   V "C3'" 1 
ATOM   103  O "O3'" . U   A 1 5  ? 1.83031   1.82720   -17.77142 1.000 139.70845 ? 10  U   V "O3'" 1 
ATOM   104  C "C2'" . U   A 1 5  ? 3.90942   2.92498   -18.52709 1.000 129.18528 ? 10  U   V "C2'" 1 
ATOM   105  O "O2'" . U   A 1 5  ? 3.91087   2.03358   -19.63256 1.000 118.12995 ? 10  U   V "O2'" 1 
ATOM   106  C "C1'" . U   A 1 5  ? 4.14571   4.34165   -19.05336 1.000 120.06487 ? 10  U   V "C1'" 1 
ATOM   107  N N1    . U   A 1 5  ? 4.86775   5.18316   -18.07015 1.000 120.91129 ? 10  U   V N1    1 
ATOM   108  C C2    . U   A 1 5  ? 6.24632   5.08000   -18.03419 1.000 115.09536 ? 10  U   V C2    1 
ATOM   109  O O2    . U   A 1 5  ? 6.87595   4.34048   -18.77211 1.000 108.24731 ? 10  U   V O2    1 
ATOM   110  N N3    . U   A 1 5  ? 6.86596   5.87917   -17.10503 1.000 113.92961 ? 10  U   V N3    1 
ATOM   111  C C4    . U   A 1 5  ? 6.26182   6.74967   -16.22120 1.000 110.99091 ? 10  U   V C4    1 
ATOM   112  O O4    . U   A 1 5  ? 6.95717   7.40310   -15.44103 1.000 111.22922 ? 10  U   V O4    1 
ATOM   113  C C5    . U   A 1 5  ? 4.83535   6.79812   -16.31799 1.000 117.51567 ? 10  U   V C5    1 
ATOM   114  C C6    . U   A 1 5  ? 4.20473   6.03348   -17.21581 1.000 117.43414 ? 10  U   V C6    1 
ATOM   115  P P     . G   A 1 6  ? 1.91945   1.06011   -16.36247 1.000 140.64179 ? 11  G   V P     1 
ATOM   116  O OP1   . G   A 1 6  ? 0.81062   0.07353   -16.31181 1.000 130.58943 ? 11  G   V OP1   1 
ATOM   117  O OP2   . G   A 1 6  ? 2.04470   2.07240   -15.28203 1.000 126.75265 ? 11  G   V OP2   1 
ATOM   118  O "O5'" . G   A 1 6  ? 3.29157   0.25926   -16.46658 1.000 129.22095 ? 11  G   V "O5'" 1 
ATOM   119  C "C5'" . G   A 1 6  ? 3.56988   -0.51943  -17.61865 1.000 117.54807 ? 11  G   V "C5'" 1 
ATOM   120  C "C4'" . G   A 1 6  ? 5.00664   -0.97289  -17.67446 1.000 116.62433 ? 11  G   V "C4'" 1 
ATOM   121  O "O4'" . G   A 1 6  ? 5.88622   0.11235   -18.06523 1.000 115.36067 ? 11  G   V "O4'" 1 
ATOM   122  C "C3'" . G   A 1 6  ? 5.62512   -1.47359  -16.38387 1.000 121.35272 ? 11  G   V "C3'" 1 
ATOM   123  O "O3'" . G   A 1 6  ? 5.18454   -2.76819  -16.01392 1.000 117.48581 ? 11  G   V "O3'" 1 
ATOM   124  C "C2'" . G   A 1 6  ? 7.11479   -1.40491  -16.69948 1.000 128.66115 ? 11  G   V "C2'" 1 
ATOM   125  O "O2'" . G   A 1 6  ? 7.51495   -2.52374  -17.47669 1.000 136.96702 ? 11  G   V "O2'" 1 
ATOM   126  C "C1'" . G   A 1 6  ? 7.18867   -0.15221  -17.57961 1.000 123.06350 ? 11  G   V "C1'" 1 
ATOM   127  N N9    . G   A 1 6  ? 7.73903   1.01362   -16.85476 1.000 125.31786 ? 11  G   V N9    1 
ATOM   128  C C8    . G   A 1 6  ? 9.07992   1.31597   -16.82769 1.000 116.58671 ? 11  G   V C8    1 
ATOM   129  N N7    . G   A 1 6  ? 9.36941   2.36816   -16.11955 1.000 103.64458 ? 11  G   V N7    1 
ATOM   130  C C5    . G   A 1 6  ? 8.14307   2.79046   -15.63402 1.000 110.62650 ? 11  G   V C5    1 
ATOM   131  C C6    . G   A 1 6  ? 7.84319   3.89542   -14.79916 1.000 110.96910 ? 11  G   V C6    1 
ATOM   132  O O6    . G   A 1 6  ? 8.62370   4.72957   -14.32338 1.000 113.17215 ? 11  G   V O6    1 
ATOM   133  N N1    . G   A 1 6  ? 6.48255   3.97825   -14.53204 1.000 114.42882 ? 11  G   V N1    1 
ATOM   134  C C2    . G   A 1 6  ? 5.53405   3.10855   -15.00922 1.000 126.25441 ? 11  G   V C2    1 
ATOM   135  N N2    . G   A 1 6  ? 4.27178   3.36452   -14.63304 1.000 124.38805 ? 11  G   V N2    1 
ATOM   136  N N3    . G   A 1 6  ? 5.80117   2.06976   -15.79150 1.000 120.11670 ? 11  G   V N3    1 
ATOM   137  C C4    . G   A 1 6  ? 7.12071   1.96405   -16.06453 1.000 117.23547 ? 11  G   V C4    1 
ATOM   138  P P     . G   A 1 7  ? 4.75049   -3.06451  -14.49449 1.000 133.37292 ? 12  G   V P     1 
ATOM   139  O OP1   . G   A 1 7  ? 3.95702   -4.32006  -14.48505 1.000 118.34998 ? 12  G   V OP1   1 
ATOM   140  O OP2   . G   A 1 7  ? 4.15766   -1.81890  -13.94192 1.000 118.53887 ? 12  G   V OP2   1 
ATOM   141  O "O5'" . G   A 1 7  ? 6.12836   -3.33179  -13.73607 1.000 121.93421 ? 12  G   V "O5'" 1 
ATOM   142  C "C5'" . G   A 1 7  ? 6.87890   -4.51519  -13.97345 1.000 120.86687 ? 12  G   V "C5'" 1 
ATOM   143  C "C4'" . G   A 1 7  ? 8.36449   -4.24769  -13.94796 1.000 117.81992 ? 12  G   V "C4'" 1 
ATOM   144  O "O4'" . G   A 1 7  ? 8.64467   -3.01376  -14.65818 1.000 124.89651 ? 12  G   V "O4'" 1 
ATOM   145  C "C3'" . G   A 1 7  ? 8.99141   -4.03265  -12.57802 1.000 107.47790 ? 12  G   V "C3'" 1 
ATOM   146  O "O3'" . G   A 1 7  ? 9.27981   -5.24336  -11.90074 1.000 130.90378 ? 12  G   V "O3'" 1 
ATOM   147  C "C2'" . G   A 1 7  ? 10.23006  -3.21144  -12.90883 1.000 105.30555 ? 12  G   V "C2'" 1 
ATOM   148  O "O2'" . G   A 1 7  ? 11.25601  -4.03751  -13.43896 1.000 111.94218 ? 12  G   V "O2'" 1 
ATOM   149  C "C1'" . G   A 1 7  ? 9.70367   -2.32277  -14.03157 1.000 118.82407 ? 12  G   V "C1'" 1 
ATOM   150  N N9    . G   A 1 7  ? 9.18818   -1.04295  -13.51068 1.000 113.12335 ? 12  G   V N9    1 
ATOM   151  C C8    . G   A 1 7  ? 7.87866   -0.64252  -13.40127 1.000 108.20379 ? 12  G   V C8    1 
ATOM   152  N N7    . G   A 1 7  ? 7.75152   0.55183   -12.88883 1.000 114.23575 ? 12  G   V N7    1 
ATOM   153  C C5    . G   A 1 7  ? 9.05522   0.96322   -12.64349 1.000 108.01918 ? 12  G   V C5    1 
ATOM   154  C C6    . G   A 1 7  ? 9.55706   2.17075   -12.09113 1.000 113.40015 ? 12  G   V C6    1 
ATOM   155  O O6    . G   A 1 7  ? 8.92701   3.15928   -11.69439 1.000 121.22805 ? 12  G   V O6    1 
ATOM   156  N N1    . G   A 1 7  ? 10.94697  2.16004   -12.02147 1.000 89.92369  ? 12  G   V N1    1 
ATOM   157  C C2    . G   A 1 7  ? 11.75110  1.12400   -12.42926 1.000 96.18232  ? 12  G   V C2    1 
ATOM   158  N N2    . G   A 1 7  ? 13.07258  1.29726   -12.28482 1.000 98.82033  ? 12  G   V N2    1 
ATOM   159  N N3    . G   A 1 7  ? 11.29627  -0.00394  -12.94433 1.000 103.54692 ? 12  G   V N3    1 
ATOM   160  C C4    . G   A 1 7  ? 9.95078   -0.01356  -13.01972 1.000 102.33193 ? 12  G   V C4    1 
ATOM   161  P P     . U   A 1 8  ? 9.22006   -5.30909  -10.29552 1.000 113.53438 ? 13  U   V P     1 
ATOM   162  O OP1   . U   A 1 8  ? 9.62536   -6.67641  -9.88426  1.000 120.30182 ? 13  U   V OP1   1 
ATOM   163  O OP2   . U   A 1 8  ? 7.91277   -4.76104  -9.85016  1.000 104.21483 ? 13  U   V OP2   1 
ATOM   164  O "O5'" . U   A 1 8  ? 10.36700  -4.31177  -9.82199  1.000 97.27695  ? 13  U   V "O5'" 1 
ATOM   165  C "C5'" . U   A 1 8  ? 11.73689  -4.64480  -9.98874  1.000 103.17834 ? 13  U   V "C5'" 1 
ATOM   166  C "C4'" . U   A 1 8  ? 12.62691  -3.64856  -9.29343  1.000 108.79322 ? 13  U   V "C4'" 1 
ATOM   167  O "O4'" . U   A 1 8  ? 12.52840  -2.35900  -9.95394  1.000 107.46834 ? 13  U   V "O4'" 1 
ATOM   168  C "C3'" . U   A 1 8  ? 12.26769  -3.34886  -7.84776  1.000 100.92641 ? 13  U   V "C3'" 1 
ATOM   169  O "O3'" . U   A 1 8  ? 12.74440  -4.32769  -6.94186  1.000 99.33231  ? 13  U   V "O3'" 1 
ATOM   170  C "C2'" . U   A 1 8  ? 12.86649  -1.96565  -7.63695  1.000 105.17462 ? 13  U   V "C2'" 1 
ATOM   171  O "O2'" . U   A 1 8  ? 14.27008  -2.05484  -7.44247  1.000 105.07883 ? 13  U   V "O2'" 1 
ATOM   172  C "C1'" . U   A 1 8  ? 12.61094  -1.32026  -8.99937  1.000 104.64287 ? 13  U   V "C1'" 1 
ATOM   173  N N1    . U   A 1 8  ? 11.34506  -0.54779  -9.03255  1.000 103.83769 ? 13  U   V N1    1 
ATOM   174  C C2    . U   A 1 8  ? 11.34521  0.73686   -8.51797  1.000 94.86206  ? 13  U   V C2    1 
ATOM   175  O O2    . U   A 1 8  ? 12.33417  1.25769   -8.03212  1.000 88.68167  ? 13  U   V O2    1 
ATOM   176  N N3    . U   A 1 8  ? 10.13987  1.39269   -8.59023  1.000 94.80521  ? 13  U   V N3    1 
ATOM   177  C C4    . U   A 1 8  ? 8.95824   0.90965   -9.11413  1.000 95.99225  ? 13  U   V C4    1 
ATOM   178  O O4    . U   A 1 8  ? 7.95315   1.62375   -9.10798  1.000 101.68973 ? 13  U   V O4    1 
ATOM   179  C C5    . U   A 1 8  ? 9.03898   -0.42169  -9.62887  1.000 95.76496  ? 13  U   V C5    1 
ATOM   180  C C6    . U   A 1 8  ? 10.19780  -1.08319  -9.57353  1.000 105.39637 ? 13  U   V C6    1 
ATOM   181  P P     . C   A 1 9  ? 11.87988  -4.70282  -5.64066  1.000 115.75688 ? 14  C   V P     1 
ATOM   182  O OP1   . C   A 1 9  ? 12.33867  -6.02632  -5.14747  1.000 104.08408 ? 14  C   V OP1   1 
ATOM   183  O OP2   . C   A 1 9  ? 10.44440  -4.50470  -5.97121  1.000 82.28714  ? 14  C   V OP2   1 
ATOM   184  O "O5'" . C   A 1 9  ? 12.31459  -3.60581  -4.57020  1.000 107.44389 ? 14  C   V "O5'" 1 
ATOM   185  C "C5'" . C   A 1 9  ? 13.66982  -3.49940  -4.16046  1.000 94.42039  ? 14  C   V "C5'" 1 
ATOM   186  C "C4'" . C   A 1 9  ? 13.96788  -2.16013  -3.53244  1.000 96.74194  ? 14  C   V "C4'" 1 
ATOM   187  O "O4'" . C   A 1 9  ? 13.76958  -1.09600  -4.50070  1.000 100.22725 ? 14  C   V "O4'" 1 
ATOM   188  C "C3'" . C   A 1 9  ? 13.08948  -1.74550  -2.36411  1.000 95.82415  ? 14  C   V "C3'" 1 
ATOM   189  O "O3'" . C   A 1 9  ? 13.42733  -2.37678  -1.14271  1.000 91.05014  ? 14  C   V "O3'" 1 
ATOM   190  C "C2'" . C   A 1 9  ? 13.27646  -0.23578  -2.34278  1.000 94.39287  ? 14  C   V "C2'" 1 
ATOM   191  O "O2'" . C   A 1 9  ? 14.52917  0.10493   -1.76783  1.000 109.03367 ? 14  C   V "O2'" 1 
ATOM   192  C "C1'" . C   A 1 9  ? 13.33392  0.07592   -3.83784  1.000 97.25311  ? 14  C   V "C1'" 1 
ATOM   193  N N1    . C   A 1 9  ? 12.00492  0.46887   -4.35826  1.000 89.24234  ? 14  C   V N1    1 
ATOM   194  C C2    . C   A 1 9  ? 11.59046  1.78949   -4.16167  1.000 88.44544  ? 14  C   V C2    1 
ATOM   195  O O2    . C   A 1 9  ? 12.35155  2.57588   -3.57881  1.000 93.60030  ? 14  C   V O2    1 
ATOM   196  N N3    . C   A 1 9  ? 10.37836  2.17913   -4.61477  1.000 75.23920  ? 14  C   V N3    1 
ATOM   197  C C4    . C   A 1 9  ? 9.59126   1.30110   -5.23635  1.000 78.48115  ? 14  C   V C4    1 
ATOM   198  N N4    . C   A 1 9  ? 8.40354   1.72781   -5.66767  1.000 97.76823  ? 14  C   V N4    1 
ATOM   199  C C5    . C   A 1 9  ? 9.98304   -0.05225  -5.44640  1.000 81.83090  ? 14  C   V C5    1 
ATOM   200  C C6    . C   A 1 9  ? 11.18552  -0.42305  -4.99129  1.000 90.89649  ? 14  C   V C6    1 
ATOM   201  P P     . C   A 1 10 ? 12.29471  -2.59989  -0.02518  1.000 101.28879 ? 15  C   V P     1 
ATOM   202  O OP1   . C   A 1 10 ? 12.88549  -3.40954  1.07019   1.000 145.75179 ? 15  C   V OP1   1 
ATOM   203  O OP2   . C   A 1 10 ? 11.06117  -3.06799  -0.70912  1.000 85.77089  ? 15  C   V OP2   1 
ATOM   204  O "O5'" . C   A 1 10 ? 12.00836  -1.13558  0.53515   1.000 105.38334 ? 15  C   V "O5'" 1 
ATOM   205  C "C5'" . C   A 1 10 ? 13.02597  -0.39580  1.19279   1.000 86.14563  ? 15  C   V "C5'" 1 
ATOM   206  C "C4'" . C   A 1 10 ? 12.55523  0.98592   1.57660   1.000 94.35919  ? 15  C   V "C4'" 1 
ATOM   207  O "O4'" . C   A 1 10 ? 12.28600  1.77796   0.38838   1.000 97.78219  ? 15  C   V "O4'" 1 
ATOM   208  C "C3'" . C   A 1 10 ? 11.25539  1.06733   2.35905   1.000 90.42130  ? 15  C   V "C3'" 1 
ATOM   209  O "O3'" . C   A 1 10 ? 11.39653  0.74010   3.72917   1.000 94.47918  ? 15  C   V "O3'" 1 
ATOM   210  C "C2'" . C   A 1 10 ? 10.82451  2.50640   2.11545   1.000 95.91660  ? 15  C   V "C2'" 1 
ATOM   211  O "O2'" . C   A 1 10 ? 11.58234  3.39905   2.91860   1.000 107.07478 ? 15  C   V "O2'" 1 
ATOM   212  C "C1'" . C   A 1 10 ? 11.24379  2.69826   0.65664   1.000 86.67031  ? 15  C   V "C1'" 1 
ATOM   213  N N1    . C   A 1 10 ? 10.11487  2.44788   -0.26850  1.000 73.88024  ? 15  C   V N1    1 
ATOM   214  C C2    . C   A 1 10 ? 9.13594   3.44103   -0.38707  1.000 77.35413  ? 15  C   V C2    1 
ATOM   215  O O2    . C   A 1 10 ? 9.25505   4.49008   0.26665   1.000 78.84663  ? 15  C   V O2    1 
ATOM   216  N N3    . C   A 1 10 ? 8.08675   3.24397   -1.21716  1.000 75.71675  ? 15  C   V N3    1 
ATOM   217  C C4    . C   A 1 10 ? 7.99175   2.10803   -1.90720  1.000 91.45407  ? 15  C   V C4    1 
ATOM   218  N N4    . C   A 1 10 ? 6.93730   1.95963   -2.71194  1.000 86.65771  ? 15  C   V N4    1 
ATOM   219  C C5    . C   A 1 10 ? 8.97046   1.07584   -1.80341  1.000 83.07751  ? 15  C   V C5    1 
ATOM   220  C C6    . C   A 1 10 ? 10.00553  1.28463   -0.97885  1.000 79.99596  ? 15  C   V C6    1 
ATOM   221  P P     . G   A 1 11 ? 10.21178  -0.03006  4.49469   1.000 100.93527 ? 16  G   V P     1 
ATOM   222  O OP1   . G   A 1 11 ? 10.74359  -0.44707  5.81640   1.000 108.68914 ? 16  G   V OP1   1 
ATOM   223  O OP2   . G   A 1 11 ? 9.64229   -1.04906  3.57676   1.000 94.72025  ? 16  G   V OP2   1 
ATOM   224  O "O5'" . G   A 1 11 ? 9.09898   1.08960   4.72041   1.000 92.88436  ? 16  G   V "O5'" 1 
ATOM   225  C "C5'" . G   A 1 11 ? 9.36490   2.22175   5.53343   1.000 95.19210  ? 16  G   V "C5'" 1 
ATOM   226  C "C4'" . G   A 1 11 ? 8.29211   3.27634   5.40991   1.000 86.92910  ? 16  G   V "C4'" 1 
ATOM   227  O "O4'" . G   A 1 11 ? 8.15612   3.70256   4.03018   1.000 88.46653  ? 16  G   V "O4'" 1 
ATOM   228  C "C3'" . G   A 1 11 ? 6.88138   2.87125   5.79885   1.000 82.12611  ? 16  G   V "C3'" 1 
ATOM   229  O "O3'" . G   A 1 11 ? 6.68075   2.83572   7.20081   1.000 98.34756  ? 16  G   V "O3'" 1 
ATOM   230  C "C2'" . G   A 1 11 ? 6.03738   3.92310   5.08859   1.000 89.80451  ? 16  G   V "C2'" 1 
ATOM   231  O "O2'" . G   A 1 11 ? 6.05002   5.14792   5.80513   1.000 81.07319  ? 16  G   V "O2'" 1 
ATOM   232  C "C1'" . G   A 1 11 ? 6.82604   4.11974   3.79160   1.000 79.59021  ? 16  G   V "C1'" 1 
ATOM   233  N N9    . G   A 1 11 ? 6.25362   3.33649   2.68115   1.000 78.83854  ? 16  G   V N9    1 
ATOM   234  C C8    . G   A 1 11 ? 6.72570   2.17292   2.12460   1.000 79.93759  ? 16  G   V C8    1 
ATOM   235  N N7    . G   A 1 11 ? 5.96635   1.73113   1.15558   1.000 83.47149  ? 16  G   V N7    1 
ATOM   236  C C5    . G   A 1 11 ? 4.93371   2.65631   1.07079   1.000 68.13215  ? 16  G   V C5    1 
ATOM   237  C C6    . G   A 1 11 ? 3.80781   2.71035   0.20849   1.000 71.82030  ? 16  G   V C6    1 
ATOM   238  O O6    . G   A 1 11 ? 3.48296   1.92175   -0.68837  1.000 77.32273  ? 16  G   V O6    1 
ATOM   239  N N1    . G   A 1 11 ? 3.01400   3.82223   0.47320   1.000 66.08830  ? 16  G   V N1    1 
ATOM   240  C C2    . G   A 1 11 ? 3.26840   4.76268   1.43962   1.000 77.45438  ? 16  G   V C2    1 
ATOM   241  N N2    . G   A 1 11 ? 2.38220   5.76411   1.53726   1.000 63.74072  ? 16  G   V N2    1 
ATOM   242  N N3    . G   A 1 11 ? 4.31381   4.72350   2.24929   1.000 66.37266  ? 16  G   V N3    1 
ATOM   243  C C4    . G   A 1 11 ? 5.09653   3.65076   2.00956   1.000 68.61965  ? 16  G   V C4    1 
ATOM   244  P P     . U   A 1 12 ? 5.72726   1.71998   7.85672   1.000 96.36328  ? 17  U   V P     1 
ATOM   245  O OP1   . U   A 1 12 ? 6.01255   1.69730   9.31379   1.000 116.72676 ? 17  U   V OP1   1 
ATOM   246  O OP2   . U   A 1 12 ? 5.85665   0.46555   7.07030   1.000 86.04823  ? 17  U   V OP2   1 
ATOM   247  O "O5'" . U   A 1 12 ? 4.25783   2.30270   7.65290   1.000 83.37004  ? 17  U   V "O5'" 1 
ATOM   248  C "C5'" . U   A 1 12 ? 3.91432   3.58907   8.15706   1.000 83.18631  ? 17  U   V "C5'" 1 
ATOM   249  C "C4'" . U   A 1 12 ? 2.65534   4.12912   7.52353   1.000 93.31679  ? 17  U   V "C4'" 1 
ATOM   250  O "O4'" . U   A 1 12 ? 2.70119   3.90093   6.08559   1.000 89.98487  ? 17  U   V "O4'" 1 
ATOM   251  C "C3'" . U   A 1 12 ? 1.34762   3.50258   8.01059   1.000 109.93449 ? 17  U   V "C3'" 1 
ATOM   252  O "O3'" . U   A 1 12 ? 0.32421   4.49938   8.00964   1.000 126.78301 ? 17  U   V "O3'" 1 
ATOM   253  C "C2'" . U   A 1 12 ? 1.04717   2.47556   6.92378   1.000 98.81608  ? 17  U   V "C2'" 1 
ATOM   254  O "O2'" . U   A 1 12 ? -0.31169  2.10748   6.81694   1.000 113.93861 ? 17  U   V "O2'" 1 
ATOM   255  C "C1'" . U   A 1 12 ? 1.53425   3.21059   5.68151   1.000 100.07125 ? 17  U   V "C1'" 1 
ATOM   256  N N1    . U   A 1 12 ? 1.86034   2.33033   4.54961   1.000 90.08175  ? 17  U   V N1    1 
ATOM   257  C C2    . U   A 1 12 ? 1.04477   2.41268   3.43580   1.000 86.85830  ? 17  U   V C2    1 
ATOM   258  O O2    . U   A 1 12 ? 0.09722   3.17841   3.36535   1.000 78.79879  ? 17  U   V O2    1 
ATOM   259  N N3    . U   A 1 12 ? 1.37659   1.56808   2.40637   1.000 72.30475  ? 17  U   V N3    1 
ATOM   260  C C4    . U   A 1 12 ? 2.42064   0.66710   2.38325   1.000 87.18953  ? 17  U   V C4    1 
ATOM   261  O O4    . U   A 1 12 ? 2.59458   -0.02625  1.37954   1.000 95.99788  ? 17  U   V O4    1 
ATOM   262  C C5    . U   A 1 12 ? 3.21743   0.63904   3.57351   1.000 97.24374  ? 17  U   V C5    1 
ATOM   263  C C6    . U   A 1 12 ? 2.91627   1.45093   4.59298   1.000 97.43893  ? 17  U   V C6    1 
ATOM   264  P P     . U   A 1 13 ? -0.78852  4.54595   9.17130   1.000 148.56668 ? 18  U   V P     1 
ATOM   265  O OP1   . U   A 1 13 ? -2.11470  4.34628   8.53120   1.000 123.94104 ? 18  U   V OP1   1 
ATOM   266  O OP2   . U   A 1 13 ? -0.54534  5.75989   9.99170   1.000 130.40646 ? 18  U   V OP2   1 
ATOM   267  O "O5'" . U   A 1 13 ? -0.47718  3.27143   10.07586  1.000 139.77823 ? 18  U   V "O5'" 1 
ATOM   268  C "C5'" . U   A 1 13 ? -1.24614  2.08352   9.95198   1.000 141.59078 ? 18  U   V "C5'" 1 
ATOM   269  C "C4'" . U   A 1 13 ? -0.65461  0.95569   10.75901  1.000 149.81539 ? 18  U   V "C4'" 1 
ATOM   270  O "O4'" . U   A 1 13 ? 0.77398   0.88055   10.52100  1.000 138.68388 ? 18  U   V "O4'" 1 
ATOM   271  C "C3'" . U   A 1 13 ? -0.77112  1.07985   12.27021  1.000 165.35076 ? 18  U   V "C3'" 1 
ATOM   272  O "O3'" . U   A 1 13 ? -2.04122  0.67594   12.75259  1.000 166.87431 ? 18  U   V "O3'" 1 
ATOM   273  C "C2'" . U   A 1 13 ? 0.37478   0.20529   12.76772  1.000 160.10452 ? 18  U   V "C2'" 1 
ATOM   274  O "O2'" . U   A 1 13 ? 0.00845   -1.16640  12.74447  1.000 152.31862 ? 18  U   V "O2'" 1 
ATOM   275  C "C1'" . U   A 1 13 ? 1.43531   0.44248   11.68935  1.000 158.56581 ? 18  U   V "C1'" 1 
ATOM   276  N N1    . U   A 1 13 ? 2.42937   1.46354   12.09208  1.000 162.81941 ? 18  U   V N1    1 
ATOM   277  C C2    . U   A 1 13 ? 3.52487   1.02207   12.80866  1.000 171.85979 ? 18  U   V C2    1 
ATOM   278  O O2    . U   A 1 13 ? 3.68999   -0.14908  13.10836  1.000 163.87039 ? 18  U   V O2    1 
ATOM   279  N N3    . U   A 1 13 ? 4.42172   2.00089   13.15980  1.000 185.40782 ? 18  U   V N3    1 
ATOM   280  C C4    . U   A 1 13 ? 4.33504   3.34861   12.87426  1.000 181.00404 ? 18  U   V C4    1 
ATOM   281  O O4    . U   A 1 13 ? 5.22527   4.10834   13.26129  1.000 168.67185 ? 18  U   V O4    1 
ATOM   282  C C5    . U   A 1 13 ? 3.17128   3.72547   12.13001  1.000 173.07582 ? 18  U   V C5    1 
ATOM   283  C C6    . U   A 1 13 ? 2.28062   2.79367   11.77243  1.000 160.00118 ? 18  U   V C6    1 
ATOM   284  P P     . C   A 1 14 ? -2.73373  1.44246   13.98449  1.000 168.51431 ? 19  C   V P     1 
ATOM   285  O OP1   . C   A 1 14 ? -1.90604  1.21654   15.19610  1.000 163.69347 ? 19  C   V OP1   1 
ATOM   286  O OP2   . C   A 1 14 ? -4.17021  1.06805   13.99639  1.000 165.13457 ? 19  C   V OP2   1 
ATOM   287  O "O5'" . C   A 1 14 ? -2.64020  2.98550   13.59697  1.000 159.53627 ? 19  C   V "O5'" 1 
ATOM   288  C "C5'" . C   A 1 14 ? -3.51527  3.93839   14.19504  1.000 144.02423 ? 19  C   V "C5'" 1 
ATOM   289  C "C4'" . C   A 1 14 ? -2.83078  5.25906   14.46229  1.000 156.75876 ? 19  C   V "C4'" 1 
ATOM   290  O "O4'" . C   A 1 14 ? -1.73543  5.05740   15.39857  1.000 167.44449 ? 19  C   V "O4'" 1 
ATOM   291  C "C3'" . C   A 1 14 ? -2.22570  5.95170   13.24007  1.000 153.94623 ? 19  C   V "C3'" 1 
ATOM   292  O "O3'" . C   A 1 14 ? -2.34719  7.36685   13.38799  1.000 142.89204 ? 19  C   V "O3'" 1 
ATOM   293  C "C2'" . C   A 1 14 ? -0.75213  5.56727   13.33380  1.000 167.74038 ? 19  C   V "C2'" 1 
ATOM   294  O "O2'" . C   A 1 14 ? 0.12847   6.45825   12.68256  1.000 163.48682 ? 19  C   V "O2'" 1 
ATOM   295  C "C1'" . C   A 1 14 ? -0.53807  5.56565   14.84352  1.000 170.40862 ? 19  C   V "C1'" 1 
ATOM   296  N N1    . C   A 1 14 ? 0.58189   4.72754   15.29702  1.000 175.54508 ? 19  C   V N1    1 
ATOM   297  C C2    . C   A 1 14 ? 1.74947   5.36284   15.72887  1.000 166.45374 ? 19  C   V C2    1 
ATOM   298  O O2    . C   A 1 14 ? 1.79680   6.60205   15.71074  1.000 143.99173 ? 19  C   V O2    1 
ATOM   299  N N3    . C   A 1 14 ? 2.79412   4.61384   16.15214  1.000 180.85057 ? 19  C   V N3    1 
ATOM   300  C C4    . C   A 1 14 ? 2.70012   3.28263   16.15558  1.000 186.66907 ? 19  C   V C4    1 
ATOM   301  N N4    . C   A 1 14 ? 3.75552   2.58466   16.58191  1.000 187.67327 ? 19  C   V N4    1 
ATOM   302  C C5    . C   A 1 14 ? 1.52089   2.60806   15.72244  1.000 176.11794 ? 19  C   V C5    1 
ATOM   303  C C6    . C   A 1 14 ? 0.49524   3.36228   15.30533  1.000 177.91167 ? 19  C   V C6    1 
ATOM   304  P P     . A   A 1 15 ? -3.63464  8.14603   12.81997  1.000 170.23861 ? 20  A   V P     1 
ATOM   305  O OP1   . A   A 1 15 ? -3.45690  9.59041   13.11911  1.000 153.23161 ? 20  A   V OP1   1 
ATOM   306  O OP2   . A   A 1 15 ? -4.85789  7.44674   13.28914  1.000 170.46485 ? 20  A   V OP2   1 
ATOM   307  O "O5'" . A   A 1 15 ? -3.54190  7.96005   11.24053  1.000 149.71175 ? 20  A   V "O5'" 1 
ATOM   308  C "C5'" . A   A 1 15 ? -2.43943  8.47224   10.50727  1.000 112.53109 ? 20  A   V "C5'" 1 
ATOM   309  C "C4'" . A   A 1 15 ? -2.87117  9.50329   9.49464   1.000 103.80600 ? 20  A   V "C4'" 1 
ATOM   310  O "O4'" . A   A 1 15 ? -1.79714  9.71602   8.53902   1.000 114.91340 ? 20  A   V "O4'" 1 
ATOM   311  C "C3'" . A   A 1 15 ? -4.06597  9.13069   8.62817   1.000 107.67874 ? 20  A   V "C3'" 1 
ATOM   312  O "O3'" . A   A 1 15 ? -5.31391  9.35786   9.26065   1.000 121.41814 ? 20  A   V "O3'" 1 
ATOM   313  C "C2'" . A   A 1 15 ? -3.84461  9.97746   7.38418   1.000 94.72842  ? 20  A   V "C2'" 1 
ATOM   314  O "O2'" . A   A 1 15 ? -4.18863  11.33270  7.63267   1.000 100.78928 ? 20  A   V "O2'" 1 
ATOM   315  C "C1'" . A   A 1 15 ? -2.32953  9.88929   7.24329   1.000 93.71096  ? 20  A   V "C1'" 1 
ATOM   316  N N9    . A   A 1 15 ? -1.93560  8.72450   6.43023   1.000 95.58588  ? 20  A   V N9    1 
ATOM   317  C C8    . A   A 1 15 ? -1.43642  7.52531   6.87391   1.000 90.29614  ? 20  A   V C8    1 
ATOM   318  N N7    . A   A 1 15 ? -1.18384  6.66825   5.91429   1.000 95.88451  ? 20  A   V N7    1 
ATOM   319  C C5    . A   A 1 15 ? -1.54673  7.34858   4.76120   1.000 83.35332  ? 20  A   V C5    1 
ATOM   320  C C6    . A   A 1 15 ? -1.52127  6.98685   3.40314   1.000 81.22867  ? 20  A   V C6    1 
ATOM   321  N N6    . A   A 1 15 ? -1.09702  5.80102   2.95813   1.000 83.93390  ? 20  A   V N6    1 
ATOM   322  N N1    . A   A 1 15 ? -1.95224  7.89883   2.50425   1.000 74.38572  ? 20  A   V N1    1 
ATOM   323  C C2    . A   A 1 15 ? -2.37774  9.08841   2.95025   1.000 79.91930  ? 20  A   V C2    1 
ATOM   324  N N3    . A   A 1 15 ? -2.44939  9.54363   4.19854   1.000 74.68245  ? 20  A   V N3    1 
ATOM   325  C C4    . A   A 1 15 ? -2.01439  8.61449   5.06493   1.000 75.62406  ? 20  A   V C4    1 
ATOM   326  P P     . A   A 1 16 ? -6.57870  8.42814   8.90885   1.000 116.14881 ? 21  A   V P     1 
ATOM   327  O OP1   . A   A 1 16 ? -7.70099  8.84094   9.78988   1.000 101.51798 ? 21  A   V OP1   1 
ATOM   328  O OP2   . A   A 1 16 ? -6.13272  7.01075   8.89660   1.000 94.44591  ? 21  A   V OP2   1 
ATOM   329  O "O5'" . A   A 1 16 ? -6.96250  8.84165   7.41947   1.000 88.79964  ? 21  A   V "O5'" 1 
ATOM   330  C "C5'" . A   A 1 16 ? -7.43845  10.14736  7.13458   1.000 81.27949  ? 21  A   V "C5'" 1 
ATOM   331  C "C4'" . A   A 1 16 ? -7.66455  10.35063  5.65782   1.000 95.82396  ? 21  A   V "C4'" 1 
ATOM   332  O "O4'" . A   A 1 16 ? -6.42499  10.14990  4.93070   1.000 103.28695 ? 21  A   V "O4'" 1 
ATOM   333  C "C3'" . A   A 1 16 ? -8.63502  9.39681   4.98132   1.000 109.14793 ? 21  A   V "C3'" 1 
ATOM   334  O "O3'" . A   A 1 16 ? -9.99440  9.72336   5.21382   1.000 109.64640 ? 21  A   V "O3'" 1 
ATOM   335  C "C2'" . A   A 1 16 ? -8.22439  9.50344   3.51874   1.000 99.90304  ? 21  A   V "C2'" 1 
ATOM   336  O "O2'" . A   A 1 16 ? -8.73043  10.69965  2.94548   1.000 104.57700 ? 21  A   V "O2'" 1 
ATOM   337  C "C1'" . A   A 1 16 ? -6.70555  9.63736   3.64307   1.000 87.61623  ? 21  A   V "C1'" 1 
ATOM   338  N N9    . A   A 1 16 ? -6.02073  8.34109   3.47354   1.000 86.59357  ? 21  A   V N9    1 
ATOM   339  C C8    . A   A 1 16 ? -5.36267  7.58384   4.41054   1.000 88.52737  ? 21  A   V C8    1 
ATOM   340  N N7    . A   A 1 16 ? -4.85982  6.47125   3.92707   1.000 96.25613  ? 21  A   V N7    1 
ATOM   341  C C5    . A   A 1 16 ? -5.20911  6.49845   2.58300   1.000 84.14023  ? 21  A   V C5    1 
ATOM   342  C C6    . A   A 1 16 ? -4.97640  5.60807   1.51768   1.000 80.94275  ? 21  A   V C6    1 
ATOM   343  N N6    . A   A 1 16 ? -4.30462  4.45987   1.63705   1.000 85.83773  ? 21  A   V N6    1 
ATOM   344  N N1    . A   A 1 16 ? -5.46534  5.94020   0.30390   1.000 81.98110  ? 21  A   V N1    1 
ATOM   345  C C2    . A   A 1 16 ? -6.14045  7.08872   0.17467   1.000 78.65468  ? 21  A   V C2    1 
ATOM   346  N N3    . A   A 1 16 ? -6.42465  8.00524   1.09748   1.000 72.91285  ? 21  A   V N3    1 
ATOM   347  C C4    . A   A 1 16 ? -5.92430  7.64528   2.29285   1.000 78.40472  ? 21  A   V C4    1 
ATOM   348  P P     . C   A 1 17 ? -11.04422 8.57908   5.63168   1.000 112.02171 ? 22  C   V P     1 
ATOM   349  O OP1   . C   A 1 17 ? -12.39232 9.20082   5.63683   1.000 105.70470 ? 22  C   V OP1   1 
ATOM   350  O OP2   . C   A 1 17 ? -10.54359 7.89944   6.85493   1.000 87.72363  ? 22  C   V OP2   1 
ATOM   351  O "O5'" . C   A 1 17 ? -10.98009 7.52957   4.43324   1.000 106.94431 ? 22  C   V "O5'" 1 
ATOM   352  C "C5'" . C   A 1 17 ? -11.44701 7.87024   3.13625   1.000 94.60205  ? 22  C   V "C5'" 1 
ATOM   353  C "C4'" . C   A 1 17 ? -11.05464 6.83224   2.11332   1.000 91.87851  ? 22  C   V "C4'" 1 
ATOM   354  O "O4'" . C   A 1 17 ? -9.61548  6.66081   2.10745   1.000 107.41717 ? 22  C   V "O4'" 1 
ATOM   355  C "C3'" . C   A 1 17 ? -11.59488 5.42752   2.33473   1.000 103.20547 ? 22  C   V "C3'" 1 
ATOM   356  O "O3'" . C   A 1 17 ? -12.93320 5.29047   1.88110   1.000 108.54684 ? 22  C   V "O3'" 1 
ATOM   357  C "C2'" . C   A 1 17 ? -10.59954 4.55847   1.56938   1.000 96.06017  ? 22  C   V "C2'" 1 
ATOM   358  O "O2'" . C   A 1 17 ? -10.90908 4.54151   0.18373   1.000 106.76117 ? 22  C   V "O2'" 1 
ATOM   359  C "C1'" . C   A 1 17 ? -9.28990  5.33088   1.76266   1.000 89.49389  ? 22  C   V "C1'" 1 
ATOM   360  N N1    . C   A 1 17 ? -8.42431  4.75283   2.81768   1.000 81.06251  ? 22  C   V N1    1 
ATOM   361  C C2    . C   A 1 17 ? -7.63747  3.63784   2.50602   1.000 94.69438  ? 22  C   V C2    1 
ATOM   362  O O2    . C   A 1 17 ? -7.69678  3.15690   1.36378   1.000 103.08802 ? 22  C   V O2    1 
ATOM   363  N N3    . C   A 1 17 ? -6.83520  3.10405   3.45647   1.000 93.12642  ? 22  C   V N3    1 
ATOM   364  C C4    . C   A 1 17 ? -6.79533  3.64363   4.67538   1.000 103.59154 ? 22  C   V C4    1 
ATOM   365  N N4    . C   A 1 17 ? -5.98973  3.08333   5.58090   1.000 110.38825 ? 22  C   V N4    1 
ATOM   366  C C5    . C   A 1 17 ? -7.57971  4.78310   5.01897   1.000 102.42851 ? 22  C   V C5    1 
ATOM   367  C C6    . C   A 1 17 ? -8.36939  5.30142   4.06887   1.000 90.54012  ? 22  C   V C6    1 
ATOM   368  P P     . U   A 1 18 ? -13.85508 4.06346   2.36409   1.000 110.56316 ? 23  U   V P     1 
ATOM   369  O OP1   . U   A 1 18 ? -13.18940 2.78482   2.00307   1.000 87.83568  ? 23  U   V OP1   1 
ATOM   370  O OP2   . U   A 1 18 ? -15.22925 4.33310   1.87100   1.000 97.74853  ? 23  U   V OP2   1 
ATOM   371  O "O5'" . U   A 1 18 ? -13.87960 4.18647   3.95278   1.000 114.37269 ? 23  U   V "O5'" 1 
ATOM   372  C "C5'" . U   A 1 18 ? -14.63212 5.20984   4.59899   1.000 95.51937  ? 23  U   V "C5'" 1 
ATOM   373  C "C4'" . U   A 1 18 ? -15.45809 4.66807   5.74346   1.000 113.49916 ? 23  U   V "C4'" 1 
ATOM   374  O "O4'" . U   A 1 18 ? -16.49104 3.78904   5.21696   1.000 118.96739 ? 23  U   V "O4'" 1 
ATOM   375  C "C3'" . U   A 1 18 ? -14.69117 3.84904   6.78256   1.000 101.82244 ? 23  U   V "C3'" 1 
ATOM   376  O "O3'" . U   A 1 18 ? -15.26388 4.06090   8.07272   1.000 103.99051 ? 23  U   V "O3'" 1 
ATOM   377  C "C2'" . U   A 1 18 ? -14.96277 2.41380   6.34462   1.000 105.17853 ? 23  U   V "C2'" 1 
ATOM   378  O "O2'" . U   A 1 18 ? -14.84121 1.45323   7.37221   1.000 92.21307  ? 23  U   V "O2'" 1 
ATOM   379  C "C1'" . U   A 1 18 ? -16.39618 2.51945   5.83371   1.000 107.37373 ? 23  U   V "C1'" 1 
ATOM   380  N N1    . U   A 1 18 ? -16.75429 1.49444   4.84296   1.000 109.73820 ? 23  U   V N1    1 
ATOM   381  C C2    . U   A 1 18 ? -17.71096 0.56374   5.19937   1.000 119.69841 ? 23  U   V C2    1 
ATOM   382  O O2    . U   A 1 18 ? -18.26345 0.56495   6.28569   1.000 130.82022 ? 23  U   V O2    1 
ATOM   383  N N3    . U   A 1 18 ? -18.00017 -0.37062  4.23560   1.000 126.99753 ? 23  U   V N3    1 
ATOM   384  C C4    . U   A 1 18 ? -17.44021 -0.46578  2.97788   1.000 129.45543 ? 23  U   V C4    1 
ATOM   385  O O4    . U   A 1 18 ? -17.80347 -1.36518  2.21787   1.000 130.12250 ? 23  U   V O4    1 
ATOM   386  C C5    . U   A 1 18 ? -16.45841 0.53319   2.68564   1.000 136.19055 ? 23  U   V C5    1 
ATOM   387  C C6    . U   A 1 18 ? -16.15560 1.45494   3.60588   1.000 122.60793 ? 23  U   V C6    1 
ATOM   388  P P     . C   A 1 19 ? -14.35224 4.58686   9.28709   1.000 124.86238 ? 24  C   V P     1 
ATOM   389  O OP1   . C   A 1 19 ? -15.15075 4.51858   10.53687  1.000 117.48225 ? 24  C   V OP1   1 
ATOM   390  O OP2   . C   A 1 19 ? -13.75363 5.88209   8.87511   1.000 109.27895 ? 24  C   V OP2   1 
ATOM   391  O "O5'" . C   A 1 19 ? -13.18267 3.50887   9.38870   1.000 104.72106 ? 24  C   V "O5'" 1 
ATOM   392  C "C5'" . C   A 1 19 ? -13.30719 2.34932   10.20909  1.000 103.37064 ? 24  C   V "C5'" 1 
ATOM   393  C "C4'" . C   A 1 19 ? -11.95352 1.75243   10.50880  1.000 110.46142 ? 24  C   V "C4'" 1 
ATOM   394  O "O4'" . C   A 1 19 ? -12.10605 0.58020   11.35848  1.000 121.58845 ? 24  C   V "O4'" 1 
ATOM   395  C "C3'" . C   A 1 19 ? -11.16340 1.29344   9.28202   1.000 127.87363 ? 24  C   V "C3'" 1 
ATOM   396  O "O3'" . C   A 1 19 ? -9.77896  1.59918   9.44259   1.000 122.41039 ? 24  C   V "O3'" 1 
ATOM   397  C "C2'" . C   A 1 19 ? -11.35722 -0.21888  9.29308   1.000 138.01075 ? 24  C   V "C2'" 1 
ATOM   398  O "O2'" . C   A 1 19 ? -10.33121 -0.95062  8.65509   1.000 137.99700 ? 24  C   V "O2'" 1 
ATOM   399  C "C1'" . C   A 1 19 ? -11.41206 -0.50953  10.78511  1.000 136.59682 ? 24  C   V "C1'" 1 
ATOM   400  N N1    . C   A 1 19 ? -12.11242 -1.75856  11.11501  1.000 143.33752 ? 24  C   V N1    1 
ATOM   401  C C2    . C   A 1 19 ? -11.38340 -2.77342  11.73994  1.000 154.37958 ? 24  C   V C2    1 
ATOM   402  O O2    . C   A 1 19 ? -10.18857 -2.57351  12.00573  1.000 157.02956 ? 24  C   V O2    1 
ATOM   403  N N3    . C   A 1 19 ? -11.99825 -3.93885  12.04371  1.000 162.23706 ? 24  C   V N3    1 
ATOM   404  C C4    . C   A 1 19 ? -13.28571 -4.10870  11.73923  1.000 159.07562 ? 24  C   V C4    1 
ATOM   405  N N4    . C   A 1 19 ? -13.85280 -5.27483  12.05817  1.000 173.75442 ? 24  C   V N4    1 
ATOM   406  C C5    . C   A 1 19 ? -14.05063 -3.09333  11.09408  1.000 141.41683 ? 24  C   V C5    1 
ATOM   407  C C6    . C   A 1 19 ? -13.42957 -1.94478  10.79832  1.000 130.65185 ? 24  C   V C6    1 
ATOM   408  P P     . G   A 1 20 ? -8.82435  1.71354   8.15200   1.000 121.69926 ? 25  G   V P     1 
ATOM   409  O OP1   . G   A 1 20 ? -7.79036  0.65276   8.26200   1.000 80.43428  ? 25  G   V OP1   1 
ATOM   410  O OP2   . G   A 1 20 ? -8.41757  3.13390   8.00396   1.000 115.91736 ? 25  G   V OP2   1 
ATOM   411  O "O5'" . G   A 1 20 ? -9.77023  1.33943   6.92303   1.000 108.88305 ? 25  G   V "O5'" 1 
ATOM   412  C "C5'" . G   A 1 20 ? -10.36950 2.34816   6.12042   1.000 97.32147  ? 25  G   V "C5'" 1 
ATOM   413  C "C4'" . G   A 1 20 ? -10.81077 1.80647   4.78324   1.000 104.70950 ? 25  G   V "C4'" 1 
ATOM   414  O "O4'" . G   A 1 20 ? -9.69627  1.81797   3.85533   1.000 111.56012 ? 25  G   V "O4'" 1 
ATOM   415  C "C3'" . G   A 1 20 ? -11.29416 0.36327   4.76032   1.000 111.87660 ? 25  G   V "C3'" 1 
ATOM   416  O "O3'" . G   A 1 20 ? -12.63732 0.21922   5.19378   1.000 120.53503 ? 25  G   V "O3'" 1 
ATOM   417  C "C2'" . G   A 1 20 ? -11.08331 -0.03071  3.30425   1.000 100.32916 ? 25  G   V "C2'" 1 
ATOM   418  O "O2'" . G   A 1 20 ? -12.12711 0.48951   2.49356   1.000 99.56870  ? 25  G   V "O2'" 1 
ATOM   419  C "C1'" . G   A 1 20 ? -9.79620  0.72325   2.96923   1.000 96.10315  ? 25  G   V "C1'" 1 
ATOM   420  N N9    . G   A 1 20 ? -8.59355  -0.11722  3.12155   1.000 76.71298  ? 25  G   V N9    1 
ATOM   421  C C8    . G   A 1 20 ? -7.61052  0.01616   4.07097   1.000 90.25245  ? 25  G   V C8    1 
ATOM   422  N N7    . G   A 1 20 ? -6.65729  -0.86726  3.95318   1.000 88.04173  ? 25  G   V N7    1 
ATOM   423  C C5    . G   A 1 20 ? -7.02974  -1.63086  2.85614   1.000 72.90301  ? 25  G   V C5    1 
ATOM   424  C C6    . G   A 1 20 ? -6.38712  -2.73991  2.24808   1.000 83.18131  ? 25  G   V C6    1 
ATOM   425  O O6    . G   A 1 20 ? -5.32540  -3.28917  2.56865   1.000 91.93037  ? 25  G   V O6    1 
ATOM   426  N N1    . G   A 1 20 ? -7.11058  -3.21223  1.15861   1.000 78.80888  ? 25  G   V N1    1 
ATOM   427  C C2    . G   A 1 20 ? -8.29730  -2.68843  0.71059   1.000 86.21629  ? 25  G   V C2    1 
ATOM   428  N N2    . G   A 1 20 ? -8.83982  -3.28760  -0.35932  1.000 89.22074  ? 25  G   V N2    1 
ATOM   429  N N3    . G   A 1 20 ? -8.90738  -1.65436  1.26771   1.000 93.55881  ? 25  G   V N3    1 
ATOM   430  C C4    . G   A 1 20 ? -8.22214  -1.17853  2.32881   1.000 84.61554  ? 25  G   V C4    1 
ATOM   431  P P     . U   A 1 21 ? -13.16366 -1.18639  5.77583   1.000 114.40617 ? 26  U   V P     1 
ATOM   432  O OP1   . U   A 1 21 ? -14.57274 -0.99830  6.20180   1.000 91.22689  ? 26  U   V OP1   1 
ATOM   433  O OP2   . U   A 1 21 ? -12.16426 -1.71838  6.73149   1.000 118.83275 ? 26  U   V OP2   1 
ATOM   434  O "O5'" . U   A 1 21 ? -13.12818 -2.17465  4.52777   1.000 100.94459 ? 26  U   V "O5'" 1 
ATOM   435  C "C5'" . U   A 1 21 ? -14.11566 -2.11965  3.51050   1.000 104.90077 ? 26  U   V "C5'" 1 
ATOM   436  C "C4'" . U   A 1 21 ? -13.91916 -3.23068  2.51093   1.000 99.37901  ? 26  U   V "C4'" 1 
ATOM   437  O "O4'" . U   A 1 21 ? -12.62092 -3.08830  1.87455   1.000 112.43912 ? 26  U   V "O4'" 1 
ATOM   438  C "C3'" . U   A 1 21 ? -13.88992 -4.63884  3.08423   1.000 114.10868 ? 26  U   V "C3'" 1 
ATOM   439  O "O3'" . U   A 1 21 ? -15.17736 -5.17241  3.33865   1.000 122.41599 ? 26  U   V "O3'" 1 
ATOM   440  C "C2'" . U   A 1 21 ? -13.10272 -5.40684  2.03264   1.000 105.99140 ? 26  U   V "C2'" 1 
ATOM   441  O "O2'" . U   A 1 21 ? -13.92064 -5.70208  0.90939   1.000 118.40449 ? 26  U   V "O2'" 1 
ATOM   442  C "C1'" . U   A 1 21 ? -12.06752 -4.36330  1.61686   1.000 93.92793  ? 26  U   V "C1'" 1 
ATOM   443  N N1    . U   A 1 21 ? -10.80854 -4.50072  2.38484   1.000 80.47317  ? 26  U   V N1    1 
ATOM   444  C C2    . U   A 1 21 ? -9.91778  -5.48343  1.99150   1.000 92.85166  ? 26  U   V C2    1 
ATOM   445  O O2    . U   A 1 21 ? -10.12346 -6.22905  1.04857   1.000 100.71979 ? 26  U   V O2    1 
ATOM   446  N N3    . U   A 1 21 ? -8.77024  -5.56339  2.74213   1.000 76.38690  ? 26  U   V N3    1 
ATOM   447  C C4    . U   A 1 21 ? -8.43015  -4.77870  3.82454   1.000 81.35573  ? 26  U   V C4    1 
ATOM   448  O O4    . U   A 1 21 ? -7.35821  -4.97185  4.40016   1.000 97.94990  ? 26  U   V O4    1 
ATOM   449  C C5    . U   A 1 21 ? -9.40228  -3.78718  4.16981   1.000 86.21921  ? 26  U   V C5    1 
ATOM   450  C C6    . U   A 1 21 ? -10.52929 -3.68547  3.45644   1.000 88.82502  ? 26  U   V C6    1 
ATOM   451  P P     . U   A 1 22 ? -15.38282 -6.22690  4.53423   1.000 121.21977 ? 27  U   V P     1 
ATOM   452  O OP1   . U   A 1 22 ? -16.83597 -6.50973  4.65213   1.000 95.30735  ? 27  U   V OP1   1 
ATOM   453  O OP2   . U   A 1 22 ? -14.63557 -5.72806  5.71682   1.000 120.89118 ? 27  U   V OP2   1 
ATOM   454  O "O5'" . U   A 1 22 ? -14.65494 -7.54656  4.01382   1.000 97.64891  ? 27  U   V "O5'" 1 
ATOM   455  C "C5'" . U   A 1 22 ? -15.14444 -8.24189  2.87713   1.000 98.99997  ? 27  U   V "C5'" 1 
ATOM   456  C "C4'" . U   A 1 22 ? -14.14910 -9.25026  2.35833   1.000 99.40583  ? 27  U   V "C4'" 1 
ATOM   457  O "O4'" . U   A 1 22 ? -12.89161 -8.59894  2.04163   1.000 105.45012 ? 27  U   V "O4'" 1 
ATOM   458  C "C3'" . U   A 1 22 ? -13.74649 -10.36342 3.31097   1.000 121.50239 ? 27  U   V "C3'" 1 
ATOM   459  O "O3'" . U   A 1 22 ? -14.71267 -11.39583 3.40782   1.000 129.23643 ? 27  U   V "O3'" 1 
ATOM   460  C "C2'" . U   A 1 22 ? -12.41827 -10.82613 2.72595   1.000 116.94145 ? 27  U   V "C2'" 1 
ATOM   461  O "O2'" . U   A 1 22 ? -12.63037 -11.66002 1.59605   1.000 116.97098 ? 27  U   V "O2'" 1 
ATOM   462  C "C1'" . U   A 1 22 ? -11.82259 -9.50270  2.24258   1.000 97.76446  ? 27  U   V "C1'" 1 
ATOM   463  N N1    . U   A 1 22 ? -10.86860 -8.93054  3.22132   1.000 102.87032 ? 27  U   V N1    1 
ATOM   464  C C2    . U   A 1 22 ? -9.59397  -9.46859  3.23719   1.000 107.38121 ? 27  U   V C2    1 
ATOM   465  O O2    . U   A 1 22 ? -9.24364  -10.36952 2.49254   1.000 106.45553 ? 27  U   V O2    1 
ATOM   466  N N3    . U   A 1 22 ? -8.73695  -8.91517  4.15621   1.000 101.03093 ? 27  U   V N3    1 
ATOM   467  C C4    . U   A 1 22 ? -9.01880  -7.89890  5.04477   1.000 106.34506 ? 27  U   V C4    1 
ATOM   468  O O4    . U   A 1 22 ? -8.13579  -7.50878  5.81219   1.000 99.78587  ? 27  U   V O4    1 
ATOM   469  C C5    . U   A 1 22 ? -10.35836 -7.39615  4.96801   1.000 92.83131  ? 27  U   V C5    1 
ATOM   470  C C6    . U   A 1 22 ? -11.21720 -7.91517  4.08214   1.000 96.10271  ? 27  U   V C6    1 
ATOM   471  P P     . C   A 1 23 ? -14.83633 -12.26061 4.75805   1.000 140.77300 ? 28  C   V P     1 
ATOM   472  O OP1   . C   A 1 23 ? -15.96804 -13.20586 4.58290   1.000 132.03322 ? 28  C   V OP1   1 
ATOM   473  O OP2   . C   A 1 23 ? -14.83626 -11.32103 5.90870   1.000 127.46503 ? 28  C   V OP2   1 
ATOM   474  O "O5'" . C   A 1 23 ? -13.49018 -13.11543 4.80015   1.000 100.69445 ? 28  C   V "O5'" 1 
ATOM   475  C "C5'" . C   A 1 23 ? -13.25424 -14.13704 3.84269   1.000 99.13297  ? 28  C   V "C5'" 1 
ATOM   476  C "C4'" . C   A 1 23 ? -11.82192 -14.61215 3.85958   1.000 99.78836  ? 28  C   V "C4'" 1 
ATOM   477  O "O4'" . C   A 1 23 ? -10.91818 -13.48910 3.69016   1.000 109.90089 ? 28  C   V "O4'" 1 
ATOM   478  C "C3'" . C   A 1 23 ? -11.33903 -15.27147 5.14077   1.000 112.77730 ? 28  C   V "C3'" 1 
ATOM   479  O "O3'" . C   A 1 23 ? -11.76299 -16.61650 5.27662   1.000 129.01986 ? 28  C   V "O3'" 1 
ATOM   480  C "C2'" . C   A 1 23 ? -9.82758  -15.11579 5.03656   1.000 113.33704 ? 28  C   V "C2'" 1 
ATOM   481  O "O2'" . C   A 1 23 ? -9.28225  -16.07663 4.14379   1.000 106.47915 ? 28  C   V "O2'" 1 
ATOM   482  C "C1'" . C   A 1 23 ? -9.71251  -13.73612 4.38754   1.000 97.16317  ? 28  C   V "C1'" 1 
ATOM   483  N N1    . C   A 1 23 ? -9.50282  -12.66792 5.39212   1.000 102.48426 ? 28  C   V N1    1 
ATOM   484  C C2    . C   A 1 23 ? -8.22321  -12.51136 5.93808   1.000 98.48149  ? 28  C   V C2    1 
ATOM   485  O O2    . C   A 1 23 ? -7.30888  -13.26379 5.56676   1.000 94.74779  ? 28  C   V O2    1 
ATOM   486  N N3    . C   A 1 23 ? -8.00904  -11.54375 6.85856   1.000 92.66010  ? 28  C   V N3    1 
ATOM   487  C C4    . C   A 1 23 ? -9.01163  -10.75144 7.23864   1.000 106.69072 ? 28  C   V C4    1 
ATOM   488  N N4    . C   A 1 23 ? -8.75225  -9.81062  8.15027   1.000 114.66719 ? 28  C   V N4    1 
ATOM   489  C C5    . C   A 1 23 ? -10.32480 -10.88928 6.70103   1.000 105.41164 ? 28  C   V C5    1 
ATOM   490  C C6    . C   A 1 23 ? -10.52547 -11.85083 5.79014   1.000 104.41758 ? 28  C   V C6    1 
ATOM   491  P P     . C   A 1 24 ? -11.85192 -17.28459 6.73598   1.000 136.90489 ? 29  C   V P     1 
ATOM   492  O OP1   . C   A 1 24 ? -12.44490 -18.63902 6.59464   1.000 130.51085 ? 29  C   V OP1   1 
ATOM   493  O OP2   . C   A 1 24 ? -12.48075 -16.29611 7.64904   1.000 100.46903 ? 29  C   V OP2   1 
ATOM   494  O "O5'" . C   A 1 24 ? -10.32997 -17.47108 7.16932   1.000 83.66078  ? 29  C   V "O5'" 1 
ATOM   495  C "C5'" . C   A 1 24 ? -9.48760  -18.38531 6.48395   1.000 87.59293  ? 29  C   V "C5'" 1 
ATOM   496  C "C4'" . C   A 1 24 ? -8.08614  -18.36290 7.03645   1.000 100.36440 ? 29  C   V "C4'" 1 
ATOM   497  O "O4'" . C   A 1 24 ? -7.49702  -17.05200 6.83026   1.000 110.16527 ? 29  C   V "O4'" 1 
ATOM   498  C "C3'" . C   A 1 24 ? -7.95952  -18.58711 8.53410   1.000 109.90907 ? 29  C   V "C3'" 1 
ATOM   499  O "O3'" . C   A 1 24 ? -8.03968  -19.95153 8.90510   1.000 111.82951 ? 29  C   V "O3'" 1 
ATOM   500  C "C2'" . C   A 1 24 ? -6.61963  -17.93809 8.85148   1.000 114.69358 ? 29  C   V "C2'" 1 
ATOM   501  O "O2'" . C   A 1 24 ? -5.54782  -18.78448 8.45989   1.000 103.48276 ? 29  C   V "O2'" 1 
ATOM   502  C "C1'" . C   A 1 24 ? -6.64569  -16.73158 7.91236   1.000 107.76585 ? 29  C   V "C1'" 1 
ATOM   503  N N1    . C   A 1 24 ? -7.16341  -15.51216 8.57724   1.000 104.71025 ? 29  C   V N1    1 
ATOM   504  C C2    . C   A 1 24 ? -6.32011  -14.78309 9.42468   1.000 91.85781  ? 29  C   V C2    1 
ATOM   505  O O2    . C   A 1 24 ? -5.15687  -15.17515 9.60690   1.000 97.58280  ? 29  C   V O2    1 
ATOM   506  N N3    . C   A 1 24 ? -6.79047  -13.66696 10.02934  1.000 83.12985  ? 29  C   V N3    1 
ATOM   507  C C4    . C   A 1 24 ? -8.04495  -13.26697 9.81579   1.000 101.37520 ? 29  C   V C4    1 
ATOM   508  N N4    . C   A 1 24 ? -8.46766  -12.16028 10.43254  1.000 92.98651  ? 29  C   V N4    1 
ATOM   509  C C5    . C   A 1 24 ? -8.92482  -13.98811 8.95802   1.000 110.97004 ? 29  C   V C5    1 
ATOM   510  C C6    . C   A 1 24 ? -8.44701  -15.09048 8.36521   1.000 99.29090  ? 29  C   V C6    1 
ATOM   511  P P     . U   A 1 25 ? -8.57427  -20.35147 10.36618  1.000 131.77076 ? 30  U   V P     1 
ATOM   512  O OP1   . U   A 1 25 ? -8.88299  -21.80463 10.36999  1.000 127.84529 ? 30  U   V OP1   1 
ATOM   513  O OP2   . U   A 1 25 ? -9.62905  -19.37545 10.74463  1.000 92.81594  ? 30  U   V OP2   1 
ATOM   514  O "O5'" . U   A 1 25 ? -7.31267  -20.11648 11.30985  1.000 99.28116  ? 30  U   V "O5'" 1 
ATOM   515  C "C5'" . U   A 1 25 ? -6.09657  -20.81095 11.07760  1.000 100.86411 ? 30  U   V "C5'" 1 
ATOM   516  C "C4'" . U   A 1 25 ? -4.99600  -20.32911 11.98891  1.000 115.63197 ? 30  U   V "C4'" 1 
ATOM   517  O "O4'" . U   A 1 25 ? -4.63435  -18.96369 11.65323  1.000 111.77418 ? 30  U   V "O4'" 1 
ATOM   518  C "C3'" . U   A 1 25 ? -5.33186  -20.26195 13.47004  1.000 117.12510 ? 30  U   V "C3'" 1 
ATOM   519  O "O3'" . U   A 1 25 ? -5.26791  -21.52004 14.11758  1.000 114.51169 ? 30  U   V "O3'" 1 
ATOM   520  C "C2'" . U   A 1 25 ? -4.31653  -19.25364 13.98970  1.000 114.65089 ? 30  U   V "C2'" 1 
ATOM   521  O "O2'" . U   A 1 25 ? -3.03955  -19.85751 14.13487  1.000 108.86065 ? 30  U   V "O2'" 1 
ATOM   522  C "C1'" . U   A 1 25 ? -4.25167  -18.26754 12.82301  1.000 108.79059 ? 30  U   V "C1'" 1 
ATOM   523  N N1    . U   A 1 25 ? -5.16532  -17.11756 13.01744  1.000 111.37598 ? 30  U   V N1    1 
ATOM   524  C C2    . U   A 1 25 ? -4.74874  -16.10412 13.86162  1.000 98.52355  ? 30  U   V C2    1 
ATOM   525  O O2    . U   A 1 25 ? -3.67567  -16.12181 14.44201  1.000 97.80386  ? 30  U   V O2    1 
ATOM   526  N N3    . U   A 1 25 ? -5.63385  -15.06523 14.00391  1.000 81.03993  ? 30  U   V N3    1 
ATOM   527  C C4    . U   A 1 25 ? -6.86774  -14.93856 13.40107  1.000 95.15440  ? 30  U   V C4    1 
ATOM   528  O O4    . U   A 1 25 ? -7.55313  -13.94031 13.62926  1.000 90.23539  ? 30  U   V O4    1 
ATOM   529  C C5    . U   A 1 25 ? -7.22781  -16.02657 12.54377  1.000 95.68584  ? 30  U   V C5    1 
ATOM   530  C C6    . U   A 1 25 ? -6.38520  -17.05215 12.38520  1.000 103.32781 ? 30  U   V C6    1 
ATOM   531  P P     . C   A 1 26 ? -6.27539  -21.85583 15.32362  1.000 130.80614 ? 31  C   V P     1 
ATOM   532  O OP1   . C   A 1 26 ? -6.02376  -23.25830 15.74143  1.000 138.06131 ? 31  C   V OP1   1 
ATOM   533  O OP2   . C   A 1 26 ? -7.64416  -21.44341 14.91811  1.000 101.29993 ? 31  C   V OP2   1 
ATOM   534  O "O5'" . C   A 1 26 ? -5.80078  -20.89531 16.50344  1.000 110.31480 ? 31  C   V "O5'" 1 
ATOM   535  C "C5'" . C   A 1 26 ? -4.52312  -21.05466 17.10218  1.000 97.17424  ? 31  C   V "C5'" 1 
ATOM   536  C "C4'" . C   A 1 26 ? -4.25769  -19.99655 18.14453  1.000 105.83949 ? 31  C   V "C4'" 1 
ATOM   537  O "O4'" . C   A 1 26 ? -4.13823  -18.69291 17.51524  1.000 113.17101 ? 31  C   V "O4'" 1 
ATOM   538  C "C3'" . C   A 1 26 ? -5.34042  -19.79167 19.19171  1.000 105.78560 ? 31  C   V "C3'" 1 
ATOM   539  O "O3'" . C   A 1 26 ? -5.33042  -20.77027 20.21536  1.000 110.20944 ? 31  C   V "O3'" 1 
ATOM   540  C "C2'" . C   A 1 26 ? -5.04636  -18.38363 19.68864  1.000 101.95360 ? 31  C   V "C2'" 1 
ATOM   541  O "O2'" . C   A 1 26 ? -3.93732  -18.38643 20.57567  1.000 108.87841 ? 31  C   V "O2'" 1 
ATOM   542  C "C1'" . C   A 1 26 ? -4.62316  -17.69351 18.39113  1.000 83.53549  ? 31  C   V "C1'" 1 
ATOM   543  N N1    . C   A 1 26 ? -5.75989  -16.99628 17.74860  1.000 80.94611  ? 31  C   V N1    1 
ATOM   544  C C2    . C   A 1 26 ? -6.16544  -15.76230 18.27015  1.000 88.48305  ? 31  C   V C2    1 
ATOM   545  O O2    . C   A 1 26 ? -5.55895  -15.28703 19.24193  1.000 93.57485  ? 31  C   V O2    1 
ATOM   546  N N3    . C   A 1 26 ? -7.20616  -15.11234 17.70230  1.000 77.92016  ? 31  C   V N3    1 
ATOM   547  C C4    . C   A 1 26 ? -7.83497  -15.65173 16.65788  1.000 90.12158  ? 31  C   V C4    1 
ATOM   548  N N4    . C   A 1 26 ? -8.85685  -14.97811 16.12793  1.000 97.65899  ? 31  C   V N4    1 
ATOM   549  C C5    . C   A 1 26 ? -7.44730  -16.90818 16.10869  1.000 104.21406 ? 31  C   V C5    1 
ATOM   550  C C6    . C   A 1 26 ? -6.41435  -17.54090 16.67982  1.000 95.85352  ? 31  C   V C6    1 
ATOM   551  P P     . G   A 1 27 ? -6.71564  -21.27788 20.85261  1.000 123.30703 ? 32  G   V P     1 
ATOM   552  O OP1   . G   A 1 27 ? -6.38539  -22.26094 21.91545  1.000 117.06307 ? 32  G   V OP1   1 
ATOM   553  O OP2   . G   A 1 27 ? -7.62990  -21.66071 19.74532  1.000 96.92049  ? 32  G   V OP2   1 
ATOM   554  O "O5'" . G   A 1 27 ? -7.32403  -19.97894 21.54603  1.000 105.86623 ? 32  G   V "O5'" 1 
ATOM   555  C "C5'" . G   A 1 27 ? -6.71996  -19.41301 22.69940  1.000 102.40608 ? 32  G   V "C5'" 1 
ATOM   556  C "C4'" . G   A 1 27 ? -7.49295  -18.21560 23.18928  1.000 96.37655  ? 32  G   V "C4'" 1 
ATOM   557  O "O4'" . G   A 1 27 ? -7.35504  -17.11726 22.24749  1.000 90.55419  ? 32  G   V "O4'" 1 
ATOM   558  C "C3'" . G   A 1 27 ? -8.99583  -18.40295 23.30773  1.000 93.17577  ? 32  G   V "C3'" 1 
ATOM   559  O "O3'" . G   A 1 27 ? -9.39300  -19.09780 24.47630  1.000 96.46728  ? 32  G   V "O3'" 1 
ATOM   560  C "C2'" . G   A 1 27 ? -9.51005  -16.97305 23.22847  1.000 89.36074  ? 32  G   V "C2'" 1 
ATOM   561  O "O2'" . G   A 1 27 ? -9.30323  -16.29468 24.45894  1.000 88.53311  ? 32  G   V "O2'" 1 
ATOM   562  C "C1'" . G   A 1 27 ? -8.56205  -16.38204 22.18678  1.000 87.22550  ? 32  G   V "C1'" 1 
ATOM   563  N N9    . G   A 1 27 ? -9.11740  -16.50435 20.82584  1.000 89.95201  ? 32  G   V N9    1 
ATOM   564  C C8    . G   A 1 27 ? -8.78884  -17.45360 19.89008  1.000 92.33490  ? 32  G   V C8    1 
ATOM   565  N N7    . G   A 1 27 ? -9.45050  -17.32273 18.77165  1.000 92.87283  ? 32  G   V N7    1 
ATOM   566  C C5    . G   A 1 27 ? -10.26963 -16.22375 18.98355  1.000 90.39413  ? 32  G   V C5    1 
ATOM   567  C C6    . G   A 1 27 ? -11.21320 -15.60690 18.12267  1.000 101.86818 ? 32  G   V C6    1 
ATOM   568  O O6    . G   A 1 27 ? -11.51923 -15.91983 16.96535  1.000 119.73489 ? 32  G   V O6    1 
ATOM   569  N N1    . G   A 1 27 ? -11.82725 -14.51832 18.73219  1.000 93.19734  ? 32  G   V N1    1 
ATOM   570  C C2    . G   A 1 27 ? -11.56822 -14.07848 20.00599  1.000 90.04236  ? 32  G   V C2    1 
ATOM   571  N N2    . G   A 1 27 ? -12.26890 -13.00867 20.41021  1.000 85.64653  ? 32  G   V N2    1 
ATOM   572  N N3    . G   A 1 27 ? -10.69011 -14.64529 20.82001  1.000 87.78063  ? 32  G   V N3    1 
ATOM   573  C C4    . G   A 1 27 ? -10.08038 -15.70685 20.24789  1.000 90.07804  ? 32  G   V C4    1 
ATOM   574  P P     . A   A 1 28 ? -10.62091 -20.13263 24.40137  1.000 100.66387 ? 33  A   V P     1 
ATOM   575  O OP1   . A   A 1 28 ? -11.05645 -20.45230 25.78379  1.000 103.22936 ? 33  A   V OP1   1 
ATOM   576  O OP2   . A   A 1 28 ? -10.23207 -21.23170 23.48202  1.000 106.93603 ? 33  A   V OP2   1 
ATOM   577  O "O5'" . A   A 1 28 ? -11.77909 -19.29603 23.69613  1.000 92.06065  ? 33  A   V "O5'" 1 
ATOM   578  C "C5'" . A   A 1 28 ? -13.05620 -19.86636 23.45715  1.000 73.83454  ? 33  A   V "C5'" 1 
ATOM   579  C "C4'" . A   A 1 28 ? -14.13707 -19.09543 24.16940  1.000 79.95174  ? 33  A   V "C4'" 1 
ATOM   580  O "O4'" . A   A 1 28 ? -13.88198 -19.11923 25.59446  1.000 95.40316  ? 33  A   V "O4'" 1 
ATOM   581  C "C3'" . A   A 1 28 ? -14.23216 -17.61603 23.82878  1.000 90.55420  ? 33  A   V "C3'" 1 
ATOM   582  O "O3'" . A   A 1 28 ? -14.98341 -17.38103 22.64977  1.000 99.70435  ? 33  A   V "O3'" 1 
ATOM   583  C "C2'" . A   A 1 28 ? -14.86692 -17.01482 25.07880  1.000 88.65059  ? 33  A   V "C2'" 1 
ATOM   584  O "O2'" . A   A 1 28 ? -16.27754 -17.17626 25.05760  1.000 84.85188  ? 33  A   V "O2'" 1 
ATOM   585  C "C1'" . A   A 1 28 ? -14.29497 -17.90619 26.18249  1.000 87.03257  ? 33  A   V "C1'" 1 
ATOM   586  N N9    . A   A 1 28 ? -13.14196 -17.30288 26.87889  1.000 81.72283  ? 33  A   V N9    1 
ATOM   587  C C8    . A   A 1 28 ? -11.85380 -17.77607 26.92098  1.000 79.62521  ? 33  A   V C8    1 
ATOM   588  N N7    . A   A 1 28 ? -11.03923 -17.04079 27.63687  1.000 86.90081  ? 33  A   V N7    1 
ATOM   589  C C5    . A   A 1 28 ? -11.84731 -16.01600 28.10730  1.000 75.67626  ? 33  A   V C5    1 
ATOM   590  C C6    . A   A 1 28 ? -11.57862 -14.90595 28.92566  1.000 70.92406  ? 33  A   V C6    1 
ATOM   591  N N6    . A   A 1 28 ? -10.37412 -14.63514 29.43420  1.000 87.24610  ? 33  A   V N6    1 
ATOM   592  N N1    . A   A 1 28 ? -12.60288 -14.07394 29.20853  1.000 70.12332  ? 33  A   V N1    1 
ATOM   593  C C2    . A   A 1 28 ? -13.80932 -14.34839 28.69651  1.000 88.42519  ? 33  A   V C2    1 
ATOM   594  N N3    . A   A 1 28 ? -14.18751 -15.35840 27.91439  1.000 83.44374  ? 33  A   V N3    1 
ATOM   595  C C4    . A   A 1 28 ? -13.14640 -16.16714 27.65318  1.000 77.34075  ? 33  A   V C4    1 
ATOM   596  P P     . A   A 1 29 ? -14.31225 -16.65381 21.38404  1.000 94.77979  ? 34  A   V P     1 
ATOM   597  O OP1   . A   A 1 29 ? -15.10973 -16.99933 20.18009  1.000 99.95042  ? 34  A   V OP1   1 
ATOM   598  O OP2   . A   A 1 29 ? -12.85232 -16.94215 21.40811  1.000 85.69375  ? 34  A   V OP2   1 
ATOM   599  O "O5'" . A   A 1 29 ? -14.54617 -15.10397 21.66265  1.000 70.49622  ? 34  A   V "O5'" 1 
ATOM   600  C "C5'" . A   A 1 29 ? -15.85671 -14.55698 21.68423  1.000 74.84099  ? 34  A   V "C5'" 1 
ATOM   601  C "C4'" . A   A 1 29 ? -15.98041 -13.49420 22.74480  1.000 80.72053  ? 34  A   V "C4'" 1 
ATOM   602  O "O4'" . A   A 1 29 ? -15.43615 -14.00761 23.98444  1.000 92.71642  ? 34  A   V "O4'" 1 
ATOM   603  C "C3'" . A   A 1 29 ? -15.19878 -12.21317 22.48845  1.000 86.44448  ? 34  A   V "C3'" 1 
ATOM   604  O "O3'" . A   A 1 29 ? -15.91168 -11.29065 21.68145  1.000 98.05054  ? 34  A   V "O3'" 1 
ATOM   605  C "C2'" . A   A 1 29 ? -14.91487 -11.68959 23.89061  1.000 82.24081  ? 34  A   V "C2'" 1 
ATOM   606  O "O2'" . A   A 1 29 ? -16.03125 -10.97416 24.39665  1.000 83.10536  ? 34  A   V "O2'" 1 
ATOM   607  C "C1'" . A   A 1 29 ? -14.76987 -12.98483 24.68733  1.000 76.01632  ? 34  A   V "C1'" 1 
ATOM   608  N N9    . A   A 1 29 ? -13.36580 -13.38960 24.87844  1.000 75.53373  ? 34  A   V N9    1 
ATOM   609  C C8    . A   A 1 29 ? -12.67559 -14.37524 24.21790  1.000 88.29889  ? 34  A   V C8    1 
ATOM   610  N N7    . A   A 1 29 ? -11.43728 -14.51797 24.62410  1.000 82.39309  ? 34  A   V N7    1 
ATOM   611  C C5    . A   A 1 29 ? -11.30647 -13.56639 25.62531  1.000 76.34200  ? 34  A   V C5    1 
ATOM   612  C C6    . A   A 1 29 ? -10.23204 -13.20855 26.45742  1.000 74.41471  ? 34  A   V C6    1 
ATOM   613  N N6    . A   A 1 29 ? -9.03078  -13.78944 26.41283  1.000 74.46433  ? 34  A   V N6    1 
ATOM   614  N N1    . A   A 1 29 ? -10.43822 -12.21583 27.35124  1.000 78.42927  ? 34  A   V N1    1 
ATOM   615  C C2    . A   A 1 29 ? -11.64091 -11.62807 27.39892  1.000 86.54845  ? 34  A   V C2    1 
ATOM   616  N N3    . A   A 1 29 ? -12.72701 -11.87746 26.67249  1.000 80.82637  ? 34  A   V N3    1 
ATOM   617  C C4    . A   A 1 29 ? -12.48901 -12.86704 25.79481  1.000 79.31111  ? 34  A   V C4    1 
ATOM   618  P P     . A   A 1 30 ? -15.11869 -10.30538 20.69169  1.000 90.74895  ? 35  A   V P     1 
ATOM   619  O OP1   . A   A 1 30 ? -16.10645 -9.47847  19.95365  1.000 79.44915  ? 35  A   V OP1   1 
ATOM   620  O OP2   . A   A 1 30 ? -14.14425 -11.14080 19.94504  1.000 64.77521  ? 35  A   V OP2   1 
ATOM   621  O "O5'" . A   A 1 30 ? -14.30937 -9.33820  21.66638  1.000 96.11129  ? 35  A   V "O5'" 1 
ATOM   622  C "C5'" . A   A 1 30 ? -14.93269 -8.21711  22.27963  1.000 78.52183  ? 35  A   V "C5'" 1 
ATOM   623  C "C4'" . A   A 1 30 ? -14.04837 -7.61262  23.34293  1.000 90.12103  ? 35  A   V "C4'" 1 
ATOM   624  O "O4'" . A   A 1 30 ? -13.61212 -8.65948  24.25003  1.000 99.01878  ? 35  A   V "O4'" 1 
ATOM   625  C "C3'" . A   A 1 30 ? -12.75210 -6.97714  22.85432  1.000 93.27688  ? 35  A   V "C3'" 1 
ATOM   626  O "O3'" . A   A 1 30 ? -12.92256 -5.64538  22.39920  1.000 81.71401  ? 35  A   V "O3'" 1 
ATOM   627  C "C2'" . A   A 1 30 ? -11.84463 -7.09127  24.07106  1.000 82.72827  ? 35  A   V "C2'" 1 
ATOM   628  O "O2'" . A   A 1 30 ? -12.16503 -6.09150  25.02751  1.000 87.97283  ? 35  A   V "O2'" 1 
ATOM   629  C "C1'" . A   A 1 30 ? -12.27037 -8.44529  24.63146  1.000 77.45899  ? 35  A   V "C1'" 1 
ATOM   630  N N9    . A   A 1 30 ? -11.46041 -9.54903  24.08252  1.000 80.13274  ? 35  A   V N9    1 
ATOM   631  C C8    . A   A 1 30 ? -11.74135 -10.32125 22.98178  1.000 88.74084  ? 35  A   V C8    1 
ATOM   632  N N7    . A   A 1 30 ? -10.83881 -11.23770 22.72814  1.000 89.66593  ? 35  A   V N7    1 
ATOM   633  C C5    . A   A 1 30 ? -9.89720  -11.05832 23.73080  1.000 69.42868  ? 35  A   V C5    1 
ATOM   634  C C6    . A   A 1 30 ? -8.68983  -11.71720 24.02152  1.000 76.73484  ? 35  A   V C6    1 
ATOM   635  N N6    . A   A 1 30 ? -8.20411  -12.73260 23.30307  1.000 84.73242  ? 35  A   V N6    1 
ATOM   636  N N1    . A   A 1 30 ? -7.98784  -11.29461 25.09497  1.000 87.82501  ? 35  A   V N1    1 
ATOM   637  C C2    . A   A 1 30 ? -8.47270  -10.27667 25.81690  1.000 86.07015  ? 35  A   V C2    1 
ATOM   638  N N3    . A   A 1 30 ? -9.59200  -9.57763  25.64453  1.000 77.20619  ? 35  A   V N3    1 
ATOM   639  C C4    . A   A 1 30 ? -10.26676 -10.02218 24.57152  1.000 81.12754  ? 35  A   V C4    1 
ATOM   640  P P     . G   A 1 31 ? -12.13149 -5.12055  21.10080  1.000 93.67368  ? 37  G   V P     1 
ATOM   641  O OP1   . G   A 1 31 ? -11.95649 -3.65405  21.24976  1.000 89.56682  ? 37  G   V OP1   1 
ATOM   642  O OP2   . G   A 1 31 ? -12.81336 -5.65408  19.89397  1.000 82.28234  ? 37  G   V OP2   1 
ATOM   643  O "O5'" . G   A 1 31 ? -10.68994 -5.79481  21.21457  1.000 86.69844  ? 37  G   V "O5'" 1 
ATOM   644  C "C5'" . G   A 1 31 ? -9.59332  -5.08363  21.77280  1.000 68.53387  ? 37  G   V "C5'" 1 
ATOM   645  C "C4'" . G   A 1 31 ? -8.49594  -6.01175  22.23512  1.000 75.96607  ? 37  G   V "C4'" 1 
ATOM   646  O "O4'" . G   A 1 31 ? -9.04558  -7.32452  22.51996  1.000 85.76114  ? 37  G   V "O4'" 1 
ATOM   647  C "C3'" . G   A 1 31 ? -7.38039  -6.29148  21.24029  1.000 77.37593  ? 37  G   V "C3'" 1 
ATOM   648  O "O3'" . G   A 1 31 ? -6.41029  -5.26057  21.18817  1.000 97.00174  ? 37  G   V "O3'" 1 
ATOM   649  C "C2'" . G   A 1 31 ? -6.82614  -7.61944  21.73604  1.000 87.76628  ? 37  G   V "C2'" 1 
ATOM   650  O "O2'" . G   A 1 31 ? -5.99043  -7.42799  22.86810  1.000 95.33697  ? 37  G   V "O2'" 1 
ATOM   651  C "C1'" . G   A 1 31 ? -8.10275  -8.32282  22.19104  1.000 71.08097  ? 37  G   V "C1'" 1 
ATOM   652  N N9    . G   A 1 31 ? -8.66413  -9.15939  21.11711  1.000 76.25697  ? 37  G   V N9    1 
ATOM   653  C C8    . G   A 1 31 ? -9.81887  -8.93879  20.40575  1.000 82.74071  ? 37  G   V C8    1 
ATOM   654  N N7    . G   A 1 31 ? -10.04487 -9.86009  19.50908  1.000 84.67025  ? 37  G   V N7    1 
ATOM   655  C C5    . G   A 1 31 ? -8.97268  -10.73557 19.63596  1.000 73.95287  ? 37  G   V C5    1 
ATOM   656  C C6    . G   A 1 31 ? -8.66713  -11.92782 18.93086  1.000 83.20900  ? 37  G   V C6    1 
ATOM   657  O O6    . G   A 1 31 ? -9.30563  -12.46739 18.01893  1.000 93.45965  ? 37  G   V O6    1 
ATOM   658  N N1    . G   A 1 31 ? -7.48127  -12.50173 19.38176  1.000 70.40838  ? 37  G   V N1    1 
ATOM   659  C C2    . G   A 1 31 ? -6.68875  -11.99439 20.38234  1.000 74.84783  ? 37  G   V C2    1 
ATOM   660  N N2    . G   A 1 31 ? -5.57974  -12.69047 20.67588  1.000 94.18330  ? 37  G   V N2    1 
ATOM   661  N N3    . G   A 1 31 ? -6.96353  -10.88458 21.04731  1.000 71.13178  ? 37  G   V N3    1 
ATOM   662  C C4    . G   A 1 31 ? -8.11053  -10.31402 20.62389  1.000 64.43338  ? 37  G   V C4    1 
ATOM   663  P P     . A   A 1 32 ? -5.60015  -4.97583  19.82901  1.000 90.65971  ? 38  A   V P     1 
ATOM   664  O OP1   . A   A 1 32 ? -4.77042  -3.76446  20.04687  1.000 76.33358  ? 38  A   V OP1   1 
ATOM   665  O OP2   . A   A 1 32 ? -6.55932  -5.01312  18.69497  1.000 81.50472  ? 38  A   V OP2   1 
ATOM   666  O "O5'" . A   A 1 32 ? -4.62277  -6.22660  19.69046  1.000 80.83820  ? 38  A   V "O5'" 1 
ATOM   667  C "C5'" . A   A 1 32 ? -3.59762  -6.45919  20.64369  1.000 75.68214  ? 38  A   V "C5'" 1 
ATOM   668  C "C4'" . A   A 1 32 ? -2.90444  -7.77599  20.39869  1.000 90.39965  ? 38  A   V "C4'" 1 
ATOM   669  O "O4'" . A   A 1 32 ? -3.85772  -8.86362  20.52270  1.000 98.63388  ? 38  A   V "O4'" 1 
ATOM   670  C "C3'" . A   A 1 32 ? -2.30573  -7.97496  19.01463  1.000 96.41770  ? 38  A   V "C3'" 1 
ATOM   671  O "O3'" . A   A 1 32 ? -1.05288  -7.33601  18.84598  1.000 107.35790 ? 38  A   V "O3'" 1 
ATOM   672  C "C2'" . A   A 1 32 ? -2.24065  -9.49106  18.90273  1.000 87.56168  ? 38  A   V "C2'" 1 
ATOM   673  O "O2'" . A   A 1 32 ? -1.14679  -10.00218 19.64970  1.000 88.62630  ? 38  A   V "O2'" 1 
ATOM   674  C "C1'" . A   A 1 32 ? -3.53421  -9.89231  19.60831  1.000 80.59593  ? 38  A   V "C1'" 1 
ATOM   675  N N9    . A   A 1 32 ? -4.64687  -10.03772 18.65327  1.000 72.84356  ? 38  A   V N9    1 
ATOM   676  C C8    . A   A 1 32 ? -5.72779  -9.20866  18.49011  1.000 74.92182  ? 38  A   V C8    1 
ATOM   677  N N7    . A   A 1 32 ? -6.55315  -9.60411  17.55059  1.000 87.18961  ? 38  A   V N7    1 
ATOM   678  C C5    . A   A 1 32 ? -5.97375  -10.76920 17.06330  1.000 81.93035  ? 38  A   V C5    1 
ATOM   679  C C6    . A   A 1 32 ? -6.35793  -11.67091 16.05562  1.000 81.71855  ? 38  A   V C6    1 
ATOM   680  N N6    . A   A 1 32 ? -7.46554  -11.53384 15.32384  1.000 87.47982  ? 38  A   V N6    1 
ATOM   681  N N1    . A   A 1 32 ? -5.55615  -12.73213 15.81943  1.000 76.27375  ? 38  A   V N1    1 
ATOM   682  C C2    . A   A 1 32 ? -4.44406  -12.87166 16.55098  1.000 82.36373  ? 38  A   V C2    1 
ATOM   683  N N3    . A   A 1 32 ? -3.97620  -12.09291 17.52436  1.000 81.74471  ? 38  A   V N3    1 
ATOM   684  C C4    . A   A 1 32 ? -4.79701  -11.04740 17.73346  1.000 78.65508  ? 38  A   V C4    1 
ATOM   685  P P     . G   A 1 33 ? -0.64409  -6.73383  17.41281  1.000 88.88621  ? 39  G   V P     1 
ATOM   686  O OP1   . G   A 1 33 ? 0.61392   -5.96759  17.59380  1.000 98.89060  ? 39  G   V OP1   1 
ATOM   687  O OP2   . G   A 1 33 ? -1.83479  -6.07090  16.82220  1.000 89.38715  ? 39  G   V OP2   1 
ATOM   688  O "O5'" . G   A 1 33 ? -0.32125  -8.01971  16.53047  1.000 81.73965  ? 39  G   V "O5'" 1 
ATOM   689  C "C5'" . G   A 1 33 ? 0.76862   -8.86587  16.85869  1.000 82.99740  ? 39  G   V "C5'" 1 
ATOM   690  C "C4'" . G   A 1 33 ? 0.76482   -10.13057 16.03728  1.000 103.10481 ? 39  G   V "C4'" 1 
ATOM   691  O "O4'" . G   A 1 33 ? -0.45055  -10.88653 16.28421  1.000 103.11442 ? 39  G   V "O4'" 1 
ATOM   692  C "C3'" . G   A 1 33 ? 0.77700   -9.96563  14.52685  1.000 101.46381 ? 39  G   V "C3'" 1 
ATOM   693  O "O3'" . G   A 1 33 ? 2.04971   -9.63205  14.00087  1.000 115.53217 ? 39  G   V "O3'" 1 
ATOM   694  C "C2'" . G   A 1 33 ? 0.25618   -11.31648 14.05977  1.000 114.99048 ? 39  G   V "C2'" 1 
ATOM   695  O "O2'" . G   A 1 33 ? 1.26703   -12.30733 14.17911  1.000 110.82259 ? 39  G   V "O2'" 1 
ATOM   696  C "C1'" . G   A 1 33 ? -0.81343  -11.59587 15.11497  1.000 88.25157  ? 39  G   V "C1'" 1 
ATOM   697  N N9    . G   A 1 33 ? -2.13972  -11.13678 14.66507  1.000 80.69886  ? 39  G   V N9    1 
ATOM   698  C C8    . G   A 1 33 ? -2.83534  -10.02467 15.07113  1.000 83.39174  ? 39  G   V C8    1 
ATOM   699  N N7    . G   A 1 33 ? -3.98663  -9.89680  14.46744  1.000 87.40260  ? 39  G   V N7    1 
ATOM   700  C C5    . G   A 1 33 ? -4.05359  -10.98666 13.60840  1.000 72.19941  ? 39  G   V C5    1 
ATOM   701  C C6    . G   A 1 33 ? -5.06506  -11.38650 12.69411  1.000 83.53820  ? 39  G   V C6    1 
ATOM   702  O O6    . G   A 1 33 ? -6.14680  -10.83637 12.44747  1.000 82.37689  ? 39  G   V O6    1 
ATOM   703  N N1    . G   A 1 33 ? -4.71616  -12.55698 12.02692  1.000 72.92281  ? 39  G   V N1    1 
ATOM   704  C C2    . G   A 1 33 ? -3.54775  -13.25418 12.21125  1.000 91.20647  ? 39  G   V C2    1 
ATOM   705  N N2    . G   A 1 33 ? -3.39309  -14.36164 11.47078  1.000 107.56805 ? 39  G   V N2    1 
ATOM   706  N N3    . G   A 1 33 ? -2.59917  -12.89258 13.05916  1.000 82.05810  ? 39  G   V N3    1 
ATOM   707  C C4    . G   A 1 33 ? -2.91725  -11.75858 13.71824  1.000 79.53703  ? 39  G   V C4    1 
ATOM   708  P P     . G   A 1 34 ? 2.16376   -8.76563  12.64946  1.000 113.16207 ? 40  G   V P     1 
ATOM   709  O OP1   . G   A 1 34 ? 3.60542   -8.47760  12.44315  1.000 104.80490 ? 40  G   V OP1   1 
ATOM   710  O OP2   . G   A 1 34 ? 1.19189   -7.64425  12.70762  1.000 93.76031  ? 40  G   V OP2   1 
ATOM   711  O "O5'" . G   A 1 34 ? 1.68794   -9.76479  11.50160  1.000 104.69283 ? 40  G   V "O5'" 1 
ATOM   712  C "C5'" . G   A 1 34 ? 2.46532   -10.90576 11.17144  1.000 113.47121 ? 40  G   V "C5'" 1 
ATOM   713  C "C4'" . G   A 1 34 ? 1.70105   -11.89017 10.31949  1.000 107.74518 ? 40  G   V "C4'" 1 
ATOM   714  O "O4'" . G   A 1 34 ? 0.42287   -12.20432 10.93203  1.000 109.30528 ? 40  G   V "O4'" 1 
ATOM   715  C "C3'" . G   A 1 34 ? 1.31884   -11.43793 8.92070   1.000 113.40130 ? 40  G   V "C3'" 1 
ATOM   716  O "O3'" . G   A 1 34 ? 2.39399   -11.47186 7.99870   1.000 119.03125 ? 40  G   V "O3'" 1 
ATOM   717  C "C2'" . G   A 1 34 ? 0.18818   -12.39679 8.57667   1.000 108.33413 ? 40  G   V "C2'" 1 
ATOM   718  O "O2'" . G   A 1 34 ? 0.70403   -13.67607 8.24059   1.000 113.64497 ? 40  G   V "O2'" 1 
ATOM   719  C "C1'" . G   A 1 34 ? -0.52342  -12.50777 9.92496   1.000 86.94495  ? 40  G   V "C1'" 1 
ATOM   720  N N9    . G   A 1 34 ? -1.65149  -11.56381 10.01663  1.000 85.11423  ? 40  G   V N9    1 
ATOM   721  C C8    . G   A 1 34 ? -1.76381  -10.44254 10.80159  1.000 96.79387  ? 40  G   V C8    1 
ATOM   722  N N7    . G   A 1 34 ? -2.90079  -9.81882  10.63446  1.000 90.29079  ? 40  G   V N7    1 
ATOM   723  C C5    . G   A 1 34 ? -3.57718  -10.57125 9.68152   1.000 93.51890  ? 40  G   V C5    1 
ATOM   724  C C6    . G   A 1 34 ? -4.86001  -10.39479 9.09507   1.000 96.13483  ? 40  G   V C6    1 
ATOM   725  O O6    . G   A 1 34 ? -5.69251  -9.50263  9.30510   1.000 96.10790  ? 40  G   V O6    1 
ATOM   726  N N1    . G   A 1 34 ? -5.14481  -11.39782 8.17262   1.000 96.03728  ? 40  G   V N1    1 
ATOM   727  C C2    . G   A 1 34 ? -4.30763  -12.43825 7.85171   1.000 101.26913 ? 40  G   V C2    1 
ATOM   728  N N2    . G   A 1 34 ? -4.75789  -13.30830 6.93515   1.000 102.48840 ? 40  G   V N2    1 
ATOM   729  N N3    . G   A 1 34 ? -3.11261  -12.61438 8.39127   1.000 89.33137  ? 40  G   V N3    1 
ATOM   730  C C4    . G   A 1 34 ? -2.81514  -11.65128 9.29058   1.000 90.10019  ? 40  G   V C4    1 
ATOM   731  P P     . A   A 1 35 ? 2.41480   -10.45568 6.75222   1.000 130.36872 ? 41  A   V P     1 
ATOM   732  O OP1   . A   A 1 35 ? 3.77542   -10.49648 6.16039   1.000 108.68486 ? 41  A   V OP1   1 
ATOM   733  O OP2   . A   A 1 35 ? 1.84394   -9.15749  7.19647   1.000 94.84972  ? 41  A   V OP2   1 
ATOM   734  O "O5'" . A   A 1 35 ? 1.39449   -11.09732 5.70991   1.000 102.09414 ? 41  A   V "O5'" 1 
ATOM   735  C "C5'" . A   A 1 35 ? 1.58577   -12.41521 5.21832   1.000 98.93846  ? 41  A   V "C5'" 1 
ATOM   736  C "C4'" . A   A 1 35 ? 0.40526   -12.87495 4.40187   1.000 91.94602  ? 41  A   V "C4'" 1 
ATOM   737  O "O4'" . A   A 1 35 ? -0.78855  -12.89303 5.22806   1.000 107.07747 ? 41  A   V "O4'" 1 
ATOM   738  C "C3'" . A   A 1 35 ? 0.01963   -11.98938 3.22887   1.000 108.77190 ? 41  A   V "C3'" 1 
ATOM   739  O "O3'" . A   A 1 35 ? 0.83737   -12.17950 2.08696   1.000 109.85701 ? 41  A   V "O3'" 1 
ATOM   740  C "C2'" . A   A 1 35 ? -1.44116  -12.35657 3.00925   1.000 109.07697 ? 41  A   V "C2'" 1 
ATOM   741  O "O2'" . A   A 1 35 ? -1.54762  -13.60014 2.33197   1.000 111.00971 ? 41  A   V "O2'" 1 
ATOM   742  C "C1'" . A   A 1 35 ? -1.91736  -12.55113 4.44839   1.000 98.56589  ? 41  A   V "C1'" 1 
ATOM   743  N N9    . A   A 1 35 ? -2.52198  -11.32210 4.99867   1.000 92.81881  ? 41  A   V N9    1 
ATOM   744  C C8    . A   A 1 35 ? -1.93967  -10.38683 5.81826   1.000 95.78841  ? 41  A   V C8    1 
ATOM   745  N N7    . A   A 1 35 ? -2.73641  -9.39513  6.14020   1.000 84.70098  ? 41  A   V N7    1 
ATOM   746  C C5    . A   A 1 35 ? -3.92444  -9.69546  5.48784   1.000 93.88702  ? 41  A   V C5    1 
ATOM   747  C C6    . A   A 1 35 ? -5.16720  -9.03634  5.42707   1.000 99.72211  ? 41  A   V C6    1 
ATOM   748  N N6    . A   A 1 35 ? -5.43187  -7.88778  6.05511   1.000 96.72149  ? 41  A   V N6    1 
ATOM   749  N N1    . A   A 1 35 ? -6.14525  -9.60400  4.68720   1.000 89.63665  ? 41  A   V N1    1 
ATOM   750  C C2    . A   A 1 35 ? -5.88267  -10.75546 4.05529   1.000 102.02130 ? 41  A   V C2    1 
ATOM   751  N N3    . A   A 1 35 ? -4.75759  -11.46913 4.03645   1.000 96.92032  ? 41  A   V N3    1 
ATOM   752  C C4    . A   A 1 35 ? -3.80559  -10.87847 4.78005   1.000 91.89962  ? 41  A   V C4    1 
ATOM   753  P P     . A   A 1 36 ? 1.06309   -10.96832 1.05430   1.000 131.82512 ? 42  A   V P     1 
ATOM   754  O OP1   . A   A 1 36 ? 2.16891   -11.33511 0.13344   1.000 111.11538 ? 42  A   V OP1   1 
ATOM   755  O OP2   . A   A 1 36 ? 1.14903   -9.71083  1.83970   1.000 118.02123 ? 42  A   V OP2   1 
ATOM   756  O "O5'" . A   A 1 36 ? -0.28607  -10.93220 0.20938   1.000 100.93766 ? 42  A   V "O5'" 1 
ATOM   757  C "C5'" . A   A 1 36 ? -0.70337  -12.06670 -0.53338  1.000 90.89648  ? 42  A   V "C5'" 1 
ATOM   758  C "C4'" . A   A 1 36 ? -2.15044  -11.95983 -0.93811  1.000 91.80414  ? 42  A   V "C4'" 1 
ATOM   759  O "O4'" . A   A 1 36 ? -2.98873  -11.86945 0.24307   1.000 101.04309 ? 42  A   V "O4'" 1 
ATOM   760  C "C3'" . A   A 1 36 ? -2.53011  -10.72979 -1.74446  1.000 116.75103 ? 42  A   V "C3'" 1 
ATOM   761  O "O3'" . A   A 1 36 ? -2.18550  -10.83070 -3.11453  1.000 122.66412 ? 42  A   V "O3'" 1 
ATOM   762  C "C2'" . A   A 1 36 ? -4.02740  -10.62561 -1.49242  1.000 112.56146 ? 42  A   V "C2'" 1 
ATOM   763  O "O2'" . A   A 1 36 ? -4.73307  -11.57706 -2.27537  1.000 110.90208 ? 42  A   V "O2'" 1 
ATOM   764  C "C1'" . A   A 1 36 ? -4.11134  -11.05359 -0.02734  1.000 109.70795 ? 42  A   V "C1'" 1 
ATOM   765  N N9    . A   A 1 36 ? -4.09470  -9.89587  0.88884   1.000 103.13177 ? 42  A   V N9    1 
ATOM   766  C C8    . A   A 1 36 ? -3.03762  -9.39957  1.61251   1.000 102.75971 ? 42  A   V C8    1 
ATOM   767  N N7    . A   A 1 36 ? -3.34385  -8.35004  2.33924   1.000 87.88050  ? 42  A   V N7    1 
ATOM   768  C C5    . A   A 1 36 ? -4.69137  -8.14162  2.07790   1.000 85.03767  ? 42  A   V C5    1 
ATOM   769  C C6    . A   A 1 36 ? -5.61350  -7.18317  2.54034   1.000 96.74797  ? 42  A   V C6    1 
ATOM   770  N N6    . A   A 1 36 ? -5.30458  -6.21047  3.40116   1.000 94.48563  ? 42  A   V N6    1 
ATOM   771  N N1    . A   A 1 36 ? -6.88384  -7.25455  2.08301   1.000 85.64660  ? 42  A   V N1    1 
ATOM   772  C C2    . A   A 1 36 ? -7.19701  -8.22701  1.21808   1.000 91.75700  ? 42  A   V C2    1 
ATOM   773  N N3    . A   A 1 36 ? -6.42130  -9.18395  0.71130   1.000 88.55249  ? 42  A   V N3    1 
ATOM   774  C C4    . A   A 1 36 ? -5.16574  -9.08462  1.18490   1.000 85.96020  ? 42  A   V C4    1 
ATOM   775  P P     . C   A 1 37 ? -1.66208  -9.53476  -3.90761  1.000 132.80002 ? 43  C   V P     1 
ATOM   776  O OP1   . C   A 1 37 ? -1.16879  -9.97885  -5.23608  1.000 132.14612 ? 43  C   V OP1   1 
ATOM   777  O OP2   . C   A 1 37 ? -0.75174  -8.78094  -3.00807  1.000 115.17492 ? 43  C   V OP2   1 
ATOM   778  O "O5'" . C   A 1 37 ? -2.97712  -8.66217  -4.12787  1.000 96.95363  ? 43  C   V "O5'" 1 
ATOM   779  C "C5'" . C   A 1 37 ? -4.07104  -9.17488  -4.87241  1.000 92.70200  ? 43  C   V "C5'" 1 
ATOM   780  C "C4'" . C   A 1 37 ? -5.34046  -8.41315  -4.59003  1.000 104.04263 ? 43  C   V "C4'" 1 
ATOM   781  O "O4'" . C   A 1 37 ? -5.66176  -8.49386  -3.17579  1.000 111.26966 ? 43  C   V "O4'" 1 
ATOM   782  C "C3'" . C   A 1 37 ? -5.30048  -6.91987  -4.86609  1.000 108.84778 ? 43  C   V "C3'" 1 
ATOM   783  O "O3'" . C   A 1 37 ? -5.44832  -6.59606  -6.23704  1.000 126.08600 ? 43  C   V "O3'" 1 
ATOM   784  C "C2'" . C   A 1 37 ? -6.42452  -6.39737  -3.98362  1.000 110.26199 ? 43  C   V "C2'" 1 
ATOM   785  O "O2'" . C   A 1 37 ? -7.69011  -6.65774  -4.57324  1.000 102.40159 ? 43  C   V "O2'" 1 
ATOM   786  C "C1'" . C   A 1 37 ? -6.27363  -7.29145  -2.75327  1.000 104.15438 ? 43  C   V "C1'" 1 
ATOM   787  N N1    . C   A 1 37 ? -5.42543  -6.66059  -1.71429  1.000 104.15966 ? 43  C   V N1    1 
ATOM   788  C C2    . C   A 1 37 ? -5.98581  -5.67462  -0.89196  1.000 95.21641  ? 43  C   V C2    1 
ATOM   789  O O2    . C   A 1 37 ? -7.17601  -5.35723  -1.04854  1.000 86.11946  ? 43  C   V O2    1 
ATOM   790  N N3    . C   A 1 37 ? -5.21765  -5.08947  0.05633   1.000 91.26161  ? 43  C   V N3    1 
ATOM   791  C C4    . C   A 1 37 ? -3.94202  -5.45293  0.20027   1.000 103.66410 ? 43  C   V C4    1 
ATOM   792  N N4    . C   A 1 37 ? -3.22182  -4.84837  1.14871   1.000 105.38982 ? 43  C   V N4    1 
ATOM   793  C C5    . C   A 1 37 ? -3.34517  -6.45102  -0.62325  1.000 100.92079 ? 43  C   V C5    1 
ATOM   794  C C6    . C   A 1 37 ? -4.11462  -7.02238  -1.55769  1.000 97.58987  ? 43  C   V C6    1 
ATOM   795  P P     . U   A 1 38 ? -4.54372  -5.43837  -6.89033  1.000 137.68800 ? 44  U   V P     1 
ATOM   796  O OP1   . U   A 1 38 ? -4.67172  -5.53448  -8.36610  1.000 137.49449 ? 44  U   V OP1   1 
ATOM   797  O OP2   . U   A 1 38 ? -3.19550  -5.49734  -6.26617  1.000 114.27544 ? 44  U   V OP2   1 
ATOM   798  O "O5'" . U   A 1 38 ? -5.25400  -4.09023  -6.42676  1.000 106.55024 ? 44  U   V "O5'" 1 
ATOM   799  C "C5'" . U   A 1 38 ? -6.63075  -3.86986  -6.69206  1.000 103.53927 ? 44  U   V "C5'" 1 
ATOM   800  C "C4'" . U   A 1 38 ? -7.23006  -2.88466  -5.72183  1.000 114.09054 ? 44  U   V "C4'" 1 
ATOM   801  O "O4'" . U   A 1 38 ? -7.13222  -3.40338  -4.36832  1.000 128.12111 ? 44  U   V "O4'" 1 
ATOM   802  C "C3'" . U   A 1 38 ? -6.54705  -1.53011  -5.63879  1.000 115.79313 ? 44  U   V "C3'" 1 
ATOM   803  O "O3'" . U   A 1 38 ? -6.90542  -0.65024  -6.68864  1.000 134.55211 ? 44  U   V "O3'" 1 
ATOM   804  C "C2'" . U   A 1 38 ? -6.96369  -1.04254  -4.26019  1.000 108.68540 ? 44  U   V "C2'" 1 
ATOM   805  O "O2'" . U   A 1 38 ? -8.30829  -0.58600  -4.27684  1.000 107.57934 ? 44  U   V "O2'" 1 
ATOM   806  C "C1'" . U   A 1 38 ? -6.90884  -2.34195  -3.46215  1.000 111.99914 ? 44  U   V "C1'" 1 
ATOM   807  N N1    . U   A 1 38 ? -5.58681  -2.53010  -2.82166  1.000 101.68786 ? 44  U   V N1    1 
ATOM   808  C C2    . U   A 1 38 ? -5.31902  -1.80023  -1.67845  1.000 93.67777  ? 44  U   V C2    1 
ATOM   809  O O2    . U   A 1 38 ? -6.11728  -1.02345  -1.18003  1.000 81.92666  ? 44  U   V O2    1 
ATOM   810  N N3    . U   A 1 38 ? -4.07674  -2.01111  -1.13406  1.000 78.34328  ? 44  U   V N3    1 
ATOM   811  C C4    . U   A 1 38 ? -3.09497  -2.85800  -1.60452  1.000 89.41940  ? 44  U   V C4    1 
ATOM   812  O O4    . U   A 1 38 ? -2.02403  -2.94127  -1.00189  1.000 89.17979  ? 44  U   V O4    1 
ATOM   813  C C5    . U   A 1 38 ? -3.44682  -3.57581  -2.79063  1.000 104.29896 ? 44  U   V C5    1 
ATOM   814  C C6    . U   A 1 38 ? -4.64942  -3.38929  -3.34418  1.000 94.94893  ? 44  U   V C6    1 
ATOM   815  P P     . A   A 1 39 ? -5.82583  0.39507   -7.25903  1.000 140.37866 ? 45  A   V P     1 
ATOM   816  O OP1   . A   A 1 39 ? -6.46013  1.11937   -8.38939  1.000 130.74326 ? 45  A   V OP1   1 
ATOM   817  O OP2   . A   A 1 39 ? -4.54558  -0.32881  -7.47136  1.000 108.59638 ? 45  A   V OP2   1 
ATOM   818  O "O5'" . A   A 1 39 ? -5.61137  1.42441   -6.06075  1.000 117.40085 ? 45  A   V "O5'" 1 
ATOM   819  C "C5'" . A   A 1 39 ? -6.69660  2.19477   -5.56812  1.000 106.92360 ? 45  A   V "C5'" 1 
ATOM   820  C "C4'" . A   A 1 39 ? -6.38076  2.83665   -4.23918  1.000 112.70816 ? 45  A   V "C4'" 1 
ATOM   821  O "O4'" . A   A 1 39 ? -6.06605  1.83246   -3.23826  1.000 115.65031 ? 45  A   V "O4'" 1 
ATOM   822  C "C3'" . A   A 1 39 ? -5.17839  3.75810   -4.19908  1.000 107.28845 ? 45  A   V "C3'" 1 
ATOM   823  O "O3'" . A   A 1 39 ? -5.42530  5.01953   -4.78991  1.000 122.75910 ? 45  A   V "O3'" 1 
ATOM   824  C "C2'" . A   A 1 39 ? -4.87769  3.82035   -2.70730  1.000 102.72488 ? 45  A   V "C2'" 1 
ATOM   825  O "O2'" . A   A 1 39 ? -5.79918  4.67375   -2.04467  1.000 96.67935  ? 45  A   V "O2'" 1 
ATOM   826  C "C1'" . A   A 1 39 ? -5.17323  2.37989   -2.28565  1.000 93.36355  ? 45  A   V "C1'" 1 
ATOM   827  N N9    . A   A 1 39 ? -3.94268  1.56759   -2.23360  1.000 86.89745  ? 45  A   V N9    1 
ATOM   828  C C8    . A   A 1 39 ? -3.51948  0.56625   -3.07391  1.000 101.82626 ? 45  A   V C8    1 
ATOM   829  N N7    . A   A 1 39 ? -2.35891  0.05453   -2.73599  1.000 85.74507  ? 45  A   V N7    1 
ATOM   830  C C5    . A   A 1 39 ? -1.99069  0.76817   -1.60094  1.000 89.78754  ? 45  A   V C5    1 
ATOM   831  C C6    . A   A 1 39 ? -0.86477  0.71152   -0.75691  1.000 80.97957  ? 45  A   V C6    1 
ATOM   832  N N6    . A   A 1 39 ? 0.15122   -0.13486  -0.93065  1.000 82.36765  ? 45  A   V N6    1 
ATOM   833  N N1    . A   A 1 39 ? -0.81308  1.56606   0.28819   1.000 85.33274  ? 45  A   V N1    1 
ATOM   834  C C2    . A   A 1 39 ? -1.82791  2.42007   0.46961   1.000 83.22438  ? 45  A   V C2    1 
ATOM   835  N N3    . A   A 1 39 ? -2.93754  2.56766   -0.25222  1.000 74.54217  ? 45  A   V N3    1 
ATOM   836  C C4    . A   A 1 39 ? -2.95748  1.70390   -1.28410  1.000 92.13659  ? 45  A   V C4    1 
ATOM   837  P P     . C   A 1 40 ? -4.28920  5.72042   -5.68318  1.000 115.35918 ? 46  C   V P     1 
ATOM   838  O OP1   . C   A 1 40 ? -4.96448  6.57631   -6.69085  1.000 105.85989 ? 46  C   V OP1   1 
ATOM   839  O OP2   . C   A 1 40 ? -3.33202  4.67535   -6.12972  1.000 98.12975  ? 46  C   V OP2   1 
ATOM   840  O "O5'" . C   A 1 40 ? -3.53922  6.67058   -4.65113  1.000 102.68565 ? 46  C   V "O5'" 1 
ATOM   841  C "C5'" . C   A 1 40 ? -4.28250  7.52754   -3.79955  1.000 98.83046  ? 46  C   V "C5'" 1 
ATOM   842  C "C4'" . C   A 1 40 ? -3.60102  7.71592   -2.46903  1.000 98.87490  ? 46  C   V "C4'" 1 
ATOM   843  O "O4'" . C   A 1 40 ? -3.37510  6.42879   -1.83734  1.000 90.79616  ? 46  C   V "O4'" 1 
ATOM   844  C "C3'" . C   A 1 40 ? -2.21968  8.34374   -2.50688  1.000 96.59973  ? 46  C   V "C3'" 1 
ATOM   845  O "O3'" . C   A 1 40 ? -2.25359  9.75011   -2.66697  1.000 93.94437  ? 46  C   V "O3'" 1 
ATOM   846  C "C2'" . C   A 1 40 ? -1.62324  7.89221   -1.18172  1.000 92.46704  ? 46  C   V "C2'" 1 
ATOM   847  O "O2'" . C   A 1 40 ? -2.14632  8.66936   -0.11500  1.000 89.24441  ? 46  C   V "O2'" 1 
ATOM   848  C "C1'" . C   A 1 40 ? -2.19259  6.47726   -1.06478  1.000 70.85569  ? 46  C   V "C1'" 1 
ATOM   849  N N1    . C   A 1 40 ? -1.24702  5.44856   -1.55805  1.000 68.96077  ? 46  C   V N1    1 
ATOM   850  C C2    . C   A 1 40 ? -0.16805  5.09006   -0.74047  1.000 82.98340  ? 46  C   V C2    1 
ATOM   851  O O2    . C   A 1 40 ? -0.03373  5.64258   0.36308   1.000 88.57730  ? 46  C   V O2    1 
ATOM   852  N N3    . C   A 1 40 ? 0.70766   4.14932   -1.16510  1.000 80.44704  ? 46  C   V N3    1 
ATOM   853  C C4    . C   A 1 40 ? 0.54074   3.57153   -2.35470  1.000 90.27857  ? 46  C   V C4    1 
ATOM   854  N N4    . C   A 1 40 ? 1.43176   2.64942   -2.73269  1.000 71.91989  ? 46  C   V N4    1 
ATOM   855  C C5    . C   A 1 40 ? -0.54984  3.91467   -3.20739  1.000 86.39769  ? 46  C   V C5    1 
ATOM   856  C C6    . C   A 1 40 ? -1.41104  4.84726   -2.77585  1.000 83.29494  ? 46  C   V C6    1 
ATOM   857  P P     . G   A 1 41 ? -1.08804  10.48834  -3.48725  1.000 100.61958 ? 47  G   V P     1 
ATOM   858  O OP1   . G   A 1 41 ? -1.44986  11.92476  -3.59005  1.000 95.01259  ? 47  G   V OP1   1 
ATOM   859  O OP2   . G   A 1 41 ? -0.82595  9.70401   -4.72039  1.000 78.32424  ? 47  G   V OP2   1 
ATOM   860  O "O5'" . G   A 1 41 ? 0.18506   10.36447  -2.53674  1.000 95.12905  ? 47  G   V "O5'" 1 
ATOM   861  C "C5'" . G   A 1 41 ? 0.20990   11.01891  -1.27730  1.000 81.72950  ? 47  G   V "C5'" 1 
ATOM   862  C "C4'" . G   A 1 41 ? 1.50306   10.77759  -0.53710  1.000 87.57177  ? 47  G   V "C4'" 1 
ATOM   863  O "O4'" . G   A 1 41 ? 1.58401   9.39909   -0.09303  1.000 83.93084  ? 47  G   V "O4'" 1 
ATOM   864  C "C3'" . G   A 1 41 ? 2.78978   10.97504  -1.31984  1.000 78.60918  ? 47  G   V "C3'" 1 
ATOM   865  O "O3'" . G   A 1 41 ? 3.14210   12.33737  -1.48871  1.000 87.50653  ? 47  G   V "O3'" 1 
ATOM   866  C "C2'" . G   A 1 41 ? 3.79379   10.18190  -0.49229  1.000 79.42222  ? 47  G   V "C2'" 1 
ATOM   867  O "O2'" . G   A 1 41 ? 4.18904   10.92096  0.65328   1.000 91.78629  ? 47  G   V "O2'" 1 
ATOM   868  C "C1'" . G   A 1 41 ? 2.93928   8.99916   -0.03266  1.000 68.23477  ? 47  G   V "C1'" 1 
ATOM   869  N N9    . G   A 1 41 ? 3.13746   7.80811   -0.88010  1.000 69.44148  ? 47  G   V N9    1 
ATOM   870  C C8    . G   A 1 41 ? 2.29629   7.30091   -1.84014  1.000 76.25960  ? 47  G   V C8    1 
ATOM   871  N N7    . G   A 1 41 ? 2.76821   6.22321   -2.41193  1.000 75.98212  ? 47  G   V N7    1 
ATOM   872  C C5    . G   A 1 41 ? 3.99314   6.00754   -1.79400  1.000 62.01093  ? 47  G   V C5    1 
ATOM   873  C C6    . G   A 1 41 ? 4.96457   4.99109   -1.99068  1.000 69.29441  ? 47  G   V C6    1 
ATOM   874  O O6    . G   A 1 41 ? 4.94120   4.04040   -2.78283  1.000 83.11332  ? 47  G   V O6    1 
ATOM   875  N N1    . G   A 1 41 ? 6.05657   5.15782   -1.14497  1.000 68.49491  ? 47  G   V N1    1 
ATOM   876  C C2    . G   A 1 41 ? 6.19918   6.16846   -0.22719  1.000 75.45694  ? 47  G   V C2    1 
ATOM   877  N N2    . G   A 1 41 ? 7.32733   6.15996   0.49729   1.000 76.69682  ? 47  G   V N2    1 
ATOM   878  N N3    . G   A 1 41 ? 5.30232   7.12062   -0.03404  1.000 61.55050  ? 47  G   V N3    1 
ATOM   879  C C4    . G   A 1 41 ? 4.23406   6.97903   -0.84633  1.000 63.10918  ? 47  G   V C4    1 
ATOM   880  P P     . G   A 1 42 ? 4.05928   12.78204  -2.73180  1.000 94.80791  ? 48  G   V P     1 
ATOM   881  O OP1   . G   A 1 42 ? 4.72500   14.06429  -2.38805  1.000 102.61788 ? 48  G   V OP1   1 
ATOM   882  O OP2   . G   A 1 42 ? 3.23727   12.68552  -3.96438  1.000 84.37952  ? 48  G   V OP2   1 
ATOM   883  O "O5'" . G   A 1 42 ? 5.17701   11.65030  -2.80084  1.000 76.54612  ? 48  G   V "O5'" 1 
ATOM   884  C "C5'" . G   A 1 42 ? 6.51659   11.95816  -3.15134  1.000 85.38674  ? 48  G   V "C5'" 1 
ATOM   885  C "C4'" . G   A 1 42 ? 7.49744   11.22115  -2.27394  1.000 78.79397  ? 48  G   V "C4'" 1 
ATOM   886  O "O4'" . G   A 1 42 ? 6.92154   9.96176   -1.84024  1.000 80.98214  ? 48  G   V "O4'" 1 
ATOM   887  C "C3'" . G   A 1 42 ? 8.80718   10.82380  -2.93510  1.000 75.10109  ? 48  G   V "C3'" 1 
ATOM   888  O "O3'" . G   A 1 42 ? 9.74592   11.88319  -2.98088  1.000 71.74236  ? 48  G   V "O3'" 1 
ATOM   889  C "C2'" . G   A 1 42 ? 9.26155   9.63697   -2.09668  1.000 69.42180  ? 48  G   V "C2'" 1 
ATOM   890  O "O2'" . G   A 1 42 ? 9.86153   10.07453  -0.88624  1.000 77.10045  ? 48  G   V "O2'" 1 
ATOM   891  C "C1'" . G   A 1 42 ? 7.92538   8.97236   -1.76236  1.000 65.68463  ? 48  G   V "C1'" 1 
ATOM   892  N N9    . G   A 1 42 ? 7.58315   7.88566   -2.70068  1.000 71.11542  ? 48  G   V N9    1 
ATOM   893  C C8    . G   A 1 42 ? 6.43941   7.79223   -3.45716  1.000 70.91157  ? 48  G   V C8    1 
ATOM   894  N N7    . G   A 1 42 ? 6.39599   6.71574   -4.19530  1.000 60.61360  ? 48  G   V N7    1 
ATOM   895  C C5    . G   A 1 42 ? 7.57960   6.05255   -3.90340  1.000 69.70559  ? 48  G   V C5    1 
ATOM   896  C C6    . G   A 1 42 ? 8.08843   4.82402   -4.39998  1.000 72.76255  ? 48  G   V C6    1 
ATOM   897  O O6    . G   A 1 42 ? 7.57843   4.05308   -5.22280  1.000 77.48407  ? 48  G   V O6    1 
ATOM   898  N N1    . G   A 1 42 ? 9.32526   4.52092   -3.84135  1.000 65.49792  ? 48  G   V N1    1 
ATOM   899  C C2    . G   A 1 42 ? 9.98668   5.29718   -2.92251  1.000 77.99228  ? 48  G   V C2    1 
ATOM   900  N N2    . G   A 1 42 ? 11.17185  4.83641   -2.49990  1.000 70.84056  ? 48  G   V N2    1 
ATOM   901  N N3    . G   A 1 42 ? 9.52333   6.44188   -2.45011  1.000 67.59752  ? 48  G   V N3    1 
ATOM   902  C C4    . G   A 1 42 ? 8.32272   6.75855   -2.97954  1.000 61.20968  ? 48  G   V C4    1 
ATOM   903  P P     . G   A 1 43 ? 10.68238  12.06315  -4.27124  1.000 82.95779  ? 49  G   V P     1 
ATOM   904  O OP1   . G   A 1 43 ? 11.39672  13.35806  -4.15000  1.000 95.70060  ? 49  G   V OP1   1 
ATOM   905  O OP2   . G   A 1 43 ? 9.85364   11.78934  -5.47279  1.000 70.56242  ? 49  G   V OP2   1 
ATOM   906  O "O5'" . G   A 1 43 ? 11.76399  10.90426  -4.11948  1.000 71.92575  ? 49  G   V "O5'" 1 
ATOM   907  C "C5'" . G   A 1 43 ? 12.73621  10.96132  -3.08758  1.000 80.96332  ? 49  G   V "C5'" 1 
ATOM   908  C "C4'" . G   A 1 43 ? 13.73611  9.83887   -3.19887  1.000 82.16441  ? 49  G   V "C4'" 1 
ATOM   909  O "O4'" . G   A 1 43 ? 13.09081  8.57091   -2.91541  1.000 84.81773  ? 49  G   V "O4'" 1 
ATOM   910  C "C3'" . G   A 1 43 ? 14.36565  9.62892   -4.56617  1.000 79.82576  ? 49  G   V "C3'" 1 
ATOM   911  O "O3'" . G   A 1 43 ? 15.41755  10.53738  -4.83958  1.000 97.30223  ? 49  G   V "O3'" 1 
ATOM   912  C "C2'" . G   A 1 43 ? 14.81719  8.17784   -4.49487  1.000 81.81881  ? 49  G   V "C2'" 1 
ATOM   913  O "O2'" . G   A 1 43 ? 16.00342  8.06546   -3.72261  1.000 83.82436  ? 49  G   V "O2'" 1 
ATOM   914  C "C1'" . G   A 1 43 ? 13.67244  7.55115   -3.70078  1.000 71.28728  ? 49  G   V "C1'" 1 
ATOM   915  N N9    . G   A 1 43 ? 12.63148  6.98692   -4.57954  1.000 67.31285  ? 49  G   V N9    1 
ATOM   916  C C8    . G   A 1 43 ? 11.40398  7.53343   -4.86365  1.000 79.90386  ? 49  G   V C8    1 
ATOM   917  N N7    . G   A 1 43 ? 10.69137  6.80041   -5.67544  1.000 77.02060  ? 49  G   V N7    1 
ATOM   918  C C5    . G   A 1 43 ? 11.49704  5.70190   -5.94228  1.000 75.86285  ? 49  G   V C5    1 
ATOM   919  C C6    . G   A 1 43 ? 11.26340  4.56388   -6.75789  1.000 79.92090  ? 49  G   V C6    1 
ATOM   920  O O6    . G   A 1 43 ? 10.26473  4.28849   -7.43485  1.000 94.37506  ? 49  G   V O6    1 
ATOM   921  N N1    . G   A 1 43 ? 12.34988  3.69638   -6.74452  1.000 70.23667  ? 49  G   V N1    1 
ATOM   922  C C2    . G   A 1 43 ? 13.51161  3.89284   -6.03880  1.000 87.67710  ? 49  G   V C2    1 
ATOM   923  N N2    . G   A 1 43 ? 14.44690  2.93825   -6.15180  1.000 88.42656  ? 49  G   V N2    1 
ATOM   924  N N3    . G   A 1 43 ? 13.74027  4.94602   -5.27346  1.000 80.42025  ? 49  G   V N3    1 
ATOM   925  C C4    . G   A 1 43 ? 12.69821  5.80274   -5.27237  1.000 73.63055  ? 49  G   V C4    1 
ATOM   926  P P     . A   A 1 44 ? 15.67996  11.04552  -6.34269  1.000 87.92322  ? 50  A   V P     1 
ATOM   927  O OP1   . A   A 1 44 ? 16.73699  12.08664  -6.28383  1.000 84.76358  ? 50  A   V OP1   1 
ATOM   928  O OP2   . A   A 1 44 ? 14.37162  11.36751  -6.96803  1.000 76.73531  ? 50  A   V OP2   1 
ATOM   929  O "O5'" . A   A 1 44 ? 16.27879  9.76760   -7.08403  1.000 79.30301  ? 50  A   V "O5'" 1 
ATOM   930  C "C5'" . A   A 1 44 ? 17.53236  9.22355   -6.69770  1.000 82.89777  ? 50  A   V "C5'" 1 
ATOM   931  C "C4'" . A   A 1 44 ? 17.78873  7.89037   -7.35578  1.000 97.62460  ? 50  A   V "C4'" 1 
ATOM   932  O "O4'" . A   A 1 44 ? 16.78511  6.93135   -6.93210  1.000 92.74377  ? 50  A   V "O4'" 1 
ATOM   933  C "C3'" . A   A 1 44 ? 17.70316  7.86052   -8.87435  1.000 103.33135 ? 50  A   V "C3'" 1 
ATOM   934  O "O3'" . A   A 1 44 ? 18.87325  8.34030   -9.51317  1.000 98.24797  ? 50  A   V "O3'" 1 
ATOM   935  C "C2'" . A   A 1 44 ? 17.41374  6.39352   -9.15710  1.000 105.62648 ? 50  A   V "C2'" 1 
ATOM   936  O "O2'" . A   A 1 44 ? 18.59695  5.61717   -9.04130  1.000 105.27200 ? 50  A   V "O2'" 1 
ATOM   937  C "C1'" . A   A 1 44 ? 16.49037  6.04380   -7.99141  1.000 86.64534  ? 50  A   V "C1'" 1 
ATOM   938  N N9    . A   A 1 44 ? 15.07331  6.20745   -8.35979  1.000 92.33221  ? 50  A   V N9    1 
ATOM   939  C C8    . A   A 1 44 ? 14.25672  7.28391   -8.12058  1.000 89.61741  ? 50  A   V C8    1 
ATOM   940  N N7    . A   A 1 44 ? 13.03833  7.13165   -8.58212  1.000 91.70886  ? 50  A   V N7    1 
ATOM   941  C C5    . A   A 1 44 ? 13.05888  5.87234   -9.16641  1.000 84.71431  ? 50  A   V C5    1 
ATOM   942  C C6    . A   A 1 44 ? 12.07687  5.11992   -9.83477  1.000 86.56476  ? 50  A   V C6    1 
ATOM   943  N N6    . A   A 1 44 ? 10.82613  5.54382   -10.03441 1.000 108.90396 ? 50  A   V N6    1 
ATOM   944  N N1    . A   A 1 44 ? 12.42668  3.89901   -10.29455 1.000 83.55383  ? 50  A   V N1    1 
ATOM   945  C C2    . A   A 1 44 ? 13.67954  3.47250   -10.09416 1.000 81.29234  ? 50  A   V C2    1 
ATOM   946  N N3    . A   A 1 44 ? 14.69067  4.08569   -9.48392  1.000 73.79523  ? 50  A   V N3    1 
ATOM   947  C C4    . A   A 1 44 ? 14.30767  5.29406   -9.03860  1.000 80.23243  ? 50  A   V C4    1 
ATOM   948  P P     . G   A 1 45 ? 18.76495  9.09665   -10.92751 1.000 107.21377 ? 51  G   V P     1 
ATOM   949  O OP1   . G   A 1 45 ? 20.11999  9.59145   -11.27953 1.000 119.12968 ? 51  G   V OP1   1 
ATOM   950  O OP2   . G   A 1 45 ? 17.62857  10.04968  -10.85737 1.000 98.04580  ? 51  G   V OP2   1 
ATOM   951  O "O5'" . G   A 1 45 ? 18.37167  7.94491   -11.95717 1.000 112.35377 ? 51  G   V "O5'" 1 
ATOM   952  C "C5'" . G   A 1 45 ? 19.29943  6.92508   -12.29835 1.000 114.28975 ? 51  G   V "C5'" 1 
ATOM   953  C "C4'" . G   A 1 45 ? 18.63645  5.79547   -13.04666 1.000 103.79804 ? 51  G   V "C4'" 1 
ATOM   954  O "O4'" . G   A 1 45 ? 17.56828  5.22978   -12.24044 1.000 108.52925 ? 51  G   V "O4'" 1 
ATOM   955  C "C3'" . G   A 1 45 ? 17.94894  6.16288   -14.35295 1.000 111.06300 ? 51  G   V "C3'" 1 
ATOM   956  O "O3'" . G   A 1 45 ? 18.84272  6.29968   -15.44393 1.000 101.27631 ? 51  G   V "O3'" 1 
ATOM   957  C "C2'" . G   A 1 45 ? 16.94812  5.02992   -14.52096 1.000 114.85855 ? 51  G   V "C2'" 1 
ATOM   958  O "O2'" . G   A 1 45 ? 17.60086  3.85028   -14.96688 1.000 124.43267 ? 51  G   V "O2'" 1 
ATOM   959  C "C1'" . G   A 1 45 ? 16.50467  4.81598   -13.07500 1.000 104.14048 ? 51  G   V "C1'" 1 
ATOM   960  N N9    . G   A 1 45 ? 15.31344  5.62416   -12.75547 1.000 99.95951  ? 51  G   V N9    1 
ATOM   961  C C8    . G   A 1 45 ? 15.26707  6.77334   -12.00407 1.000 107.68762 ? 51  G   V C8    1 
ATOM   962  N N7    . G   A 1 45 ? 14.06300  7.27253   -11.90503 1.000 102.15567 ? 51  G   V N7    1 
ATOM   963  C C5    . G   A 1 45 ? 13.26972  6.40312   -12.64036 1.000 99.64677  ? 51  G   V C5    1 
ATOM   964  C C6    . G   A 1 45 ? 11.87499  6.42781   -12.89655 1.000 104.05481 ? 51  G   V C6    1 
ATOM   965  O O6    . G   A 1 45 ? 11.03631  7.25190   -12.51054 1.000 119.07785 ? 51  G   V O6    1 
ATOM   966  N N1    . G   A 1 45 ? 11.47963  5.35500   -13.68904 1.000 89.83042  ? 51  G   V N1    1 
ATOM   967  C C2    . G   A 1 45 ? 12.31749  4.38227   -14.17390 1.000 94.95611  ? 51  G   V C2    1 
ATOM   968  N N2    . G   A 1 45 ? 11.74108  3.43046   -14.92207 1.000 90.23319  ? 51  G   V N2    1 
ATOM   969  N N3    . G   A 1 45 ? 13.62128  4.34817   -13.94404 1.000 82.09061  ? 51  G   V N3    1 
ATOM   970  C C4    . G   A 1 45 ? 14.02601  5.38135   -13.17427 1.000 87.15122  ? 51  G   V C4    1 
ATOM   971  P P     . A   A 1 46 ? 18.41002  7.15824   -16.73232 1.000 116.28452 ? 52  A   V P     1 
ATOM   972  O OP1   . A   A 1 46 ? 19.62223  7.38977   -17.55805 1.000 92.92749  ? 52  A   V OP1   1 
ATOM   973  O OP2   . A   A 1 46 ? 17.60854  8.31798   -16.26556 1.000 104.36869 ? 52  A   V OP2   1 
ATOM   974  O "O5'" . A   A 1 46 ? 17.43122  6.18900   -17.53402 1.000 106.01932 ? 52  A   V "O5'" 1 
ATOM   975  C "C5'" . A   A 1 46 ? 17.90194  4.96685   -18.08285 1.000 104.07721 ? 52  A   V "C5'" 1 
ATOM   976  C "C4'" . A   A 1 46 ? 16.80108  4.21565   -18.78875 1.000 105.91111 ? 52  A   V "C4'" 1 
ATOM   977  O "O4'" . A   A 1 46 ? 15.78876  3.80909   -17.83065 1.000 113.40680 ? 52  A   V "O4'" 1 
ATOM   978  C "C3'" . A   A 1 46 ? 16.02093  4.99756   -19.83424 1.000 115.11050 ? 52  A   V "C3'" 1 
ATOM   979  O "O3'" . A   A 1 46 ? 16.68794  5.09134   -21.08044 1.000 125.44576 ? 52  A   V "O3'" 1 
ATOM   980  C "C2'" . A   A 1 46 ? 14.70578  4.23564   -19.89855 1.000 114.55964 ? 52  A   V "C2'" 1 
ATOM   981  O "O2'" . A   A 1 46 ? 14.85594  3.03913   -20.64848 1.000 124.60474 ? 52  A   V "O2'" 1 
ATOM   982  C "C1'" . A   A 1 46 ? 14.50996  3.86407   -18.42971 1.000 112.57544 ? 52  A   V "C1'" 1 
ATOM   983  N N9    . A   A 1 46 ? 13.70567  4.87478   -17.71928 1.000 108.38207 ? 52  A   V N9    1 
ATOM   984  C C8    . A   A 1 46 ? 14.15560  5.89621   -16.92021 1.000 110.99686 ? 52  A   V C8    1 
ATOM   985  N N7    . A   A 1 46 ? 13.19608  6.64304   -16.42763 1.000 109.44160 ? 52  A   V N7    1 
ATOM   986  C C5    . A   A 1 46 ? 12.03745  6.07572   -16.93982 1.000 110.59861 ? 52  A   V C5    1 
ATOM   987  C C6    . A   A 1 46 ? 10.67814  6.40113   -16.78963 1.000 110.02890 ? 52  A   V C6    1 
ATOM   988  N N6    . A   A 1 46 ? 10.23680  7.42368   -16.05256 1.000 109.45219 ? 52  A   V N6    1 
ATOM   989  N N1    . A   A 1 46 ? 9.77360   5.63175   -17.43521 1.000 106.93864 ? 52  A   V N1    1 
ATOM   990  C C2    . A   A 1 46 ? 10.21483  4.60793   -18.17747 1.000 102.77946 ? 52  A   V C2    1 
ATOM   991  N N3    . A   A 1 46 ? 11.46383  4.20123   -18.39333 1.000 101.66003 ? 52  A   V N3    1 
ATOM   992  C C4    . A   A 1 46 ? 12.33665  4.98628   -17.73861 1.000 108.46137 ? 52  A   V C4    1 
ATOM   993  P P     . C   A 1 47 ? 16.44343  6.36739   -22.02704 1.000 142.85811 ? 53  C   V P     1 
ATOM   994  O OP1   . C   A 1 47 ? 17.44421  6.32058   -23.12326 1.000 129.57082 ? 53  C   V OP1   1 
ATOM   995  O OP2   . C   A 1 47 ? 16.35845  7.57179   -21.16226 1.000 127.37285 ? 53  C   V OP2   1 
ATOM   996  O "O5'" . C   A 1 47 ? 14.99919  6.11414   -22.65293 1.000 122.77196 ? 53  C   V "O5'" 1 
ATOM   997  C "C5'" . C   A 1 47 ? 14.75797  4.99518   -23.49300 1.000 123.87030 ? 53  C   V "C5'" 1 
ATOM   998  C "C4'" . C   A 1 47 ? 13.28549  4.79392   -23.75489 1.000 134.55530 ? 53  C   V "C4'" 1 
ATOM   999  O "O4'" . C   A 1 47 ? 12.58943  4.51117   -22.50984 1.000 141.15930 ? 53  C   V "O4'" 1 
ATOM   1000 C "C3'" . C   A 1 47 ? 12.52774  5.98343   -24.32197 1.000 145.13991 ? 53  C   V "C3'" 1 
ATOM   1001 O "O3'" . C   A 1 47 ? 12.73296  6.19492   -25.70699 1.000 149.58780 ? 53  C   V "O3'" 1 
ATOM   1002 C "C2'" . C   A 1 47 ? 11.09009  5.64935   -23.95434 1.000 142.12224 ? 53  C   V "C2'" 1 
ATOM   1003 O "O2'" . C   A 1 47 ? 10.57541  4.63864   -24.80890 1.000 141.18731 ? 53  C   V "O2'" 1 
ATOM   1004 C "C1'" . C   A 1 47 ? 11.28085  5.05037   -22.56191 1.000 134.81073 ? 53  C   V "C1'" 1 
ATOM   1005 N N1    . C   A 1 47 ? 11.14325  6.08759   -21.51369 1.000 129.85281 ? 53  C   V N1    1 
ATOM   1006 C C2    . C   A 1 47 ? 9.85737   6.49405   -21.14189 1.000 125.50342 ? 53  C   V C2    1 
ATOM   1007 O O2    . C   A 1 47 ? 8.87465   5.96579   -21.68490 1.000 117.14736 ? 53  C   V O2    1 
ATOM   1008 N N3    . C   A 1 47 ? 9.71350   7.45006   -20.19523 1.000 121.96076 ? 53  C   V N3    1 
ATOM   1009 C C4    . C   A 1 47 ? 10.79068  7.99793   -19.63036 1.000 113.77808 ? 53  C   V C4    1 
ATOM   1010 N N4    . C   A 1 47 ? 10.59936  8.93499   -18.69994 1.000 109.85201 ? 53  C   V N4    1 
ATOM   1011 C C5    . C   A 1 47 ? 12.11214  7.60904   -19.99256 1.000 113.85074 ? 53  C   V C5    1 
ATOM   1012 C C6    . C   A 1 47 ? 12.23904  6.66214   -20.93047 1.000 122.65470 ? 53  C   V C6    1 
ATOM   1013 P P     . G   A 1 48 ? 12.68012  7.69055   -26.29594 1.000 155.45276 ? 54  G   V P     1 
ATOM   1014 O OP1   . G   A 1 48 ? 13.02754  7.62830   -27.73808 1.000 153.26189 ? 54  G   V OP1   1 
ATOM   1015 O OP2   . G   A 1 48 ? 13.45983  8.56960   -25.38731 1.000 129.91067 ? 54  G   V OP2   1 
ATOM   1016 O "O5'" . G   A 1 48 ? 11.14418  8.10132   -26.17620 1.000 135.48174 ? 54  G   V "O5'" 1 
ATOM   1017 C "C5'" . G   A 1 48 ? 10.15479  7.41352   -26.92588 1.000 134.46413 ? 54  G   V "C5'" 1 
ATOM   1018 C "C4'" . G   A 1 48 ? 8.75527   7.84870   -26.56493 1.000 138.34855 ? 54  G   V "C4'" 1 
ATOM   1019 O "O4'" . G   A 1 48 ? 8.46516   7.54306   -25.17528 1.000 132.46367 ? 54  G   V "O4'" 1 
ATOM   1020 C "C3'" . G   A 1 48 ? 8.44776   9.33186   -26.67064 1.000 144.56184 ? 54  G   V "C3'" 1 
ATOM   1021 O "O3'" . G   A 1 48 ? 8.25902   9.78021   -28.00066 1.000 156.00608 ? 54  G   V "O3'" 1 
ATOM   1022 C "C2'" . G   A 1 48 ? 7.20635   9.45930   -25.79935 1.000 137.62877 ? 54  G   V "C2'" 1 
ATOM   1023 O "O2'" . G   A 1 48 ? 6.06294   8.96757   -26.48304 1.000 135.62689 ? 54  G   V "O2'" 1 
ATOM   1024 C "C1'" . G   A 1 48 ? 7.54233   8.48866   -24.66620 1.000 133.38852 ? 54  G   V "C1'" 1 
ATOM   1025 N N9    . G   A 1 48 ? 8.14284   9.19301   -23.51730 1.000 128.60246 ? 54  G   V N9    1 
ATOM   1026 C C8    . G   A 1 48 ? 9.45819   9.21731   -23.11944 1.000 126.56596 ? 54  G   V C8    1 
ATOM   1027 N N7    . G   A 1 48 ? 9.65539   9.95474   -22.05873 1.000 120.79487 ? 54  G   V N7    1 
ATOM   1028 C C5    . G   A 1 48 ? 8.39747   10.45111  -21.74025 1.000 111.85292 ? 54  G   V C5    1 
ATOM   1029 C C6    . G   A 1 48 ? 7.97883   11.30995  -20.68932 1.000 112.10471 ? 54  G   V C6    1 
ATOM   1030 O O6    . G   A 1 48 ? 8.66118   11.82438  -19.79539 1.000 112.48759 ? 54  G   V O6    1 
ATOM   1031 N N1    . G   A 1 48 ? 6.61051   11.55849  -20.74294 1.000 108.58718 ? 54  G   V N1    1 
ATOM   1032 C C2    . G   A 1 48 ? 5.75151   11.04798  -21.68420 1.000 113.62825 ? 54  G   V C2    1 
ATOM   1033 N N2    . G   A 1 48 ? 4.46299   11.40325  -21.56895 1.000 115.85916 ? 54  G   V N2    1 
ATOM   1034 N N3    . G   A 1 48 ? 6.12908   10.24675  -22.66673 1.000 115.49532 ? 54  G   V N3    1 
ATOM   1035 C C4    . G   A 1 48 ? 7.45500   9.99215   -22.63407 1.000 119.30945 ? 54  G   V C4    1 
ATOM   1036 P P     . C   A 1 49 ? 8.68270   11.27698  -28.40847 1.000 162.86606 ? 55  C   V P     1 
ATOM   1037 O OP1   . C   A 1 49 ? 8.48563   11.41965  -29.87305 1.000 164.49391 ? 55  C   V OP1   1 
ATOM   1038 O OP2   . C   A 1 49 ? 10.01546  11.56016  -27.81642 1.000 133.69384 ? 55  C   V OP2   1 
ATOM   1039 O "O5'" . C   A 1 49 ? 7.61337   12.19987  -27.66853 1.000 142.57308 ? 55  C   V "O5'" 1 
ATOM   1040 C "C5'" . C   A 1 49 ? 6.23718   12.13684  -28.01273 1.000 125.13777 ? 55  C   V "C5'" 1 
ATOM   1041 C "C4'" . C   A 1 49 ? 5.37355   12.88098  -27.02371 1.000 134.62181 ? 55  C   V "C4'" 1 
ATOM   1042 O "O4'" . C   A 1 49 ? 5.56022   12.34070  -25.68838 1.000 125.81579 ? 55  C   V "O4'" 1 
ATOM   1043 C "C3'" . C   A 1 49 ? 5.66060   14.36372  -26.85316 1.000 146.45041 ? 55  C   V "C3'" 1 
ATOM   1044 O "O3'" . C   A 1 49 ? 5.12966   15.16684  -27.89170 1.000 159.52055 ? 55  C   V "O3'" 1 
ATOM   1045 C "C2'" . C   A 1 49 ? 5.05762   14.65389  -25.48610 1.000 139.84713 ? 55  C   V "C2'" 1 
ATOM   1046 O "O2'" . C   A 1 49 ? 3.64336   14.75357  -25.57127 1.000 128.62248 ? 55  C   V "O2'" 1 
ATOM   1047 C "C1'" . C   A 1 49 ? 5.40629   13.37086  -24.73069 1.000 132.38036 ? 55  C   V "C1'" 1 
ATOM   1048 N N1    . C   A 1 49 ? 6.66685   13.51538  -23.96778 1.000 124.09378 ? 55  C   V N1    1 
ATOM   1049 C C2    . C   A 1 49 ? 6.62745   14.18400  -22.73900 1.000 124.54846 ? 55  C   V C2    1 
ATOM   1050 O O2    . C   A 1 49 ? 5.54368   14.62353  -22.32216 1.000 120.39153 ? 55  C   V O2    1 
ATOM   1051 N N3    . C   A 1 49 ? 7.76953   14.33311  -22.03025 1.000 124.57868 ? 55  C   V N3    1 
ATOM   1052 C C4    . C   A 1 49 ? 8.91747   13.84896  -22.50544 1.000 127.17627 ? 55  C   V C4    1 
ATOM   1053 N N4    . C   A 1 49 ? 10.01887  14.01831  -21.77061 1.000 125.62664 ? 55  C   V N4    1 
ATOM   1054 C C5    . C   A 1 49 ? 8.98772   13.16707  -23.75530 1.000 126.15052 ? 55  C   V C5    1 
ATOM   1055 C C6    . C   A 1 49 ? 7.84969   13.02551  -24.44766 1.000 124.33652 ? 55  C   V C6    1 
ATOM   1056 P P     . C   A 1 50 ? 5.85831   16.54295  -28.29075 1.000 157.25927 ? 56  C   V P     1 
ATOM   1057 O OP1   . C   A 1 50 ? 5.22235   17.05386  -29.53131 1.000 167.32004 ? 56  C   V OP1   1 
ATOM   1058 O OP2   . C   A 1 50 ? 7.32528   16.30962  -28.25999 1.000 136.64475 ? 56  C   V OP2   1 
ATOM   1059 O "O5'" . C   A 1 50 ? 5.49042   17.53703  -27.09979 1.000 153.64432 ? 56  C   V "O5'" 1 
ATOM   1060 C "C5'" . C   A 1 50 ? 4.13862   17.87865  -26.83010 1.000 149.26166 ? 56  C   V "C5'" 1 
ATOM   1061 C "C4'" . C   A 1 50 ? 3.99573   18.62586  -25.52677 1.000 156.32504 ? 56  C   V "C4'" 1 
ATOM   1062 O "O4'" . C   A 1 50 ? 4.46440   17.80573  -24.42569 1.000 145.02328 ? 56  C   V "O4'" 1 
ATOM   1063 C "C3'" . C   A 1 50 ? 4.79950   19.90898  -25.39348 1.000 156.56239 ? 56  C   V "C3'" 1 
ATOM   1064 O "O3'" . C   A 1 50 ? 4.19641   21.00934  -26.05163 1.000 155.81924 ? 56  C   V "O3'" 1 
ATOM   1065 C "C2'" . C   A 1 50 ? 4.89893   20.08156  -23.88245 1.000 155.01280 ? 56  C   V "C2'" 1 
ATOM   1066 O "O2'" . C   A 1 50 ? 3.69703   20.62619  -23.35767 1.000 171.27790 ? 56  C   V "O2'" 1 
ATOM   1067 C "C1'" . C   A 1 50 ? 5.01443   18.62789  -23.41596 1.000 139.55872 ? 56  C   V "C1'" 1 
ATOM   1068 N N1    . C   A 1 50 ? 6.41962   18.22768  -23.17524 1.000 132.38408 ? 56  C   V N1    1 
ATOM   1069 C C2    . C   A 1 50 ? 7.00228   18.56260  -21.94909 1.000 128.33199 ? 56  C   V C2    1 
ATOM   1070 O O2    . C   A 1 50 ? 6.32704   19.17905  -21.11101 1.000 132.75118 ? 56  C   V O2    1 
ATOM   1071 N N3    . C   A 1 50 ? 8.28516   18.20892  -21.70509 1.000 119.69438 ? 56  C   V N3    1 
ATOM   1072 C C4    . C   A 1 50 ? 8.98043   17.54756  -22.63081 1.000 122.91153 ? 56  C   V C4    1 
ATOM   1073 N N4    . C   A 1 50 ? 10.24227  17.21959  -22.34646 1.000 129.33612 ? 56  C   V N4    1 
ATOM   1074 C C5    . C   A 1 50 ? 8.41230   17.19266  -23.88909 1.000 131.66590 ? 56  C   V C5    1 
ATOM   1075 C C6    . C   A 1 50 ? 7.14100   17.54865  -24.11740 1.000 132.84494 ? 56  C   V C6    1 
HETATM 1076 N N3    . THG B 2 .  ? -4.50366  1.51830   2.82509   1.000 85.42366  ? 101 THG V N3    1 
HETATM 1077 C C2    . THG B 2 .  ? -4.77971  0.70575   1.77512   1.000 87.81850  ? 101 THG V C2    1 
HETATM 1078 N N1    . THG B 2 .  ? -4.05034  -0.33779  1.35025   1.000 79.58681  ? 101 THG V N1    1 
HETATM 1079 C C8A   . THG B 2 .  ? -2.94014  -0.56505  2.06286   1.000 92.42687  ? 101 THG V C8A   1 
HETATM 1080 C C4A   . THG B 2 .  ? -2.54071  0.19364   3.16074   1.000 90.31987  ? 101 THG V C4A   1 
HETATM 1081 C C4    . THG B 2 .  ? -3.38733  1.26555   3.51787   1.000 98.92361  ? 101 THG V C4    1 
HETATM 1082 N N8    . THG B 2 .  ? -2.14679  -1.59426  1.70459   1.000 94.16696  ? 101 THG V N8    1 
HETATM 1083 C C7    . THG B 2 .  ? -0.79350  -1.71812  2.20849   1.000 78.72480  ? 101 THG V C7    1 
HETATM 1084 C C6    . THG B 2 .  ? -0.63476  -1.26511  3.66927   1.000 77.62144  ? 101 THG V C6    1 
HETATM 1085 N N5    . THG B 2 .  ? -1.40083  -0.05145  3.87797   1.000 82.79468  ? 101 THG V N5    1 
HETATM 1086 C C9    . THG B 2 .  ? -1.12513  -2.34565  4.63529   1.000 88.43549  ? 101 THG V C9    1 
HETATM 1087 O O4    . THG B 2 .  ? -3.15539  2.01914   4.46699   1.000 94.57891  ? 101 THG V O4    1 
HETATM 1088 N N2    . THG B 2 .  ? -5.91444  1.00114   1.10767   1.000 81.90274  ? 101 THG V N2    1 
# 
